data_1V3L
#
_entry.id   1V3L
#
_cell.length_a   64.970
_cell.length_b   73.710
_cell.length_c   80.080
_cell.angle_alpha   85.47
_cell.angle_beta   105.53
_cell.angle_gamma   101.43
#
_symmetry.space_group_name_H-M   'P 1'
#
loop_
_entity.id
_entity.type
_entity.pdbx_description
1 polymer 'Cyclomaltodextrin glucanotransferase'
2 branched 4,6-dideoxy-alpha-D-xylo-hexopyranose-(1-4)-beta-D-galactopyranose
3 branched 4,6-dideoxy-alpha-D-xylo-hexopyranose-(1-4)-alpha-D-glucopyranose
4 non-polymer alpha-D-glucopyranose
5 non-polymer 6-AMINO-4-HYDROXYMETHYL-CYCLOHEX-4-ENE-1,2,3-TRIOL
6 non-polymer 'CALCIUM ION'
7 water water
#
_entity_poly.entity_id   1
_entity_poly.type   'polypeptide(L)'
_entity_poly.pdbx_seq_one_letter_code
;APDTSVSNKQNFSTDVIYQIFTDRFSDGNPANNPTGAAFDGSCTNLRLYCGGDWQGIINKINDGYLTGMGITAIWISQPV
ENIYSVINYSGVNNTAYHGYWARDFKKTNPAYGTMQDFKNLIDTAHAHNIKVIIDFAPNHTSPASSDDPSFAENGRLYDN
GNLLGGYTNDTQNLFHHYGGTDFSTIENGIYKNLYDLADLNHNNSSVDVYLKDAIKMWLDLGVDGIRVDAVKHMPFGWQK
SFMATINNYKPVFTFGEWFLGVNEISPEYHQFANESGMSLLDLRFAQKARQVFRDNTDNMYGLKAMLEGSEVDYAQVNDQ
VTFIDNHDMERFHTSNGDRRKLEQALAFTLTSRGVPAIYYGSEQYMSGGNDPDNRARLPSFSTTTTAYQVIQKLAPLRKS
NPAIAYGSTHERWINNDVIIYERKFGNNVAVVAINRNMNTPASITGLVTSLPRGSYNDVLGGILNGNTLTVGAGGAASNF
TLAPGGTAVWQYTTDATTPIIGNVGPMMAKPGVTITIDGRGFGSGKGTVYFGTTAVTGADIVAWEDTQIQVKIPAVPGGI
YDIRVANAAGAASNIYDNFEVLTGDQVTVRFVINNATTALGQNVFLTGNVSELGNWDPNNAIGPMYNQVVYQYPTWYYDV
SVPAGQTIEFKFLKKQGSTVTWEGGANRTFTTPTSGTATVNVNWQP
;
_entity_poly.pdbx_strand_id   A,B
#
# COMPACT_ATOMS: atom_id res chain seq x y z
N ALA A 1 -8.91 -27.99 2.48
CA ALA A 1 -7.52 -28.31 2.70
C ALA A 1 -6.89 -26.97 2.99
N PRO A 2 -5.79 -26.88 3.74
CA PRO A 2 -5.14 -25.61 3.92
C PRO A 2 -4.36 -25.17 2.70
N ASP A 3 -3.97 -23.90 2.71
CA ASP A 3 -3.19 -23.28 1.67
C ASP A 3 -1.83 -23.91 1.41
N THR A 4 -1.22 -24.54 2.43
CA THR A 4 0.09 -25.13 2.35
C THR A 4 0.03 -26.61 1.93
N SER A 5 -1.17 -27.18 1.82
CA SER A 5 -1.32 -28.56 1.45
C SER A 5 -0.69 -28.80 0.08
N VAL A 6 -0.16 -30.01 -0.13
CA VAL A 6 0.37 -30.48 -1.40
C VAL A 6 -0.73 -30.42 -2.47
N SER A 7 -2.01 -30.61 -2.07
CA SER A 7 -3.18 -30.48 -2.95
C SER A 7 -3.37 -29.11 -3.58
N ASN A 8 -2.72 -28.04 -3.16
CA ASN A 8 -2.92 -26.75 -3.78
C ASN A 8 -2.00 -26.62 -5.00
N LYS A 9 -2.53 -26.98 -6.16
CA LYS A 9 -1.81 -26.88 -7.41
C LYS A 9 -1.84 -25.47 -7.92
N GLN A 10 -2.73 -24.59 -7.45
CA GLN A 10 -2.81 -23.26 -8.02
C GLN A 10 -1.80 -22.24 -7.54
N ASN A 11 -1.37 -22.23 -6.28
CA ASN A 11 -0.46 -21.17 -5.82
C ASN A 11 0.73 -21.84 -5.18
N PHE A 12 1.89 -21.27 -5.45
CA PHE A 12 3.15 -21.87 -5.04
C PHE A 12 4.01 -20.98 -4.16
N SER A 13 3.57 -19.83 -3.63
CA SER A 13 4.46 -19.00 -2.86
C SER A 13 4.76 -19.61 -1.48
N THR A 14 4.02 -20.62 -0.97
CA THR A 14 4.42 -21.28 0.26
C THR A 14 5.42 -22.41 -0.08
N ASP A 15 5.89 -22.56 -1.32
CA ASP A 15 6.79 -23.63 -1.67
C ASP A 15 8.19 -23.14 -1.99
N VAL A 16 9.12 -24.13 -1.96
CA VAL A 16 10.47 -23.90 -2.47
C VAL A 16 10.65 -25.01 -3.51
N ILE A 17 11.02 -24.53 -4.69
CA ILE A 17 11.14 -25.34 -5.88
C ILE A 17 12.60 -25.69 -5.96
N TYR A 18 12.91 -26.94 -6.22
CA TYR A 18 14.24 -27.39 -6.55
C TYR A 18 14.22 -27.73 -8.07
N GLN A 19 14.97 -27.05 -8.95
CA GLN A 19 15.01 -27.23 -10.40
C GLN A 19 16.02 -28.29 -10.72
N ILE A 20 15.55 -29.39 -11.31
CA ILE A 20 16.33 -30.58 -11.55
C ILE A 20 16.48 -30.77 -13.06
N PHE A 21 17.68 -30.86 -13.61
CA PHE A 21 17.90 -31.38 -14.97
C PHE A 21 17.89 -32.86 -14.70
N THR A 22 16.80 -33.58 -14.97
CA THR A 22 16.65 -34.99 -14.64
C THR A 22 17.86 -35.87 -14.89
N ASP A 23 18.53 -35.62 -16.00
CA ASP A 23 19.66 -36.46 -16.39
C ASP A 23 20.95 -36.32 -15.59
N ARG A 24 21.04 -35.24 -14.86
CA ARG A 24 22.24 -34.85 -14.16
C ARG A 24 22.09 -34.96 -12.65
N PHE A 25 21.00 -35.58 -12.20
CA PHE A 25 20.72 -35.72 -10.81
C PHE A 25 20.94 -37.16 -10.38
N SER A 26 20.15 -38.22 -10.62
CA SER A 26 20.51 -39.52 -10.12
C SER A 26 19.96 -40.63 -10.98
N ASP A 27 20.89 -41.51 -11.33
CA ASP A 27 20.59 -42.67 -12.12
C ASP A 27 20.09 -43.76 -11.20
N GLY A 28 18.80 -43.81 -10.91
CA GLY A 28 18.27 -44.86 -10.05
C GLY A 28 17.91 -46.13 -10.82
N ASN A 29 17.90 -46.14 -12.15
CA ASN A 29 17.64 -47.35 -12.93
C ASN A 29 18.58 -47.26 -14.15
N PRO A 30 19.70 -48.01 -14.11
CA PRO A 30 20.67 -48.03 -15.19
C PRO A 30 20.18 -48.78 -16.41
N ALA A 31 19.23 -49.71 -16.25
CA ALA A 31 18.64 -50.42 -17.37
C ALA A 31 18.02 -49.47 -18.40
N ASN A 32 17.53 -48.30 -17.99
CA ASN A 32 16.95 -47.37 -18.96
C ASN A 32 17.94 -46.41 -19.59
N ASN A 33 19.25 -46.58 -19.38
CA ASN A 33 20.20 -45.62 -19.91
C ASN A 33 20.34 -45.74 -21.43
N PRO A 34 20.39 -44.64 -22.19
CA PRO A 34 20.77 -44.65 -23.60
C PRO A 34 22.09 -45.40 -23.77
N THR A 35 22.37 -46.05 -24.89
CA THR A 35 23.66 -46.71 -25.08
C THR A 35 24.43 -46.03 -26.22
N GLY A 36 25.65 -46.47 -26.47
CA GLY A 36 26.39 -46.01 -27.63
C GLY A 36 26.87 -44.59 -27.54
N ALA A 37 26.83 -43.92 -28.68
CA ALA A 37 27.35 -42.57 -28.80
C ALA A 37 26.62 -41.50 -28.01
N ALA A 38 25.39 -41.86 -27.59
CA ALA A 38 24.47 -41.03 -26.84
C ALA A 38 24.76 -41.00 -25.35
N PHE A 39 25.56 -41.93 -24.82
CA PHE A 39 25.74 -42.02 -23.40
C PHE A 39 27.17 -41.80 -22.98
N ASP A 40 27.30 -41.18 -21.80
CA ASP A 40 28.59 -40.94 -21.18
C ASP A 40 28.34 -41.14 -19.71
N GLY A 41 28.53 -42.34 -19.22
CA GLY A 41 28.37 -42.62 -17.81
C GLY A 41 29.31 -41.79 -16.95
N SER A 42 30.46 -41.30 -17.43
CA SER A 42 31.34 -40.51 -16.57
C SER A 42 30.88 -39.05 -16.51
N CYS A 43 29.90 -38.73 -17.38
CA CYS A 43 29.37 -37.39 -17.55
C CYS A 43 30.45 -36.31 -17.67
N THR A 44 31.53 -36.62 -18.42
CA THR A 44 32.51 -35.59 -18.74
C THR A 44 32.17 -34.87 -20.03
N ASN A 45 31.39 -35.46 -20.95
CA ASN A 45 30.98 -34.76 -22.14
C ASN A 45 29.57 -34.36 -21.74
N LEU A 46 29.44 -33.07 -21.43
CA LEU A 46 28.18 -32.59 -20.89
C LEU A 46 27.08 -32.41 -21.94
N ARG A 47 27.27 -32.83 -23.19
CA ARG A 47 26.24 -32.74 -24.22
C ARG A 47 25.57 -34.07 -24.43
N LEU A 48 25.96 -35.14 -23.72
CA LEU A 48 25.49 -36.50 -23.89
C LEU A 48 24.65 -36.90 -22.70
N TYR A 49 23.96 -38.03 -22.72
CA TYR A 49 23.22 -38.46 -21.56
C TYR A 49 24.15 -39.00 -20.48
N CYS A 50 24.00 -38.59 -19.24
CA CYS A 50 24.73 -39.19 -18.15
C CYS A 50 23.91 -40.27 -17.46
N GLY A 51 22.59 -40.34 -17.59
CA GLY A 51 21.86 -41.49 -17.07
C GLY A 51 20.82 -41.27 -16.03
N GLY A 52 20.74 -40.04 -15.54
CA GLY A 52 19.80 -39.71 -14.47
C GLY A 52 18.33 -39.84 -14.89
N ASP A 53 17.42 -40.22 -13.96
CA ASP A 53 16.05 -40.54 -14.28
C ASP A 53 15.05 -40.32 -13.17
N TRP A 54 13.79 -40.69 -13.35
CA TRP A 54 12.77 -40.45 -12.34
C TRP A 54 12.92 -41.45 -11.20
N GLN A 55 13.48 -42.66 -11.35
CA GLN A 55 13.70 -43.49 -10.17
C GLN A 55 14.77 -42.85 -9.27
N GLY A 56 15.67 -42.03 -9.81
CA GLY A 56 16.72 -41.39 -9.06
C GLY A 56 16.11 -40.33 -8.17
N ILE A 57 15.13 -39.59 -8.69
CA ILE A 57 14.42 -38.57 -7.89
C ILE A 57 13.59 -39.30 -6.86
N ILE A 58 12.80 -40.34 -7.16
CA ILE A 58 12.05 -41.10 -6.16
C ILE A 58 12.93 -41.56 -4.98
N ASN A 59 14.09 -42.11 -5.27
CA ASN A 59 15.03 -42.56 -4.26
C ASN A 59 15.52 -41.40 -3.43
N LYS A 60 15.80 -40.23 -4.03
CA LYS A 60 16.23 -39.09 -3.24
C LYS A 60 15.12 -38.40 -2.43
N ILE A 61 13.86 -38.71 -2.73
CA ILE A 61 12.71 -38.26 -1.91
C ILE A 61 12.59 -39.29 -0.79
N ASN A 62 12.61 -40.57 -1.11
CA ASN A 62 12.44 -41.63 -0.13
C ASN A 62 13.44 -41.71 0.98
N ASP A 63 14.72 -41.52 0.64
CA ASP A 63 15.78 -41.59 1.61
C ASP A 63 16.00 -40.26 2.29
N GLY A 64 15.13 -39.28 2.08
CA GLY A 64 15.23 -38.01 2.77
C GLY A 64 16.19 -36.97 2.21
N TYR A 65 16.95 -37.09 1.11
CA TYR A 65 17.80 -36.01 0.64
C TYR A 65 17.02 -34.73 0.33
N LEU A 66 15.90 -34.83 -0.37
CA LEU A 66 15.13 -33.65 -0.74
C LEU A 66 14.19 -33.25 0.37
N THR A 67 13.51 -34.16 1.07
CA THR A 67 12.61 -33.77 2.14
C THR A 67 13.39 -33.21 3.36
N GLY A 68 14.61 -33.73 3.62
CA GLY A 68 15.50 -33.28 4.69
C GLY A 68 15.83 -31.83 4.45
N MET A 69 15.91 -31.43 3.19
CA MET A 69 16.18 -30.07 2.81
C MET A 69 14.95 -29.16 2.93
N GLY A 70 13.71 -29.64 3.07
CA GLY A 70 12.54 -28.77 3.13
C GLY A 70 12.02 -28.32 1.76
N ILE A 71 12.44 -29.00 0.69
CA ILE A 71 12.00 -28.79 -0.67
C ILE A 71 10.56 -29.24 -0.71
N THR A 72 9.62 -28.45 -1.23
CA THR A 72 8.25 -28.89 -1.34
C THR A 72 7.81 -28.93 -2.79
N ALA A 73 8.66 -28.68 -3.78
CA ALA A 73 8.25 -28.72 -5.17
C ALA A 73 9.51 -29.00 -5.93
N ILE A 74 9.50 -29.88 -6.91
CA ILE A 74 10.67 -30.07 -7.79
C ILE A 74 10.27 -29.60 -9.18
N TRP A 75 11.15 -29.04 -10.01
CA TRP A 75 10.82 -28.59 -11.35
C TRP A 75 11.71 -29.51 -12.20
N ILE A 76 11.13 -30.46 -12.95
CA ILE A 76 11.95 -31.38 -13.74
C ILE A 76 12.02 -31.07 -15.24
N SER A 77 12.99 -31.63 -15.97
CA SER A 77 13.12 -31.50 -17.42
C SER A 77 11.83 -31.94 -18.12
N GLN A 78 11.56 -31.47 -19.33
CA GLN A 78 10.34 -31.80 -20.05
C GLN A 78 10.20 -33.32 -20.16
N PRO A 79 9.10 -33.91 -19.72
CA PRO A 79 8.92 -35.36 -19.61
C PRO A 79 8.64 -36.14 -20.88
N VAL A 80 8.40 -35.43 -22.00
CA VAL A 80 7.91 -36.05 -23.20
C VAL A 80 9.03 -36.67 -24.00
N GLU A 81 8.64 -37.62 -24.84
CA GLU A 81 9.61 -38.29 -25.69
C GLU A 81 10.42 -37.35 -26.56
N ASN A 82 11.75 -37.49 -26.62
CA ASN A 82 12.55 -36.63 -27.43
C ASN A 82 13.14 -37.40 -28.58
N ILE A 83 13.75 -36.73 -29.55
CA ILE A 83 14.43 -37.43 -30.62
C ILE A 83 15.58 -38.26 -30.02
N TYR A 84 15.99 -39.31 -30.70
CA TYR A 84 17.05 -40.22 -30.26
C TYR A 84 18.38 -39.96 -30.94
N SER A 85 18.47 -39.02 -31.88
CA SER A 85 19.65 -38.70 -32.64
C SER A 85 20.83 -38.17 -31.84
N VAL A 86 22.04 -38.50 -32.22
CA VAL A 86 23.19 -37.82 -31.65
C VAL A 86 23.59 -36.85 -32.76
N ILE A 87 23.49 -35.56 -32.57
CA ILE A 87 23.76 -34.59 -33.62
C ILE A 87 25.18 -34.09 -33.45
N ASN A 88 25.95 -34.04 -34.51
CA ASN A 88 27.30 -33.52 -34.41
C ASN A 88 27.32 -32.08 -34.89
N TYR A 89 27.53 -31.11 -34.01
CA TYR A 89 27.64 -29.73 -34.45
C TYR A 89 29.09 -29.40 -34.30
N SER A 90 29.76 -29.24 -35.46
CA SER A 90 31.18 -28.86 -35.54
C SER A 90 32.16 -29.67 -34.69
N GLY A 91 32.01 -30.98 -34.84
CA GLY A 91 32.86 -31.92 -34.16
C GLY A 91 32.22 -32.36 -32.85
N VAL A 92 31.40 -31.54 -32.21
CA VAL A 92 30.89 -31.95 -30.94
C VAL A 92 29.56 -32.62 -31.11
N ASN A 93 29.42 -33.80 -30.53
CA ASN A 93 28.18 -34.54 -30.53
C ASN A 93 27.26 -34.02 -29.47
N ASN A 94 25.95 -34.10 -29.72
CA ASN A 94 24.89 -33.52 -28.88
C ASN A 94 23.68 -34.41 -28.77
N THR A 95 22.98 -34.61 -27.64
CA THR A 95 21.81 -35.45 -27.56
C THR A 95 20.70 -34.63 -26.90
N ALA A 96 19.50 -35.20 -26.75
CA ALA A 96 18.36 -34.56 -26.11
C ALA A 96 18.33 -34.73 -24.59
N TYR A 97 19.49 -34.79 -23.90
CA TYR A 97 19.54 -35.00 -22.44
C TYR A 97 18.65 -34.05 -21.66
N HIS A 98 18.59 -32.82 -22.18
CA HIS A 98 17.82 -31.67 -21.72
C HIS A 98 16.30 -31.71 -21.93
N GLY A 99 15.81 -32.57 -22.83
CA GLY A 99 14.38 -32.76 -23.01
C GLY A 99 13.70 -31.74 -23.87
N TYR A 100 14.41 -30.82 -24.48
CA TYR A 100 13.86 -29.75 -25.30
C TYR A 100 13.64 -30.08 -26.79
N TRP A 101 14.02 -31.25 -27.26
CA TRP A 101 13.94 -31.59 -28.66
C TRP A 101 12.81 -32.60 -28.73
N ALA A 102 11.58 -32.17 -28.57
CA ALA A 102 10.47 -33.09 -28.45
C ALA A 102 10.11 -33.77 -29.75
N ARG A 103 9.57 -34.97 -29.67
CA ARG A 103 9.01 -35.59 -30.84
C ARG A 103 7.62 -36.13 -30.54
N ASP A 104 7.21 -36.42 -29.30
CA ASP A 104 5.84 -36.84 -29.09
C ASP A 104 5.43 -36.37 -27.72
N PHE A 105 4.57 -35.34 -27.62
CA PHE A 105 4.17 -34.80 -26.34
C PHE A 105 3.20 -35.64 -25.53
N LYS A 106 2.85 -36.84 -25.99
CA LYS A 106 1.94 -37.72 -25.30
C LYS A 106 2.69 -38.91 -24.73
N LYS A 107 3.97 -39.10 -24.94
CA LYS A 107 4.66 -40.29 -24.39
C LYS A 107 5.77 -39.77 -23.49
N THR A 108 6.37 -40.59 -22.61
CA THR A 108 7.51 -40.15 -21.82
C THR A 108 8.82 -40.37 -22.57
N ASN A 109 9.89 -39.73 -22.11
CA ASN A 109 11.23 -39.95 -22.65
C ASN A 109 11.67 -41.19 -21.87
N PRO A 110 11.91 -42.35 -22.48
CA PRO A 110 12.25 -43.58 -21.80
C PRO A 110 13.58 -43.46 -21.03
N ALA A 111 14.47 -42.53 -21.34
CA ALA A 111 15.68 -42.38 -20.57
C ALA A 111 15.31 -41.94 -19.18
N TYR A 112 14.22 -41.19 -19.04
CA TYR A 112 13.80 -40.79 -17.72
C TYR A 112 12.88 -41.85 -17.11
N GLY A 113 12.16 -42.62 -17.92
CA GLY A 113 11.31 -43.67 -17.40
C GLY A 113 9.99 -43.84 -18.17
N THR A 114 9.17 -44.72 -17.65
CA THR A 114 7.93 -45.09 -18.24
C THR A 114 6.82 -44.27 -17.62
N MET A 115 5.64 -44.45 -18.15
CA MET A 115 4.44 -43.85 -17.61
C MET A 115 4.21 -44.34 -16.21
N GLN A 116 4.52 -45.59 -15.88
CA GLN A 116 4.38 -46.06 -14.53
C GLN A 116 5.40 -45.42 -13.64
N ASP A 117 6.63 -45.18 -14.10
CA ASP A 117 7.62 -44.46 -13.33
C ASP A 117 7.17 -43.03 -13.14
N PHE A 118 6.60 -42.33 -14.14
CA PHE A 118 6.07 -40.99 -13.88
C PHE A 118 4.98 -41.03 -12.81
N LYS A 119 4.07 -42.01 -12.82
CA LYS A 119 3.01 -42.12 -11.82
C LYS A 119 3.61 -42.40 -10.46
N ASN A 120 4.56 -43.34 -10.34
CA ASN A 120 5.27 -43.56 -9.09
C ASN A 120 5.96 -42.28 -8.67
N LEU A 121 6.54 -41.44 -9.56
CA LEU A 121 7.15 -40.19 -9.15
C LEU A 121 6.09 -39.26 -8.57
N ILE A 122 4.90 -39.17 -9.17
CA ILE A 122 3.87 -38.24 -8.69
C ILE A 122 3.35 -38.73 -7.35
N ASP A 123 3.12 -40.03 -7.18
CA ASP A 123 2.57 -40.53 -5.95
C ASP A 123 3.59 -40.47 -4.82
N THR A 124 4.88 -40.68 -5.10
CA THR A 124 5.89 -40.59 -4.09
C THR A 124 6.06 -39.17 -3.67
N ALA A 125 6.12 -38.26 -4.62
CA ALA A 125 6.32 -36.88 -4.32
C ALA A 125 5.15 -36.42 -3.48
N HIS A 126 3.93 -36.73 -3.91
CA HIS A 126 2.77 -36.25 -3.18
C HIS A 126 2.66 -36.84 -1.79
N ALA A 127 3.03 -38.11 -1.61
CA ALA A 127 2.98 -38.78 -0.32
C ALA A 127 4.02 -38.19 0.65
N HIS A 128 4.99 -37.45 0.10
CA HIS A 128 6.01 -36.73 0.85
C HIS A 128 5.81 -35.23 0.75
N ASN A 129 4.59 -34.80 0.43
CA ASN A 129 4.15 -33.42 0.27
C ASN A 129 5.01 -32.56 -0.63
N ILE A 130 5.39 -33.12 -1.77
CA ILE A 130 6.16 -32.44 -2.79
C ILE A 130 5.29 -32.38 -4.03
N LYS A 131 5.23 -31.18 -4.59
CA LYS A 131 4.54 -30.86 -5.82
C LYS A 131 5.50 -31.06 -6.99
N VAL A 132 4.99 -31.46 -8.15
CA VAL A 132 5.84 -31.71 -9.31
C VAL A 132 5.51 -30.69 -10.39
N ILE A 133 6.46 -29.90 -10.85
CA ILE A 133 6.30 -28.96 -11.95
C ILE A 133 6.99 -29.59 -13.16
N ILE A 134 6.47 -29.55 -14.40
CA ILE A 134 7.23 -30.05 -15.54
C ILE A 134 7.55 -28.91 -16.51
N ASP A 135 8.68 -28.97 -17.24
CA ASP A 135 8.91 -28.10 -18.39
C ASP A 135 7.98 -28.56 -19.52
N PHE A 136 7.52 -27.71 -20.44
CA PHE A 136 6.65 -28.07 -21.56
C PHE A 136 7.07 -27.04 -22.58
N ALA A 137 7.53 -27.45 -23.76
CA ALA A 137 8.14 -26.57 -24.73
C ALA A 137 7.33 -26.67 -26.03
N PRO A 138 6.13 -26.04 -26.13
CA PRO A 138 5.25 -26.15 -27.29
C PRO A 138 5.67 -25.25 -28.44
N ASN A 139 6.87 -24.70 -28.44
CA ASN A 139 7.28 -23.83 -29.51
C ASN A 139 7.81 -24.56 -30.75
N HIS A 140 8.40 -25.72 -30.57
CA HIS A 140 9.12 -26.38 -31.62
C HIS A 140 9.18 -27.83 -31.30
N THR A 141 9.65 -28.62 -32.26
CA THR A 141 9.95 -30.02 -32.01
C THR A 141 11.48 -30.18 -31.85
N SER A 142 12.31 -30.38 -32.89
CA SER A 142 13.72 -30.67 -32.73
C SER A 142 14.55 -30.13 -33.89
N PRO A 143 15.89 -30.24 -33.94
CA PRO A 143 16.68 -29.74 -35.06
C PRO A 143 16.25 -30.38 -36.39
N ALA A 144 16.09 -29.54 -37.41
CA ALA A 144 15.68 -29.99 -38.72
C ALA A 144 16.19 -29.09 -39.80
N SER A 145 16.45 -29.70 -40.95
CA SER A 145 16.86 -28.99 -42.15
C SER A 145 15.79 -29.44 -43.12
N SER A 146 15.02 -28.53 -43.70
CA SER A 146 14.09 -28.98 -44.71
C SER A 146 14.91 -29.40 -45.95
N ASP A 147 15.98 -28.69 -46.30
CA ASP A 147 16.88 -29.06 -47.41
C ASP A 147 17.50 -30.42 -47.25
N ASP A 148 17.72 -30.88 -46.03
CA ASP A 148 18.33 -32.14 -45.78
C ASP A 148 17.51 -32.95 -44.81
N PRO A 149 16.61 -33.77 -45.31
CA PRO A 149 15.75 -34.61 -44.50
C PRO A 149 16.47 -35.67 -43.69
N SER A 150 17.75 -35.96 -43.95
CA SER A 150 18.40 -37.01 -43.17
C SER A 150 19.01 -36.45 -41.90
N PHE A 151 19.09 -35.13 -41.78
CA PHE A 151 19.64 -34.51 -40.61
C PHE A 151 18.66 -34.75 -39.45
N ALA A 152 19.19 -35.33 -38.36
CA ALA A 152 18.44 -35.60 -37.13
C ALA A 152 17.14 -36.36 -37.39
N GLU A 153 15.94 -36.08 -36.85
CA GLU A 153 14.73 -36.82 -37.23
C GLU A 153 13.84 -35.88 -38.01
N ASN A 154 14.46 -34.91 -38.71
CA ASN A 154 13.80 -33.88 -39.49
C ASN A 154 12.61 -33.16 -38.84
N GLY A 155 12.79 -32.75 -37.58
CA GLY A 155 11.71 -32.09 -36.86
C GLY A 155 10.46 -32.92 -36.70
N ARG A 156 10.41 -34.25 -36.90
CA ARG A 156 9.15 -34.96 -36.88
C ARG A 156 8.31 -34.97 -35.61
N LEU A 157 6.97 -34.86 -35.76
CA LEU A 157 6.03 -34.81 -34.63
C LEU A 157 5.13 -36.03 -34.64
N TYR A 158 4.95 -36.74 -33.54
CA TYR A 158 4.14 -37.92 -33.49
C TYR A 158 3.02 -37.63 -32.47
N ASP A 159 1.93 -38.38 -32.43
CA ASP A 159 0.85 -38.17 -31.50
C ASP A 159 0.58 -39.53 -30.97
N ASN A 160 1.13 -39.77 -29.79
CA ASN A 160 1.02 -41.08 -29.14
C ASN A 160 1.44 -42.25 -30.08
N GLY A 161 2.51 -42.04 -30.83
CA GLY A 161 3.03 -43.06 -31.74
C GLY A 161 2.62 -42.83 -33.18
N ASN A 162 1.52 -42.11 -33.45
CA ASN A 162 1.10 -41.82 -34.83
C ASN A 162 1.82 -40.63 -35.45
N LEU A 163 2.60 -40.74 -36.52
CA LEU A 163 3.33 -39.60 -37.07
C LEU A 163 2.42 -38.59 -37.69
N LEU A 164 2.55 -37.37 -37.22
CA LEU A 164 1.80 -36.29 -37.80
C LEU A 164 2.61 -35.73 -38.95
N GLY A 165 3.93 -35.59 -38.95
CA GLY A 165 4.62 -35.02 -40.09
C GLY A 165 5.99 -34.48 -39.73
N GLY A 166 6.78 -34.05 -40.70
CA GLY A 166 8.15 -33.61 -40.60
C GLY A 166 8.31 -32.27 -41.29
N TYR A 167 9.50 -31.70 -41.17
CA TYR A 167 9.79 -30.36 -41.64
C TYR A 167 10.01 -30.34 -43.14
N THR A 168 10.60 -31.39 -43.70
CA THR A 168 10.74 -31.46 -45.13
C THR A 168 9.39 -31.95 -45.64
N ASN A 169 8.94 -31.20 -46.63
CA ASN A 169 7.72 -31.57 -47.33
C ASN A 169 6.50 -31.56 -46.41
N ASP A 170 6.44 -30.43 -45.74
CA ASP A 170 5.37 -30.12 -44.83
C ASP A 170 4.19 -29.57 -45.60
N THR A 171 3.42 -30.42 -46.26
CA THR A 171 2.28 -29.96 -47.06
C THR A 171 1.09 -29.59 -46.16
N GLN A 172 1.05 -30.05 -44.91
CA GLN A 172 0.01 -29.66 -43.97
C GLN A 172 0.32 -28.36 -43.26
N ASN A 173 1.50 -27.78 -43.46
CA ASN A 173 1.98 -26.59 -42.76
C ASN A 173 1.87 -26.63 -41.23
N LEU A 174 2.37 -27.72 -40.68
CA LEU A 174 2.46 -27.90 -39.25
C LEU A 174 3.57 -27.02 -38.68
N PHE A 175 4.48 -26.52 -39.52
CA PHE A 175 5.67 -25.80 -39.09
C PHE A 175 5.77 -24.50 -39.87
N HIS A 176 6.56 -23.55 -39.39
CA HIS A 176 6.87 -22.30 -40.06
C HIS A 176 8.06 -22.49 -40.95
N HIS A 177 8.06 -21.81 -42.10
CA HIS A 177 9.19 -21.89 -43.00
C HIS A 177 9.61 -20.50 -43.45
N TYR A 178 9.99 -19.65 -42.52
CA TYR A 178 10.32 -18.29 -42.88
C TYR A 178 11.80 -18.03 -42.82
N GLY A 179 12.58 -19.06 -42.49
CA GLY A 179 14.00 -18.91 -42.30
C GLY A 179 14.27 -18.94 -40.80
N GLY A 180 15.46 -18.53 -40.39
CA GLY A 180 15.86 -18.51 -39.00
C GLY A 180 15.88 -17.08 -38.51
N THR A 181 15.55 -16.89 -37.24
CA THR A 181 15.49 -15.57 -36.69
C THR A 181 16.88 -14.99 -36.53
N ASP A 182 16.96 -13.67 -36.64
CA ASP A 182 18.19 -12.95 -36.34
C ASP A 182 17.95 -12.16 -35.05
N PHE A 183 16.84 -12.45 -34.35
CA PHE A 183 16.42 -11.78 -33.13
C PHE A 183 16.23 -10.26 -33.24
N SER A 184 16.25 -9.67 -34.44
CA SER A 184 16.08 -8.24 -34.61
C SER A 184 14.76 -7.66 -34.15
N THR A 185 13.64 -8.41 -34.25
CA THR A 185 12.38 -7.86 -33.78
C THR A 185 11.67 -9.00 -33.08
N ILE A 186 10.67 -8.71 -32.22
CA ILE A 186 9.92 -9.72 -31.51
C ILE A 186 9.22 -10.57 -32.55
N GLU A 187 8.65 -9.90 -33.57
CA GLU A 187 7.96 -10.55 -34.68
C GLU A 187 8.89 -11.53 -35.36
N ASN A 188 10.11 -11.05 -35.65
CA ASN A 188 11.09 -11.92 -36.27
C ASN A 188 11.42 -13.13 -35.39
N GLY A 189 11.44 -13.03 -34.06
CA GLY A 189 11.74 -14.17 -33.20
C GLY A 189 10.58 -15.12 -32.98
N ILE A 190 9.34 -14.74 -33.32
CA ILE A 190 8.15 -15.58 -33.11
C ILE A 190 7.89 -16.53 -34.26
N TYR A 191 7.95 -15.97 -35.48
CA TYR A 191 7.58 -16.72 -36.68
C TYR A 191 8.76 -17.36 -37.40
N LYS A 192 9.97 -16.91 -37.14
CA LYS A 192 11.11 -17.62 -37.69
C LYS A 192 11.63 -18.65 -36.69
N ASN A 193 12.48 -19.55 -37.17
CA ASN A 193 13.06 -20.62 -36.36
C ASN A 193 14.11 -20.15 -35.36
N LEU A 194 14.12 -20.71 -34.15
CA LEU A 194 15.18 -20.39 -33.18
C LEU A 194 16.25 -21.41 -33.51
N TYR A 195 17.38 -20.88 -33.98
CA TYR A 195 18.56 -21.65 -34.36
C TYR A 195 18.09 -22.58 -35.49
N ASP A 196 17.93 -23.89 -35.30
CA ASP A 196 17.56 -24.82 -36.35
C ASP A 196 16.41 -25.71 -35.88
N LEU A 197 15.69 -25.24 -34.88
CA LEU A 197 14.63 -26.00 -34.27
C LEU A 197 13.40 -25.84 -35.14
N ALA A 198 12.75 -26.93 -35.50
CA ALA A 198 11.56 -26.86 -36.32
C ALA A 198 10.45 -26.13 -35.56
N ASP A 199 10.17 -24.91 -35.98
CA ASP A 199 9.16 -24.06 -35.38
C ASP A 199 7.71 -24.51 -35.59
N LEU A 200 6.96 -24.90 -34.58
CA LEU A 200 5.59 -25.32 -34.78
C LEU A 200 4.74 -24.12 -35.14
N ASN A 201 3.71 -24.38 -35.94
CA ASN A 201 2.73 -23.39 -36.40
C ASN A 201 1.40 -23.59 -35.69
N HIS A 202 1.15 -22.72 -34.71
CA HIS A 202 0.00 -22.80 -33.85
C HIS A 202 -1.31 -22.30 -34.48
N ASN A 203 -1.17 -21.63 -35.62
CA ASN A 203 -2.30 -21.20 -36.44
C ASN A 203 -2.85 -22.43 -37.19
N ASN A 204 -2.16 -23.56 -37.27
CA ASN A 204 -2.70 -24.76 -37.86
C ASN A 204 -3.57 -25.42 -36.79
N SER A 205 -4.88 -25.61 -37.01
CA SER A 205 -5.77 -26.24 -36.04
C SER A 205 -5.31 -27.58 -35.51
N SER A 206 -4.63 -28.41 -36.29
CA SER A 206 -4.16 -29.68 -35.80
C SER A 206 -3.05 -29.53 -34.77
N VAL A 207 -2.13 -28.58 -34.92
CA VAL A 207 -1.07 -28.34 -33.93
C VAL A 207 -1.75 -27.77 -32.68
N ASP A 208 -2.65 -26.78 -32.85
CA ASP A 208 -3.35 -26.16 -31.74
C ASP A 208 -4.05 -27.14 -30.82
N VAL A 209 -4.95 -27.98 -31.34
CA VAL A 209 -5.72 -28.95 -30.58
C VAL A 209 -4.81 -30.01 -29.99
N TYR A 210 -3.78 -30.45 -30.71
CA TYR A 210 -2.86 -31.47 -30.22
C TYR A 210 -2.13 -31.03 -28.95
N LEU A 211 -1.52 -29.84 -28.99
CA LEU A 211 -0.78 -29.29 -27.87
C LEU A 211 -1.75 -29.08 -26.72
N LYS A 212 -3.03 -28.74 -26.93
CA LYS A 212 -3.97 -28.61 -25.83
C LYS A 212 -4.44 -29.93 -25.27
N ASP A 213 -4.65 -30.94 -26.10
CA ASP A 213 -4.96 -32.26 -25.61
C ASP A 213 -3.76 -32.83 -24.90
N ALA A 214 -2.51 -32.59 -25.35
CA ALA A 214 -1.28 -33.09 -24.72
C ALA A 214 -1.17 -32.53 -23.31
N ILE A 215 -1.28 -31.22 -23.10
CA ILE A 215 -1.15 -30.70 -21.74
C ILE A 215 -2.29 -31.20 -20.83
N LYS A 216 -3.52 -31.37 -21.29
CA LYS A 216 -4.56 -31.94 -20.44
C LYS A 216 -4.19 -33.31 -19.95
N MET A 217 -3.47 -34.08 -20.75
CA MET A 217 -3.07 -35.43 -20.36
C MET A 217 -2.12 -35.48 -19.16
N TRP A 218 -1.13 -34.58 -19.22
CA TRP A 218 -0.19 -34.39 -18.13
C TRP A 218 -0.93 -33.84 -16.90
N LEU A 219 -1.95 -32.98 -17.03
CA LEU A 219 -2.76 -32.55 -15.92
C LEU A 219 -3.49 -33.72 -15.35
N ASP A 220 -3.99 -34.62 -16.16
CA ASP A 220 -4.62 -35.80 -15.64
C ASP A 220 -3.65 -36.74 -14.95
N LEU A 221 -2.37 -36.73 -15.29
CA LEU A 221 -1.43 -37.57 -14.58
C LEU A 221 -1.07 -37.00 -13.19
N GLY A 222 -1.52 -35.79 -12.85
CA GLY A 222 -1.35 -35.26 -11.50
C GLY A 222 -0.27 -34.23 -11.37
N VAL A 223 0.29 -33.65 -12.46
CA VAL A 223 1.32 -32.64 -12.27
C VAL A 223 0.69 -31.40 -11.65
N ASP A 224 1.57 -30.64 -11.01
CA ASP A 224 1.09 -29.54 -10.24
C ASP A 224 1.55 -28.24 -10.81
N GLY A 225 2.37 -28.15 -11.82
CA GLY A 225 2.72 -26.86 -12.36
C GLY A 225 3.32 -27.05 -13.73
N ILE A 226 3.46 -26.00 -14.54
CA ILE A 226 4.03 -26.14 -15.87
C ILE A 226 4.90 -24.92 -16.00
N ARG A 227 6.11 -25.09 -16.54
CA ARG A 227 6.94 -23.95 -16.85
C ARG A 227 6.95 -24.00 -18.38
N VAL A 228 6.38 -22.97 -19.02
CA VAL A 228 6.33 -22.92 -20.47
C VAL A 228 7.61 -22.33 -21.02
N ASP A 229 8.24 -23.11 -21.87
CA ASP A 229 9.49 -22.72 -22.47
C ASP A 229 9.19 -21.83 -23.65
N ALA A 230 10.16 -20.97 -23.95
CA ALA A 230 10.20 -20.00 -25.03
C ALA A 230 8.95 -19.13 -25.32
N VAL A 231 8.37 -18.58 -24.24
CA VAL A 231 7.20 -17.72 -24.35
C VAL A 231 7.47 -16.47 -25.19
N LYS A 232 8.72 -16.01 -25.29
CA LYS A 232 9.09 -14.88 -26.12
C LYS A 232 9.06 -15.20 -27.61
N HIS A 233 8.89 -16.49 -27.94
CA HIS A 233 8.96 -16.96 -29.31
C HIS A 233 7.69 -17.58 -29.88
N MET A 234 6.55 -17.37 -29.22
CA MET A 234 5.26 -17.89 -29.62
C MET A 234 4.31 -16.73 -29.59
N PRO A 235 3.24 -16.70 -30.39
CA PRO A 235 2.32 -15.56 -30.44
C PRO A 235 1.67 -15.42 -29.08
N PHE A 236 1.58 -14.19 -28.55
CA PHE A 236 0.90 -13.93 -27.26
C PHE A 236 -0.57 -14.41 -27.28
N GLY A 237 -1.29 -14.14 -28.38
CA GLY A 237 -2.69 -14.51 -28.48
C GLY A 237 -2.85 -16.01 -28.43
N TRP A 238 -1.91 -16.79 -29.02
CA TRP A 238 -2.02 -18.25 -28.90
C TRP A 238 -1.66 -18.66 -27.49
N GLN A 239 -0.67 -18.04 -26.84
CA GLN A 239 -0.40 -18.42 -25.46
C GLN A 239 -1.58 -18.12 -24.54
N LYS A 240 -2.34 -17.06 -24.77
CA LYS A 240 -3.46 -16.74 -23.90
C LYS A 240 -4.53 -17.83 -24.02
N SER A 241 -4.75 -18.43 -25.20
CA SER A 241 -5.75 -19.47 -25.33
C SER A 241 -5.25 -20.80 -24.76
N PHE A 242 -3.95 -21.01 -24.83
CA PHE A 242 -3.34 -22.17 -24.24
C PHE A 242 -3.54 -22.08 -22.74
N MET A 243 -3.22 -20.96 -22.10
CA MET A 243 -3.45 -20.79 -20.67
C MET A 243 -4.91 -20.95 -20.33
N ALA A 244 -5.83 -20.42 -21.14
CA ALA A 244 -7.24 -20.57 -20.83
C ALA A 244 -7.69 -22.02 -20.84
N THR A 245 -7.05 -22.85 -21.66
CA THR A 245 -7.38 -24.25 -21.76
C THR A 245 -7.01 -24.95 -20.48
N ILE A 246 -5.86 -24.62 -19.91
CA ILE A 246 -5.42 -25.23 -18.67
C ILE A 246 -6.37 -24.78 -17.57
N ASN A 247 -6.52 -23.49 -17.42
CA ASN A 247 -7.30 -22.90 -16.35
C ASN A 247 -8.75 -23.30 -16.35
N ASN A 248 -9.37 -23.44 -17.52
CA ASN A 248 -10.77 -23.81 -17.55
C ASN A 248 -10.90 -25.30 -17.40
N TYR A 249 -9.80 -26.05 -17.52
CA TYR A 249 -9.86 -27.48 -17.31
C TYR A 249 -9.42 -27.92 -15.89
N LYS A 250 -8.12 -27.83 -15.58
CA LYS A 250 -7.59 -28.23 -14.28
C LYS A 250 -6.52 -27.17 -14.02
N PRO A 251 -6.80 -26.00 -13.42
CA PRO A 251 -5.84 -24.92 -13.34
C PRO A 251 -4.69 -25.34 -12.43
N VAL A 252 -3.48 -25.10 -12.90
CA VAL A 252 -2.28 -25.38 -12.14
C VAL A 252 -1.39 -24.16 -12.40
N PHE A 253 -0.46 -23.89 -11.51
CA PHE A 253 0.49 -22.78 -11.70
C PHE A 253 1.35 -22.90 -12.95
N THR A 254 1.38 -21.85 -13.76
CA THR A 254 2.08 -21.84 -15.03
C THR A 254 2.96 -20.61 -15.13
N PHE A 255 4.22 -20.74 -15.58
CA PHE A 255 5.08 -19.59 -15.64
C PHE A 255 6.03 -19.72 -16.79
N GLY A 256 6.66 -18.66 -17.30
CA GLY A 256 7.60 -18.76 -18.38
C GLY A 256 8.74 -17.79 -18.19
N GLU A 257 9.66 -17.67 -19.15
CA GLU A 257 10.83 -16.81 -19.05
C GLU A 257 10.85 -15.81 -20.19
N TRP A 258 10.66 -14.51 -20.01
CA TRP A 258 10.88 -13.60 -21.13
C TRP A 258 12.34 -13.19 -20.89
N PHE A 259 13.37 -13.50 -21.68
CA PHE A 259 14.73 -13.10 -21.30
C PHE A 259 14.99 -11.64 -21.63
N LEU A 260 15.62 -11.02 -20.62
CA LEU A 260 16.03 -9.63 -20.66
C LEU A 260 17.53 -9.64 -20.51
N GLY A 261 18.18 -8.80 -21.30
CA GLY A 261 19.63 -8.67 -21.25
C GLY A 261 19.99 -7.84 -20.01
N VAL A 262 21.28 -7.76 -19.66
CA VAL A 262 21.74 -7.01 -18.48
C VAL A 262 21.11 -5.60 -18.39
N ASN A 263 20.20 -5.52 -17.42
CA ASN A 263 19.41 -4.33 -17.09
C ASN A 263 18.40 -3.88 -18.15
N GLU A 264 18.36 -4.54 -19.32
CA GLU A 264 17.45 -4.24 -20.40
C GLU A 264 16.11 -4.91 -20.08
N ILE A 265 15.31 -4.29 -19.23
CA ILE A 265 14.00 -4.83 -18.93
C ILE A 265 13.04 -4.20 -19.96
N SER A 266 12.13 -5.04 -20.44
CA SER A 266 11.16 -4.68 -21.46
C SER A 266 9.78 -4.39 -20.85
N PRO A 267 8.95 -3.48 -21.44
CA PRO A 267 7.55 -3.23 -21.07
C PRO A 267 6.75 -4.48 -21.40
N GLU A 268 6.88 -5.03 -22.63
CA GLU A 268 6.20 -6.24 -23.10
C GLU A 268 6.51 -7.44 -22.23
N TYR A 269 7.71 -7.49 -21.63
CA TYR A 269 8.09 -8.45 -20.61
C TYR A 269 7.08 -8.41 -19.46
N HIS A 270 6.82 -7.18 -18.98
CA HIS A 270 5.85 -6.95 -17.92
C HIS A 270 4.42 -7.09 -18.45
N GLN A 271 4.15 -6.61 -19.67
CA GLN A 271 2.85 -6.61 -20.34
C GLN A 271 2.29 -8.02 -20.41
N PHE A 272 3.08 -8.90 -21.01
CA PHE A 272 2.81 -10.33 -21.09
C PHE A 272 2.65 -10.89 -19.67
N ALA A 273 3.53 -10.58 -18.70
CA ALA A 273 3.45 -11.08 -17.30
C ALA A 273 2.16 -10.72 -16.58
N ASN A 274 1.56 -9.64 -17.07
CA ASN A 274 0.29 -9.12 -16.60
C ASN A 274 -0.90 -9.56 -17.47
N GLU A 275 -0.72 -9.81 -18.77
CA GLU A 275 -1.81 -10.10 -19.69
C GLU A 275 -2.15 -11.55 -20.03
N SER A 276 -1.10 -12.37 -20.17
CA SER A 276 -1.15 -13.74 -20.67
C SER A 276 -1.97 -14.74 -19.85
N GLY A 277 -1.86 -14.53 -18.54
CA GLY A 277 -2.45 -15.38 -17.52
C GLY A 277 -1.35 -16.21 -16.83
N MET A 278 -0.07 -15.99 -17.21
CA MET A 278 1.04 -16.71 -16.64
C MET A 278 2.00 -15.70 -16.07
N SER A 279 2.67 -16.28 -15.09
CA SER A 279 3.68 -15.65 -14.28
C SER A 279 5.02 -15.70 -15.03
N LEU A 280 6.02 -14.92 -14.64
CA LEU A 280 7.30 -15.01 -15.31
C LEU A 280 8.39 -15.31 -14.30
N LEU A 281 9.47 -15.79 -14.82
CA LEU A 281 10.66 -15.97 -14.03
C LEU A 281 11.16 -14.55 -13.86
N ASP A 282 11.37 -14.15 -12.62
CA ASP A 282 11.85 -12.83 -12.33
C ASP A 282 13.33 -12.60 -12.69
N LEU A 283 13.65 -12.27 -13.94
CA LEU A 283 14.99 -11.97 -14.40
C LEU A 283 15.63 -10.76 -13.74
N ARG A 284 14.80 -9.78 -13.44
CA ARG A 284 15.24 -8.56 -12.85
C ARG A 284 15.72 -8.82 -11.42
N PHE A 285 15.01 -9.69 -10.69
CA PHE A 285 15.40 -10.12 -9.37
C PHE A 285 16.76 -10.82 -9.51
N ALA A 286 16.90 -11.85 -10.33
CA ALA A 286 18.15 -12.58 -10.46
C ALA A 286 19.31 -11.72 -10.90
N GLN A 287 19.08 -10.80 -11.82
CA GLN A 287 20.12 -9.91 -12.30
C GLN A 287 20.66 -9.03 -11.18
N LYS A 288 19.74 -8.40 -10.45
CA LYS A 288 20.18 -7.51 -9.39
C LYS A 288 20.83 -8.32 -8.28
N ALA A 289 20.28 -9.47 -7.90
CA ALA A 289 20.88 -10.27 -6.88
C ALA A 289 22.32 -10.67 -7.27
N ARG A 290 22.65 -10.98 -8.52
CA ARG A 290 24.02 -11.33 -8.91
C ARG A 290 24.85 -10.07 -8.92
N GLN A 291 24.31 -8.91 -9.29
CA GLN A 291 25.09 -7.69 -9.33
C GLN A 291 25.50 -7.26 -7.94
N VAL A 292 24.62 -7.48 -6.97
CA VAL A 292 24.87 -7.10 -5.60
C VAL A 292 25.62 -8.21 -4.83
N PHE A 293 25.18 -9.49 -4.83
CA PHE A 293 25.81 -10.53 -4.04
C PHE A 293 26.94 -11.23 -4.72
N ARG A 294 27.03 -11.18 -6.05
CA ARG A 294 28.05 -11.92 -6.76
C ARG A 294 29.15 -11.11 -7.41
N ASP A 295 28.78 -10.11 -8.19
CA ASP A 295 29.78 -9.47 -9.01
C ASP A 295 30.21 -8.11 -8.55
N ASN A 296 29.55 -7.65 -7.49
CA ASN A 296 29.68 -6.33 -6.92
C ASN A 296 29.77 -5.24 -7.97
N THR A 297 28.76 -5.24 -8.86
CA THR A 297 28.63 -4.22 -9.88
C THR A 297 27.50 -3.28 -9.52
N ASP A 298 26.77 -3.54 -8.44
CA ASP A 298 25.84 -2.56 -7.92
C ASP A 298 25.81 -2.77 -6.42
N ASN A 299 25.12 -1.96 -5.64
CA ASN A 299 25.14 -2.10 -4.20
C ASN A 299 23.74 -2.19 -3.65
N MET A 300 23.59 -2.12 -2.34
CA MET A 300 22.30 -2.31 -1.74
C MET A 300 21.15 -1.38 -2.08
N TYR A 301 21.45 -0.21 -2.63
CA TYR A 301 20.44 0.72 -3.12
C TYR A 301 19.85 0.20 -4.42
N GLY A 302 20.69 -0.46 -5.23
CA GLY A 302 20.22 -1.16 -6.40
C GLY A 302 19.26 -2.27 -6.00
N LEU A 303 19.57 -3.03 -4.96
CA LEU A 303 18.72 -4.11 -4.50
C LEU A 303 17.42 -3.57 -3.91
N LYS A 304 17.48 -2.51 -3.10
CA LYS A 304 16.29 -1.86 -2.54
C LYS A 304 15.38 -1.37 -3.66
N ALA A 305 15.94 -0.68 -4.64
CA ALA A 305 15.17 -0.14 -5.73
C ALA A 305 14.52 -1.26 -6.55
N MET A 306 15.16 -2.39 -6.82
CA MET A 306 14.50 -3.49 -7.50
C MET A 306 13.41 -4.05 -6.59
N LEU A 307 13.58 -4.17 -5.29
CA LEU A 307 12.52 -4.76 -4.48
C LEU A 307 11.36 -3.79 -4.32
N GLU A 308 11.65 -2.48 -4.46
CA GLU A 308 10.61 -1.48 -4.38
C GLU A 308 9.85 -1.38 -5.69
N GLY A 309 10.57 -1.47 -6.80
CA GLY A 309 9.96 -1.43 -8.11
C GLY A 309 9.03 -2.61 -8.33
N SER A 310 9.39 -3.83 -7.92
CA SER A 310 8.56 -5.00 -8.21
C SER A 310 7.19 -5.05 -7.56
N GLU A 311 7.00 -4.58 -6.33
CA GLU A 311 5.69 -4.64 -5.67
C GLU A 311 4.54 -3.89 -6.39
N VAL A 312 4.92 -2.89 -7.17
CA VAL A 312 3.99 -2.02 -7.87
C VAL A 312 3.98 -2.21 -9.40
N ASP A 313 5.03 -2.75 -10.03
CA ASP A 313 5.01 -2.92 -11.48
C ASP A 313 4.71 -4.35 -11.96
N TYR A 314 4.36 -5.21 -11.01
CA TYR A 314 3.92 -6.55 -11.31
C TYR A 314 2.56 -6.53 -10.62
N ALA A 315 1.56 -7.14 -11.25
CA ALA A 315 0.23 -7.27 -10.68
C ALA A 315 0.13 -8.38 -9.60
N GLN A 316 0.90 -9.44 -9.83
CA GLN A 316 0.96 -10.57 -8.94
C GLN A 316 2.45 -10.69 -8.65
N VAL A 317 3.06 -9.96 -7.72
CA VAL A 317 4.47 -10.16 -7.44
C VAL A 317 4.60 -11.52 -6.72
N ASN A 318 3.59 -12.03 -6.01
CA ASN A 318 3.66 -13.33 -5.33
C ASN A 318 3.65 -14.59 -6.18
N ASP A 319 3.52 -14.40 -7.49
CA ASP A 319 3.55 -15.52 -8.41
C ASP A 319 4.83 -15.43 -9.23
N GLN A 320 5.71 -14.46 -9.02
CA GLN A 320 6.90 -14.38 -9.86
C GLN A 320 7.92 -15.35 -9.30
N VAL A 321 8.60 -16.12 -10.15
CA VAL A 321 9.48 -17.15 -9.67
C VAL A 321 10.88 -16.57 -9.56
N THR A 322 11.55 -16.66 -8.43
CA THR A 322 12.80 -15.95 -8.31
C THR A 322 13.90 -16.97 -8.29
N PHE A 323 15.13 -16.56 -8.55
CA PHE A 323 16.22 -17.51 -8.61
C PHE A 323 17.53 -16.71 -8.63
N ILE A 324 18.70 -17.35 -8.47
CA ILE A 324 19.96 -16.64 -8.56
C ILE A 324 20.79 -17.15 -9.70
N ASP A 325 20.53 -18.37 -10.11
CA ASP A 325 21.11 -18.87 -11.35
C ASP A 325 20.16 -19.94 -11.84
N ASN A 326 20.34 -20.39 -13.06
CA ASN A 326 19.51 -21.46 -13.57
C ASN A 326 20.26 -21.95 -14.80
N HIS A 327 19.61 -22.81 -15.56
CA HIS A 327 20.20 -23.37 -16.78
C HIS A 327 20.72 -22.42 -17.84
N ASP A 328 20.37 -21.14 -17.82
CA ASP A 328 20.74 -20.18 -18.86
C ASP A 328 21.84 -19.23 -18.51
N MET A 329 22.45 -19.42 -17.36
CA MET A 329 23.46 -18.48 -16.86
C MET A 329 24.62 -19.25 -16.26
N GLU A 330 25.71 -18.54 -16.12
CA GLU A 330 26.86 -19.10 -15.43
C GLU A 330 26.42 -19.43 -14.03
N ARG A 331 26.94 -20.49 -13.42
CA ARG A 331 26.62 -20.74 -12.02
C ARG A 331 27.04 -19.54 -11.15
N PHE A 332 26.25 -19.29 -10.10
CA PHE A 332 26.50 -18.20 -9.19
C PHE A 332 27.81 -18.46 -8.49
N HIS A 333 28.05 -19.64 -7.93
CA HIS A 333 29.31 -19.85 -7.25
C HIS A 333 30.45 -19.94 -8.25
N THR A 334 31.48 -19.12 -8.22
CA THR A 334 32.62 -19.26 -9.15
C THR A 334 33.80 -19.96 -8.47
N SER A 335 34.95 -20.12 -9.11
CA SER A 335 36.13 -20.80 -8.54
C SER A 335 36.80 -20.05 -7.39
N ASN A 336 37.07 -18.79 -7.67
CA ASN A 336 37.70 -17.91 -6.71
C ASN A 336 36.63 -17.20 -5.92
N GLY A 337 35.41 -17.74 -5.84
CA GLY A 337 34.34 -17.04 -5.19
C GLY A 337 34.18 -17.56 -3.78
N ASP A 338 33.86 -16.63 -2.91
CA ASP A 338 33.60 -16.94 -1.52
C ASP A 338 32.23 -17.62 -1.38
N ARG A 339 32.16 -18.78 -0.75
CA ARG A 339 30.92 -19.53 -0.56
C ARG A 339 29.82 -18.81 0.19
N ARG A 340 30.23 -17.84 1.01
CA ARG A 340 29.32 -17.02 1.77
C ARG A 340 28.49 -16.18 0.80
N LYS A 341 29.00 -15.75 -0.35
CA LYS A 341 28.21 -15.00 -1.31
C LYS A 341 27.03 -15.89 -1.75
N LEU A 342 27.24 -17.17 -2.05
CA LEU A 342 26.15 -18.07 -2.43
C LEU A 342 25.18 -18.25 -1.28
N GLU A 343 25.66 -18.57 -0.08
CA GLU A 343 24.80 -18.73 1.08
C GLU A 343 23.98 -17.48 1.39
N GLN A 344 24.49 -16.26 1.21
CA GLN A 344 23.65 -15.08 1.40
C GLN A 344 22.61 -14.99 0.30
N ALA A 345 22.97 -15.20 -0.98
CA ALA A 345 22.04 -15.11 -2.11
C ALA A 345 20.89 -16.09 -1.93
N LEU A 346 21.17 -17.28 -1.46
CA LEU A 346 20.20 -18.30 -1.12
C LEU A 346 19.32 -17.83 0.02
N ALA A 347 19.86 -17.28 1.13
CA ALA A 347 19.00 -16.84 2.22
C ALA A 347 18.11 -15.68 1.79
N PHE A 348 18.63 -14.77 0.98
CA PHE A 348 17.86 -13.69 0.38
C PHE A 348 16.69 -14.20 -0.45
N THR A 349 16.92 -15.10 -1.40
CA THR A 349 15.85 -15.61 -2.26
C THR A 349 14.83 -16.37 -1.46
N LEU A 350 15.23 -17.19 -0.48
CA LEU A 350 14.26 -17.98 0.28
C LEU A 350 13.36 -17.18 1.21
N THR A 351 13.72 -15.96 1.56
CA THR A 351 12.87 -15.17 2.45
C THR A 351 12.23 -14.01 1.70
N SER A 352 12.47 -13.87 0.39
CA SER A 352 11.95 -12.78 -0.42
C SER A 352 10.64 -13.14 -1.09
N ARG A 353 9.89 -12.19 -1.60
CA ARG A 353 8.58 -12.47 -2.19
C ARG A 353 8.71 -13.26 -3.47
N GLY A 354 7.68 -14.02 -3.73
CA GLY A 354 7.64 -14.75 -4.98
C GLY A 354 7.62 -16.22 -4.71
N VAL A 355 8.11 -17.03 -5.65
CA VAL A 355 8.12 -18.48 -5.54
C VAL A 355 9.62 -18.75 -5.75
N PRO A 356 10.43 -19.10 -4.73
CA PRO A 356 11.84 -19.35 -4.88
C PRO A 356 12.15 -20.63 -5.63
N ALA A 357 13.03 -20.62 -6.62
CA ALA A 357 13.49 -21.84 -7.25
C ALA A 357 14.97 -22.01 -6.98
N ILE A 358 15.45 -23.18 -6.59
CA ILE A 358 16.84 -23.43 -6.23
C ILE A 358 17.35 -24.31 -7.35
N TYR A 359 18.45 -24.00 -8.04
CA TYR A 359 18.92 -24.85 -9.12
C TYR A 359 19.66 -26.03 -8.47
N TYR A 360 19.44 -27.29 -8.90
CA TYR A 360 20.08 -28.47 -8.34
C TYR A 360 21.59 -28.24 -8.24
N GLY A 361 22.19 -28.76 -7.19
CA GLY A 361 23.65 -28.67 -7.03
C GLY A 361 24.12 -27.39 -6.36
N SER A 362 23.26 -26.36 -6.21
CA SER A 362 23.57 -25.13 -5.50
C SER A 362 24.14 -25.41 -4.11
N GLU A 363 23.41 -26.28 -3.43
CA GLU A 363 23.73 -26.67 -2.09
C GLU A 363 24.98 -27.52 -2.01
N GLN A 364 25.63 -27.83 -3.13
CA GLN A 364 26.85 -28.60 -3.16
C GLN A 364 27.92 -27.75 -3.84
N TYR A 365 27.71 -26.43 -3.82
CA TYR A 365 28.61 -25.40 -4.33
C TYR A 365 29.17 -25.66 -5.71
N MET A 366 28.33 -26.13 -6.61
CA MET A 366 28.78 -26.35 -7.96
C MET A 366 29.11 -25.05 -8.64
N SER A 367 30.19 -25.04 -9.42
CA SER A 367 30.54 -23.90 -10.25
C SER A 367 30.56 -24.36 -11.71
N GLY A 368 30.57 -23.43 -12.68
CA GLY A 368 30.59 -23.77 -14.08
C GLY A 368 30.12 -22.59 -14.88
N GLY A 369 30.61 -22.53 -16.10
CA GLY A 369 30.26 -21.41 -16.98
C GLY A 369 28.88 -21.66 -17.56
N ASN A 370 28.57 -20.96 -18.64
CA ASN A 370 27.31 -21.16 -19.35
C ASN A 370 27.19 -22.54 -20.00
N ASP A 371 26.03 -22.86 -20.54
CA ASP A 371 25.72 -24.12 -21.22
C ASP A 371 26.86 -24.67 -22.09
N PRO A 372 27.30 -25.92 -21.89
CA PRO A 372 26.68 -26.86 -20.97
C PRO A 372 27.33 -26.97 -19.61
N ASP A 373 28.30 -26.07 -19.34
CA ASP A 373 29.12 -26.14 -18.16
C ASP A 373 28.33 -26.00 -16.90
N ASN A 374 27.23 -25.24 -16.90
CA ASN A 374 26.36 -25.13 -15.75
C ASN A 374 25.44 -26.35 -15.59
N ARG A 375 25.61 -27.44 -16.34
CA ARG A 375 24.73 -28.60 -16.19
C ARG A 375 25.48 -29.89 -15.89
N ALA A 376 26.57 -29.83 -15.10
CA ALA A 376 27.35 -31.01 -14.74
C ALA A 376 26.54 -31.91 -13.84
N ARG A 377 26.80 -33.21 -13.71
CA ARG A 377 26.03 -34.04 -12.77
C ARG A 377 26.37 -33.56 -11.38
N LEU A 378 25.46 -33.56 -10.41
CA LEU A 378 25.89 -33.03 -9.15
C LEU A 378 26.79 -34.01 -8.41
N PRO A 379 27.86 -33.52 -7.78
CA PRO A 379 28.98 -34.36 -7.42
C PRO A 379 28.74 -35.18 -6.16
N SER A 380 27.76 -34.84 -5.36
CA SER A 380 27.65 -35.39 -4.02
C SER A 380 26.24 -35.14 -3.49
N PHE A 381 25.83 -35.99 -2.56
CA PHE A 381 24.57 -35.91 -1.85
C PHE A 381 24.81 -35.73 -0.36
N SER A 382 25.81 -34.90 -0.06
CA SER A 382 26.15 -34.59 1.31
C SER A 382 24.99 -33.81 1.90
N THR A 383 24.51 -34.22 3.07
CA THR A 383 23.46 -33.50 3.77
C THR A 383 24.06 -32.60 4.86
N THR A 384 25.37 -32.33 4.85
CA THR A 384 25.94 -31.58 5.92
C THR A 384 26.58 -30.31 5.36
N THR A 385 26.37 -29.83 4.12
CA THR A 385 27.04 -28.60 3.69
C THR A 385 26.29 -27.46 4.35
N THR A 386 26.93 -26.32 4.50
CA THR A 386 26.28 -25.15 5.06
C THR A 386 25.08 -24.73 4.21
N ALA A 387 25.27 -24.67 2.88
CA ALA A 387 24.16 -24.34 2.00
C ALA A 387 23.02 -25.33 2.17
N TYR A 388 23.22 -26.64 2.38
CA TYR A 388 22.10 -27.55 2.58
C TYR A 388 21.30 -27.16 3.82
N GLN A 389 22.08 -26.85 4.87
CA GLN A 389 21.48 -26.47 6.14
C GLN A 389 20.76 -25.14 6.11
N VAL A 390 21.21 -24.18 5.32
CA VAL A 390 20.53 -22.92 5.17
C VAL A 390 19.16 -23.18 4.55
N ILE A 391 19.08 -24.02 3.51
CA ILE A 391 17.82 -24.28 2.83
C ILE A 391 16.95 -25.05 3.80
N GLN A 392 17.52 -26.01 4.52
CA GLN A 392 16.80 -26.84 5.46
C GLN A 392 16.14 -26.06 6.56
N LYS A 393 16.75 -24.96 7.01
CA LYS A 393 16.19 -24.10 8.07
C LYS A 393 15.18 -23.06 7.61
N LEU A 394 15.47 -22.48 6.46
CA LEU A 394 14.65 -21.44 5.88
C LEU A 394 13.44 -21.86 5.02
N ALA A 395 13.59 -22.88 4.20
CA ALA A 395 12.54 -23.34 3.33
C ALA A 395 11.27 -23.72 4.07
N PRO A 396 11.21 -24.37 5.22
CA PRO A 396 9.99 -24.59 5.96
C PRO A 396 9.23 -23.32 6.32
N LEU A 397 9.84 -22.15 6.40
CA LEU A 397 9.13 -20.96 6.86
C LEU A 397 8.13 -20.45 5.82
N ARG A 398 8.23 -20.94 4.60
CA ARG A 398 7.30 -20.62 3.54
C ARG A 398 5.97 -21.29 3.89
N LYS A 399 6.00 -22.46 4.51
CA LYS A 399 4.77 -23.14 4.91
C LYS A 399 4.21 -22.63 6.23
N SER A 400 5.09 -22.35 7.17
CA SER A 400 4.71 -21.96 8.51
C SER A 400 4.48 -20.48 8.77
N ASN A 401 5.10 -19.60 7.98
CA ASN A 401 4.98 -18.18 8.18
C ASN A 401 4.41 -17.45 6.97
N PRO A 402 3.12 -17.10 7.03
CA PRO A 402 2.45 -16.38 5.96
C PRO A 402 3.12 -15.08 5.57
N ALA A 403 3.90 -14.40 6.42
CA ALA A 403 4.60 -13.18 6.00
C ALA A 403 5.66 -13.48 4.95
N ILE A 404 6.35 -14.64 5.00
CA ILE A 404 7.36 -14.94 3.97
C ILE A 404 6.59 -15.41 2.72
N ALA A 405 5.58 -16.27 2.85
CA ALA A 405 4.82 -16.71 1.70
C ALA A 405 4.08 -15.56 1.01
N TYR A 406 3.45 -14.67 1.76
CA TYR A 406 2.60 -13.65 1.16
C TYR A 406 2.87 -12.19 1.43
N GLY A 407 3.74 -11.82 2.35
CA GLY A 407 3.82 -10.46 2.77
C GLY A 407 4.50 -9.49 1.83
N SER A 408 4.28 -8.25 2.21
CA SER A 408 4.87 -7.05 1.61
C SER A 408 6.37 -7.01 1.94
N THR A 409 7.20 -6.20 1.30
CA THR A 409 8.64 -6.02 1.58
C THR A 409 8.95 -4.54 1.90
N HIS A 410 9.55 -4.26 3.07
CA HIS A 410 9.83 -2.89 3.51
C HIS A 410 11.25 -2.85 3.98
N GLU A 411 12.07 -2.00 3.38
CA GLU A 411 13.44 -1.88 3.79
C GLU A 411 13.39 -1.16 5.13
N ARG A 412 13.81 -1.78 6.20
CA ARG A 412 13.88 -1.14 7.51
C ARG A 412 15.25 -0.53 7.78
N TRP A 413 16.39 -0.94 7.18
CA TRP A 413 17.69 -0.31 7.42
C TRP A 413 18.54 -0.52 6.17
N ILE A 414 19.41 0.40 5.74
CA ILE A 414 20.24 0.19 4.53
C ILE A 414 21.50 1.05 4.50
N ASN A 415 22.52 0.54 3.84
CA ASN A 415 23.65 1.34 3.47
C ASN A 415 24.21 0.59 2.26
N ASN A 416 25.37 0.97 1.76
CA ASN A 416 25.96 0.31 0.61
C ASN A 416 26.12 -1.20 0.65
N ASP A 417 26.33 -1.77 1.82
CA ASP A 417 26.61 -3.18 1.96
C ASP A 417 25.63 -3.94 2.80
N VAL A 418 24.66 -3.29 3.42
CA VAL A 418 23.77 -3.92 4.36
C VAL A 418 22.33 -3.62 3.95
N ILE A 419 21.40 -4.56 4.13
CA ILE A 419 20.00 -4.24 3.97
C ILE A 419 19.27 -5.06 5.05
N ILE A 420 18.24 -4.51 5.69
CA ILE A 420 17.42 -5.24 6.63
C ILE A 420 16.03 -4.99 6.10
N TYR A 421 15.29 -6.03 5.76
CA TYR A 421 13.96 -5.81 5.23
C TYR A 421 13.03 -6.64 6.05
N GLU A 422 11.82 -6.15 6.13
CA GLU A 422 10.80 -6.87 6.85
C GLU A 422 9.76 -7.38 5.88
N ARG A 423 9.16 -8.53 6.17
CA ARG A 423 8.14 -9.16 5.35
C ARG A 423 6.96 -9.16 6.28
N LYS A 424 5.78 -8.75 5.82
CA LYS A 424 4.66 -8.57 6.74
C LYS A 424 3.30 -9.01 6.21
N PHE A 425 2.52 -9.82 6.93
CA PHE A 425 1.22 -10.28 6.48
C PHE A 425 0.36 -10.46 7.70
N GLY A 426 -0.47 -9.45 7.88
CA GLY A 426 -1.36 -9.39 9.02
C GLY A 426 -0.47 -9.13 10.22
N ASN A 427 -0.50 -10.16 11.06
CA ASN A 427 0.19 -10.24 12.34
C ASN A 427 1.52 -10.96 12.23
N ASN A 428 1.81 -11.52 11.08
CA ASN A 428 2.96 -12.39 10.92
C ASN A 428 4.06 -11.53 10.40
N VAL A 429 5.29 -11.74 10.85
CA VAL A 429 6.40 -10.86 10.53
C VAL A 429 7.62 -11.76 10.30
N ALA A 430 8.55 -11.36 9.44
CA ALA A 430 9.85 -11.99 9.34
C ALA A 430 10.78 -10.82 9.02
N VAL A 431 11.96 -10.74 9.61
CA VAL A 431 12.91 -9.67 9.38
C VAL A 431 14.19 -10.39 9.00
N VAL A 432 14.93 -9.87 8.04
CA VAL A 432 16.12 -10.51 7.51
C VAL A 432 17.17 -9.42 7.41
N ALA A 433 18.39 -9.70 7.86
CA ALA A 433 19.48 -8.71 7.87
C ALA A 433 20.61 -9.28 7.10
N ILE A 434 21.25 -8.61 6.15
CA ILE A 434 22.31 -9.24 5.40
C ILE A 434 23.43 -8.24 5.30
N ASN A 435 24.68 -8.62 5.57
CA ASN A 435 25.80 -7.72 5.43
C ASN A 435 26.62 -8.34 4.33
N ARG A 436 26.76 -7.80 3.13
CA ARG A 436 27.53 -8.50 2.12
C ARG A 436 29.02 -8.23 2.26
N ASN A 437 29.39 -7.25 3.08
CA ASN A 437 30.79 -6.91 3.14
C ASN A 437 31.42 -7.97 4.01
N MET A 438 32.46 -8.55 3.46
CA MET A 438 33.11 -9.66 4.10
C MET A 438 34.27 -9.29 5.03
N ASN A 439 34.63 -8.03 5.20
CA ASN A 439 35.67 -7.62 6.15
C ASN A 439 35.09 -6.65 7.17
N THR A 440 34.13 -5.78 6.84
CA THR A 440 33.64 -4.82 7.78
C THR A 440 32.38 -5.27 8.51
N PRO A 441 32.36 -5.35 9.86
CA PRO A 441 31.14 -5.41 10.65
C PRO A 441 30.28 -4.17 10.40
N ALA A 442 28.94 -4.27 10.46
CA ALA A 442 28.10 -3.12 10.25
C ALA A 442 27.43 -2.75 11.56
N SER A 443 27.48 -1.49 11.95
CA SER A 443 26.87 -1.08 13.20
C SER A 443 25.42 -0.76 12.88
N ILE A 444 24.46 -1.52 13.41
CA ILE A 444 23.05 -1.25 13.16
C ILE A 444 22.50 -0.37 14.28
N THR A 445 22.00 0.82 13.97
CA THR A 445 21.37 1.64 14.97
C THR A 445 20.01 2.09 14.47
N GLY A 446 19.04 2.16 15.36
CA GLY A 446 17.76 2.74 15.03
C GLY A 446 16.90 1.80 14.21
N LEU A 447 17.00 0.48 14.37
CA LEU A 447 16.20 -0.42 13.54
C LEU A 447 14.82 -0.47 14.14
N VAL A 448 13.73 -0.21 13.41
CA VAL A 448 12.40 -0.40 13.98
C VAL A 448 11.73 -1.52 13.20
N THR A 449 11.04 -2.48 13.81
CA THR A 449 10.44 -3.59 13.10
C THR A 449 9.00 -3.70 13.56
N SER A 450 8.19 -4.63 13.01
CA SER A 450 6.84 -4.85 13.51
C SER A 450 6.80 -6.01 14.47
N LEU A 451 7.94 -6.53 14.95
CA LEU A 451 7.91 -7.65 15.86
C LEU A 451 7.36 -7.24 17.23
N PRO A 452 6.55 -8.04 17.96
CA PRO A 452 6.21 -7.84 19.37
C PRO A 452 7.47 -8.02 20.21
N ARG A 453 7.45 -7.53 21.45
CA ARG A 453 8.54 -7.71 22.43
C ARG A 453 9.00 -9.15 22.58
N GLY A 454 10.31 -9.33 22.62
CA GLY A 454 10.85 -10.65 22.87
C GLY A 454 12.28 -10.71 22.39
N SER A 455 12.91 -11.86 22.65
CA SER A 455 14.29 -12.10 22.31
C SER A 455 14.23 -13.15 21.22
N TYR A 456 14.35 -12.72 19.97
CA TYR A 456 14.11 -13.62 18.86
C TYR A 456 15.39 -14.27 18.51
N ASN A 457 15.33 -15.58 18.47
CA ASN A 457 16.52 -16.32 18.10
C ASN A 457 16.55 -16.47 16.58
N ASP A 458 17.77 -16.31 16.05
CA ASP A 458 18.06 -16.46 14.65
C ASP A 458 17.60 -17.83 14.18
N VAL A 459 16.67 -17.90 13.24
CA VAL A 459 16.16 -19.15 12.66
C VAL A 459 17.33 -19.93 12.00
N LEU A 460 18.31 -19.26 11.45
CA LEU A 460 19.47 -19.93 10.87
C LEU A 460 20.45 -20.53 11.92
N GLY A 461 20.16 -20.42 13.23
CA GLY A 461 21.00 -20.99 14.28
C GLY A 461 22.45 -20.50 14.36
N GLY A 462 22.74 -19.29 13.88
CA GLY A 462 24.09 -18.76 13.96
C GLY A 462 24.95 -19.22 12.82
N ILE A 463 24.47 -20.15 11.99
CA ILE A 463 25.21 -20.70 10.85
C ILE A 463 25.80 -19.66 9.91
N LEU A 464 25.14 -18.53 9.71
CA LEU A 464 25.71 -17.54 8.84
C LEU A 464 26.06 -16.33 9.67
N ASN A 465 26.55 -16.57 10.88
CA ASN A 465 27.00 -15.58 11.85
C ASN A 465 25.91 -14.63 12.27
N GLY A 466 24.71 -15.17 12.43
CA GLY A 466 23.56 -14.37 12.82
C GLY A 466 23.50 -14.22 14.31
N ASN A 467 22.54 -13.49 14.82
CA ASN A 467 22.47 -13.16 16.21
C ASN A 467 21.01 -13.13 16.66
N THR A 468 20.76 -13.11 17.95
CA THR A 468 19.44 -12.95 18.53
C THR A 468 19.05 -11.49 18.37
N LEU A 469 17.77 -11.19 18.13
CA LEU A 469 17.35 -9.81 18.06
C LEU A 469 16.53 -9.50 19.30
N THR A 470 16.92 -8.47 20.05
CA THR A 470 16.16 -8.08 21.23
C THR A 470 15.25 -6.91 20.86
N VAL A 471 13.95 -7.16 20.92
CA VAL A 471 12.95 -6.21 20.52
C VAL A 471 12.19 -5.74 21.74
N GLY A 472 12.12 -4.42 21.84
CA GLY A 472 11.41 -3.83 22.93
C GLY A 472 10.03 -3.40 22.44
N ALA A 473 9.54 -2.46 23.21
CA ALA A 473 8.24 -1.85 22.98
C ALA A 473 8.31 -1.06 21.69
N GLY A 474 7.20 -1.22 20.97
CA GLY A 474 7.02 -0.61 19.66
C GLY A 474 7.94 -1.15 18.58
N GLY A 475 8.36 -2.42 18.60
CA GLY A 475 9.23 -2.95 17.56
C GLY A 475 10.64 -2.37 17.49
N ALA A 476 11.14 -1.58 18.44
CA ALA A 476 12.50 -1.05 18.33
C ALA A 476 13.47 -2.08 18.81
N ALA A 477 14.43 -2.42 18.01
CA ALA A 477 15.40 -3.43 18.38
C ALA A 477 16.55 -2.82 19.14
N SER A 478 17.19 -3.46 20.13
CA SER A 478 18.35 -2.81 20.70
C SER A 478 19.48 -2.86 19.68
N ASN A 479 20.39 -1.91 19.60
CA ASN A 479 21.47 -1.96 18.61
C ASN A 479 22.33 -3.22 18.69
N PHE A 480 23.00 -3.54 17.58
CA PHE A 480 23.84 -4.72 17.47
C PHE A 480 24.83 -4.51 16.33
N THR A 481 25.82 -5.38 16.27
CA THR A 481 26.78 -5.32 15.18
C THR A 481 26.48 -6.50 14.30
N LEU A 482 26.28 -6.31 13.02
CA LEU A 482 26.05 -7.42 12.15
C LEU A 482 27.43 -7.84 11.67
N ALA A 483 27.85 -9.06 11.98
CA ALA A 483 29.14 -9.62 11.58
C ALA A 483 29.51 -9.44 10.12
N PRO A 484 30.81 -9.45 9.66
CA PRO A 484 31.16 -9.49 8.25
C PRO A 484 30.45 -10.70 7.65
N GLY A 485 29.76 -10.56 6.52
CA GLY A 485 29.04 -11.68 5.94
C GLY A 485 27.86 -12.13 6.78
N GLY A 486 27.45 -11.43 7.82
CA GLY A 486 26.36 -11.88 8.69
C GLY A 486 24.97 -11.96 8.04
N THR A 487 24.17 -12.98 8.36
CA THR A 487 22.81 -13.14 7.86
C THR A 487 22.03 -13.78 8.97
N ALA A 488 20.90 -13.16 9.26
CA ALA A 488 19.99 -13.56 10.31
C ALA A 488 18.54 -13.38 9.91
N VAL A 489 17.65 -14.20 10.43
CA VAL A 489 16.26 -14.21 10.06
C VAL A 489 15.48 -14.24 11.39
N TRP A 490 14.51 -13.38 11.69
CA TRP A 490 13.83 -13.43 12.96
C TRP A 490 12.37 -13.41 12.61
N GLN A 491 11.46 -14.05 13.33
CA GLN A 491 10.08 -14.09 12.89
C GLN A 491 9.12 -14.23 14.05
N TYR A 492 7.85 -13.99 13.73
CA TYR A 492 6.78 -14.11 14.68
C TYR A 492 5.52 -14.47 13.89
N THR A 493 4.77 -15.47 14.36
CA THR A 493 3.52 -15.83 13.70
C THR A 493 2.35 -15.85 14.69
N THR A 494 1.13 -15.42 14.32
CA THR A 494 -0.10 -15.56 15.10
C THR A 494 -1.27 -15.72 14.15
N ASP A 495 -2.46 -16.07 14.65
CA ASP A 495 -3.67 -16.15 13.84
C ASP A 495 -4.12 -14.76 13.45
N ALA A 496 -4.65 -14.59 12.25
CA ALA A 496 -5.22 -13.30 11.90
C ALA A 496 -6.70 -13.43 12.25
N THR A 497 -7.34 -12.34 12.62
CA THR A 497 -8.79 -12.33 12.84
C THR A 497 -9.60 -11.82 11.64
N THR A 498 -8.94 -10.98 10.84
CA THR A 498 -9.50 -10.39 9.65
C THR A 498 -9.08 -11.18 8.41
N PRO A 499 -9.89 -11.27 7.36
CA PRO A 499 -9.45 -11.85 6.12
C PRO A 499 -8.36 -11.04 5.49
N ILE A 500 -7.32 -11.71 5.02
CA ILE A 500 -6.31 -11.09 4.20
C ILE A 500 -6.07 -12.10 3.08
N ILE A 501 -6.03 -11.64 1.84
CA ILE A 501 -5.83 -12.51 0.70
C ILE A 501 -4.36 -12.38 0.38
N GLY A 502 -3.65 -13.50 0.36
CA GLY A 502 -2.28 -13.47 -0.05
C GLY A 502 -2.14 -13.81 -1.51
N ASN A 503 -3.01 -14.65 -2.07
CA ASN A 503 -2.84 -15.02 -3.47
C ASN A 503 -4.12 -15.65 -3.95
N VAL A 504 -4.34 -15.59 -5.26
CA VAL A 504 -5.56 -16.09 -5.92
C VAL A 504 -5.02 -16.81 -7.12
N GLY A 505 -5.52 -17.97 -7.45
CA GLY A 505 -5.08 -18.70 -8.62
C GLY A 505 -6.19 -19.63 -9.08
N PRO A 506 -6.50 -19.79 -10.38
CA PRO A 506 -5.88 -19.08 -11.50
C PRO A 506 -6.30 -17.61 -11.56
N MET A 507 -5.67 -16.74 -12.33
CA MET A 507 -6.06 -15.33 -12.40
C MET A 507 -6.86 -15.03 -13.66
N MET A 508 -7.24 -16.05 -14.44
CA MET A 508 -7.94 -15.86 -15.69
C MET A 508 -8.72 -17.14 -15.89
N ALA A 509 -10.05 -17.12 -15.90
CA ALA A 509 -10.83 -18.30 -16.17
C ALA A 509 -12.24 -17.86 -16.54
N LYS A 510 -13.08 -18.73 -17.08
CA LYS A 510 -14.44 -18.37 -17.41
C LYS A 510 -15.35 -18.63 -16.23
N PRO A 511 -16.62 -18.12 -16.21
CA PRO A 511 -17.61 -18.49 -15.20
C PRO A 511 -17.79 -19.97 -14.91
N GLY A 512 -17.93 -20.33 -13.62
CA GLY A 512 -18.09 -21.71 -13.20
C GLY A 512 -16.75 -22.35 -12.84
N VAL A 513 -15.57 -21.78 -13.11
CA VAL A 513 -14.32 -22.43 -12.69
C VAL A 513 -14.11 -22.17 -11.18
N THR A 514 -13.61 -23.17 -10.43
CA THR A 514 -13.31 -23.04 -9.01
C THR A 514 -11.96 -22.35 -8.88
N ILE A 515 -11.87 -21.18 -8.26
CA ILE A 515 -10.58 -20.53 -8.08
C ILE A 515 -10.18 -20.77 -6.62
N THR A 516 -8.89 -20.65 -6.34
CA THR A 516 -8.39 -20.83 -4.99
C THR A 516 -7.90 -19.50 -4.45
N ILE A 517 -8.44 -19.13 -3.29
CA ILE A 517 -8.08 -17.86 -2.68
C ILE A 517 -7.37 -18.27 -1.41
N ASP A 518 -6.11 -17.90 -1.32
CA ASP A 518 -5.32 -18.26 -0.14
C ASP A 518 -4.96 -17.05 0.71
N GLY A 519 -4.94 -17.24 2.02
CA GLY A 519 -4.57 -16.16 2.92
C GLY A 519 -4.75 -16.62 4.33
N ARG A 520 -5.22 -15.71 5.18
CA ARG A 520 -5.48 -15.98 6.58
C ARG A 520 -6.69 -15.21 7.08
N GLY A 521 -7.36 -15.74 8.09
CA GLY A 521 -8.40 -15.03 8.80
C GLY A 521 -9.77 -15.08 8.14
N PHE A 522 -9.95 -16.12 7.33
CA PHE A 522 -11.21 -16.28 6.62
C PHE A 522 -12.21 -16.86 7.59
N GLY A 523 -11.73 -17.61 8.60
CA GLY A 523 -12.60 -18.22 9.58
C GLY A 523 -13.14 -19.54 9.09
N SER A 524 -13.72 -20.32 9.98
CA SER A 524 -14.24 -21.62 9.63
C SER A 524 -15.65 -21.59 9.09
N GLY A 525 -16.43 -20.52 9.38
CA GLY A 525 -17.81 -20.41 8.93
C GLY A 525 -17.79 -19.79 7.55
N LYS A 526 -18.55 -20.38 6.64
CA LYS A 526 -18.61 -19.95 5.26
C LYS A 526 -19.04 -18.49 5.19
N GLY A 527 -18.38 -17.64 4.39
CA GLY A 527 -18.67 -16.23 4.32
C GLY A 527 -19.03 -15.79 2.91
N THR A 528 -18.51 -14.68 2.38
CA THR A 528 -18.89 -14.18 1.07
C THR A 528 -17.70 -13.83 0.23
N VAL A 529 -17.74 -14.13 -1.07
CA VAL A 529 -16.68 -13.69 -1.96
C VAL A 529 -17.33 -12.73 -2.96
N TYR A 530 -16.66 -11.63 -3.27
CA TYR A 530 -17.09 -10.56 -4.15
C TYR A 530 -16.25 -10.52 -5.39
N PHE A 531 -16.89 -10.48 -6.56
CA PHE A 531 -16.18 -10.24 -7.80
C PHE A 531 -16.83 -8.92 -8.10
N GLY A 532 -16.05 -7.85 -8.00
CA GLY A 532 -16.61 -6.52 -8.10
C GLY A 532 -17.65 -6.41 -6.97
N THR A 533 -18.87 -6.05 -7.36
CA THR A 533 -19.95 -5.93 -6.41
C THR A 533 -20.79 -7.19 -6.25
N THR A 534 -20.56 -8.17 -7.14
CA THR A 534 -21.28 -9.42 -7.12
C THR A 534 -20.92 -10.33 -5.96
N ALA A 535 -21.90 -10.67 -5.11
CA ALA A 535 -21.69 -11.57 -3.99
C ALA A 535 -21.90 -13.02 -4.31
N VAL A 536 -21.00 -13.86 -3.88
CA VAL A 536 -21.08 -15.28 -4.09
C VAL A 536 -21.13 -15.85 -2.69
N THR A 537 -22.08 -16.73 -2.46
CA THR A 537 -22.35 -17.25 -1.14
C THR A 537 -22.74 -18.73 -1.26
N GLY A 538 -22.92 -19.34 -0.11
CA GLY A 538 -23.50 -20.67 0.07
C GLY A 538 -22.88 -21.77 -0.77
N ALA A 539 -23.72 -22.50 -1.51
CA ALA A 539 -23.23 -23.62 -2.30
C ALA A 539 -22.31 -23.26 -3.46
N ASP A 540 -22.17 -22.00 -3.89
CA ASP A 540 -21.19 -21.66 -4.92
C ASP A 540 -19.79 -21.62 -4.37
N ILE A 541 -19.65 -21.63 -3.04
CA ILE A 541 -18.38 -21.71 -2.35
C ILE A 541 -18.24 -23.19 -2.06
N VAL A 542 -17.30 -23.75 -2.78
CA VAL A 542 -17.02 -25.16 -2.71
C VAL A 542 -16.40 -25.55 -1.37
N ALA A 543 -15.51 -24.72 -0.85
CA ALA A 543 -14.84 -25.07 0.39
C ALA A 543 -14.43 -23.82 1.11
N TRP A 544 -14.55 -23.72 2.43
CA TRP A 544 -14.18 -22.50 3.12
C TRP A 544 -13.43 -22.93 4.35
N GLU A 545 -12.24 -22.40 4.56
CA GLU A 545 -11.63 -22.56 5.86
C GLU A 545 -10.68 -21.42 6.04
N ASP A 546 -10.03 -21.35 7.18
CA ASP A 546 -9.31 -20.14 7.53
C ASP A 546 -8.20 -19.70 6.60
N THR A 547 -7.49 -20.63 5.95
CA THR A 547 -6.40 -20.23 5.08
C THR A 547 -6.72 -20.35 3.60
N GLN A 548 -7.84 -21.06 3.28
CA GLN A 548 -8.16 -21.33 1.90
C GLN A 548 -9.65 -21.38 1.66
N ILE A 549 -10.08 -20.65 0.63
CA ILE A 549 -11.45 -20.66 0.12
C ILE A 549 -11.40 -21.17 -1.32
N GLN A 550 -12.26 -22.11 -1.71
CA GLN A 550 -12.42 -22.49 -3.11
C GLN A 550 -13.85 -22.11 -3.51
N VAL A 551 -13.98 -21.25 -4.51
CA VAL A 551 -15.25 -20.68 -4.94
C VAL A 551 -15.40 -20.62 -6.45
N LYS A 552 -16.61 -20.90 -6.91
CA LYS A 552 -16.91 -20.85 -8.32
C LYS A 552 -17.06 -19.44 -8.81
N ILE A 553 -16.46 -19.11 -9.95
CA ILE A 553 -16.58 -17.77 -10.54
C ILE A 553 -18.04 -17.55 -10.99
N PRO A 554 -18.72 -16.45 -10.63
CA PRO A 554 -20.09 -16.15 -11.00
C PRO A 554 -20.21 -15.81 -12.46
N ALA A 555 -21.44 -15.86 -12.97
CA ALA A 555 -21.69 -15.56 -14.36
C ALA A 555 -21.79 -14.06 -14.50
N VAL A 556 -20.64 -13.42 -14.54
CA VAL A 556 -20.48 -11.99 -14.69
C VAL A 556 -19.88 -11.77 -16.08
N PRO A 557 -20.04 -10.57 -16.67
CA PRO A 557 -19.43 -10.20 -17.93
C PRO A 557 -17.93 -10.37 -17.94
N GLY A 558 -17.36 -10.63 -19.10
CA GLY A 558 -15.93 -10.73 -19.17
C GLY A 558 -15.37 -9.36 -18.91
N GLY A 559 -14.16 -9.37 -18.35
CA GLY A 559 -13.43 -8.15 -18.04
C GLY A 559 -12.56 -8.36 -16.80
N ILE A 560 -11.98 -7.28 -16.29
CA ILE A 560 -11.10 -7.35 -15.14
C ILE A 560 -11.88 -6.94 -13.91
N TYR A 561 -11.86 -7.82 -12.91
CA TYR A 561 -12.52 -7.67 -11.62
C TYR A 561 -11.56 -7.66 -10.42
N ASP A 562 -12.07 -7.11 -9.32
CA ASP A 562 -11.33 -7.12 -8.07
C ASP A 562 -12.05 -8.15 -7.24
N ILE A 563 -11.30 -8.91 -6.46
CA ILE A 563 -11.83 -9.94 -5.60
C ILE A 563 -11.71 -9.41 -4.18
N ARG A 564 -12.64 -9.83 -3.32
CA ARG A 564 -12.64 -9.41 -1.93
C ARG A 564 -13.40 -10.47 -1.16
N VAL A 565 -13.02 -10.75 0.08
CA VAL A 565 -13.64 -11.81 0.84
C VAL A 565 -14.26 -11.17 2.06
N ALA A 566 -15.33 -11.70 2.61
CA ALA A 566 -15.88 -11.17 3.83
C ALA A 566 -16.10 -12.42 4.63
N ASN A 567 -15.61 -12.48 5.85
CA ASN A 567 -15.83 -13.68 6.63
C ASN A 567 -17.27 -13.68 7.13
N ALA A 568 -17.71 -14.71 7.84
CA ALA A 568 -19.09 -14.84 8.31
C ALA A 568 -19.63 -13.72 9.18
N ALA A 569 -18.76 -12.83 9.68
CA ALA A 569 -19.20 -11.74 10.51
C ALA A 569 -19.21 -10.47 9.70
N GLY A 570 -18.94 -10.50 8.40
CA GLY A 570 -18.95 -9.29 7.57
C GLY A 570 -17.63 -8.54 7.61
N ALA A 571 -16.52 -9.07 8.13
CA ALA A 571 -15.27 -8.35 8.02
C ALA A 571 -14.73 -8.62 6.61
N ALA A 572 -14.35 -7.60 5.86
CA ALA A 572 -13.86 -7.73 4.49
C ALA A 572 -12.35 -7.58 4.34
N SER A 573 -11.77 -8.31 3.38
CA SER A 573 -10.35 -8.34 3.14
C SER A 573 -9.86 -7.19 2.29
N ASN A 574 -8.57 -7.22 2.01
CA ASN A 574 -7.96 -6.34 1.03
C ASN A 574 -8.52 -6.75 -0.34
N ILE A 575 -8.29 -5.91 -1.32
CA ILE A 575 -8.78 -6.08 -2.67
C ILE A 575 -7.74 -6.85 -3.44
N TYR A 576 -8.09 -7.97 -4.06
CA TYR A 576 -7.15 -8.60 -4.94
C TYR A 576 -7.57 -8.22 -6.36
N ASP A 577 -6.79 -7.39 -7.02
CA ASP A 577 -7.15 -6.88 -8.33
C ASP A 577 -6.71 -7.68 -9.55
N ASN A 578 -7.05 -7.14 -10.73
CA ASN A 578 -6.61 -7.70 -12.00
C ASN A 578 -7.03 -9.15 -12.25
N PHE A 579 -8.18 -9.57 -11.73
CA PHE A 579 -8.64 -10.90 -12.03
C PHE A 579 -9.39 -10.84 -13.36
N GLU A 580 -9.05 -11.67 -14.33
CA GLU A 580 -9.72 -11.58 -15.60
C GLU A 580 -10.79 -12.65 -15.74
N VAL A 581 -12.08 -12.28 -15.77
CA VAL A 581 -13.15 -13.22 -16.06
C VAL A 581 -13.15 -13.24 -17.57
N LEU A 582 -13.09 -14.43 -18.16
CA LEU A 582 -13.10 -14.57 -19.62
C LEU A 582 -14.55 -14.67 -20.07
N THR A 583 -14.86 -14.24 -21.30
CA THR A 583 -16.22 -14.38 -21.81
C THR A 583 -16.57 -15.87 -21.97
N GLY A 584 -15.58 -16.74 -22.12
CA GLY A 584 -15.84 -18.18 -22.21
C GLY A 584 -14.53 -18.80 -22.61
N ASP A 585 -14.63 -19.98 -23.22
CA ASP A 585 -13.46 -20.67 -23.74
C ASP A 585 -12.88 -19.87 -24.86
N GLN A 586 -11.63 -20.12 -25.20
CA GLN A 586 -10.97 -19.27 -26.15
C GLN A 586 -10.51 -20.03 -27.36
N VAL A 587 -10.31 -19.36 -28.48
CA VAL A 587 -9.67 -19.94 -29.65
C VAL A 587 -8.83 -18.77 -30.13
N THR A 588 -7.77 -19.03 -30.88
CA THR A 588 -6.93 -17.99 -31.38
C THR A 588 -7.32 -17.79 -32.83
N VAL A 589 -7.60 -16.56 -33.29
CA VAL A 589 -7.94 -16.24 -34.66
C VAL A 589 -6.81 -15.37 -35.18
N ARG A 590 -6.39 -15.49 -36.42
CA ARG A 590 -5.38 -14.63 -37.02
C ARG A 590 -6.14 -13.52 -37.71
N PHE A 591 -5.90 -12.22 -37.51
CA PHE A 591 -6.63 -11.15 -38.21
C PHE A 591 -5.63 -10.52 -39.17
N VAL A 592 -5.94 -10.39 -40.46
CA VAL A 592 -5.05 -9.86 -41.48
C VAL A 592 -5.76 -8.69 -42.16
N ILE A 593 -5.13 -7.51 -42.27
CA ILE A 593 -5.75 -6.37 -42.91
C ILE A 593 -4.84 -5.84 -43.98
N ASN A 594 -5.41 -5.65 -45.16
CA ASN A 594 -4.62 -5.18 -46.29
C ASN A 594 -4.88 -3.72 -46.51
N ASN A 595 -3.94 -3.10 -47.22
CA ASN A 595 -4.01 -1.72 -47.65
C ASN A 595 -4.12 -0.67 -46.53
N ALA A 596 -3.49 -0.99 -45.39
CA ALA A 596 -3.49 -0.09 -44.28
C ALA A 596 -2.16 0.64 -44.37
N THR A 597 -2.06 1.75 -45.10
CA THR A 597 -0.78 2.44 -45.19
C THR A 597 -0.67 3.34 -43.97
N THR A 598 0.51 3.53 -43.40
CA THR A 598 0.64 4.34 -42.20
C THR A 598 1.77 5.34 -42.37
N ALA A 599 1.75 6.33 -41.50
CA ALA A 599 2.80 7.33 -41.43
C ALA A 599 3.89 6.89 -40.47
N LEU A 600 4.94 7.69 -40.30
CA LEU A 600 5.99 7.36 -39.35
C LEU A 600 5.38 7.43 -37.96
N GLY A 601 5.54 6.33 -37.25
CA GLY A 601 5.06 6.21 -35.90
C GLY A 601 3.61 5.77 -35.85
N GLN A 602 2.95 5.44 -36.96
CA GLN A 602 1.53 5.05 -36.93
C GLN A 602 1.39 3.55 -37.19
N ASN A 603 0.62 2.87 -36.34
CA ASN A 603 0.54 1.42 -36.39
C ASN A 603 -0.93 1.09 -36.38
N VAL A 604 -1.25 -0.16 -36.70
CA VAL A 604 -2.63 -0.62 -36.83
C VAL A 604 -2.93 -1.51 -35.65
N PHE A 605 -4.13 -1.41 -35.11
CA PHE A 605 -4.59 -2.14 -33.93
C PHE A 605 -5.99 -2.63 -34.25
N LEU A 606 -6.53 -3.48 -33.38
CA LEU A 606 -7.84 -4.10 -33.51
C LEU A 606 -8.67 -3.92 -32.26
N THR A 607 -9.96 -3.59 -32.28
CA THR A 607 -10.71 -3.61 -31.05
C THR A 607 -12.10 -4.12 -31.43
N GLY A 608 -12.90 -4.48 -30.45
CA GLY A 608 -14.21 -5.02 -30.69
C GLY A 608 -15.03 -5.12 -29.46
N ASN A 609 -16.14 -5.80 -29.56
CA ASN A 609 -17.15 -5.81 -28.52
C ASN A 609 -17.08 -6.84 -27.40
N VAL A 610 -15.97 -7.51 -27.18
CA VAL A 610 -15.83 -8.44 -26.08
C VAL A 610 -14.59 -7.97 -25.32
N SER A 611 -14.50 -8.32 -24.03
CA SER A 611 -13.42 -7.92 -23.16
C SER A 611 -12.08 -8.31 -23.72
N GLU A 612 -12.04 -9.46 -24.40
CA GLU A 612 -10.85 -9.97 -25.05
C GLU A 612 -10.39 -9.05 -26.15
N LEU A 613 -11.22 -8.21 -26.75
CA LEU A 613 -10.74 -7.24 -27.73
C LEU A 613 -10.71 -5.81 -27.22
N GLY A 614 -10.94 -5.67 -25.92
CA GLY A 614 -10.81 -4.41 -25.23
C GLY A 614 -12.10 -3.61 -25.16
N ASN A 615 -13.24 -4.23 -25.45
CA ASN A 615 -14.55 -3.57 -25.43
C ASN A 615 -14.62 -2.17 -26.02
N TRP A 616 -14.14 -2.02 -27.26
CA TRP A 616 -14.21 -0.78 -28.03
C TRP A 616 -13.40 0.41 -27.56
N ASP A 617 -12.48 0.11 -26.64
CA ASP A 617 -11.66 1.15 -26.09
C ASP A 617 -10.35 1.11 -26.83
N PRO A 618 -10.03 2.17 -27.59
CA PRO A 618 -8.80 2.32 -28.35
C PRO A 618 -7.53 2.14 -27.55
N ASN A 619 -7.55 2.48 -26.26
CA ASN A 619 -6.38 2.29 -25.40
C ASN A 619 -6.20 0.85 -24.96
N ASN A 620 -7.27 0.04 -25.09
CA ASN A 620 -7.16 -1.37 -24.80
C ASN A 620 -7.25 -2.20 -26.06
N ALA A 621 -6.96 -1.62 -27.22
CA ALA A 621 -6.96 -2.32 -28.49
C ALA A 621 -5.80 -3.28 -28.63
N ILE A 622 -5.95 -4.28 -29.47
CA ILE A 622 -4.97 -5.32 -29.61
C ILE A 622 -3.99 -4.91 -30.67
N GLY A 623 -2.74 -4.95 -30.27
CA GLY A 623 -1.66 -4.72 -31.19
C GLY A 623 -0.57 -3.94 -30.47
N PRO A 624 0.35 -3.26 -31.14
CA PRO A 624 0.37 -3.08 -32.58
C PRO A 624 0.51 -4.36 -33.39
N MET A 625 -0.19 -4.42 -34.51
CA MET A 625 -0.13 -5.58 -35.35
C MET A 625 1.25 -5.71 -36.03
N TYR A 626 1.48 -6.83 -36.64
CA TYR A 626 2.75 -7.13 -37.28
C TYR A 626 2.73 -6.91 -38.78
N ASN A 627 3.84 -6.72 -39.51
CA ASN A 627 3.77 -6.48 -40.95
C ASN A 627 5.05 -6.80 -41.70
N GLN A 628 5.88 -7.73 -41.24
CA GLN A 628 7.14 -8.00 -41.93
C GLN A 628 7.29 -9.45 -42.38
N VAL A 629 6.90 -10.44 -41.55
CA VAL A 629 7.25 -11.81 -41.83
C VAL A 629 6.12 -12.59 -42.46
N VAL A 630 4.99 -12.86 -41.81
CA VAL A 630 3.99 -13.69 -42.46
C VAL A 630 3.34 -12.94 -43.61
N TYR A 631 3.17 -11.65 -43.38
CA TYR A 631 2.63 -10.73 -44.38
C TYR A 631 3.49 -9.50 -44.26
N GLN A 632 3.52 -8.73 -45.34
CA GLN A 632 4.29 -7.51 -45.42
C GLN A 632 3.42 -6.26 -45.63
N TYR A 633 3.88 -5.16 -45.04
CA TYR A 633 3.26 -3.84 -45.19
C TYR A 633 3.00 -3.47 -46.66
N PRO A 634 1.86 -2.89 -47.05
CA PRO A 634 0.78 -2.51 -46.16
C PRO A 634 -0.20 -3.53 -45.61
N THR A 635 0.14 -4.81 -45.55
CA THR A 635 -0.72 -5.77 -44.93
C THR A 635 -0.10 -5.99 -43.59
N TRP A 636 -0.98 -6.00 -42.59
CA TRP A 636 -0.64 -6.17 -41.19
C TRP A 636 -1.34 -7.42 -40.71
N TYR A 637 -0.90 -8.13 -39.69
CA TYR A 637 -1.58 -9.34 -39.19
C TYR A 637 -1.34 -9.53 -37.70
N TYR A 638 -2.15 -10.33 -36.99
CA TYR A 638 -1.94 -10.58 -35.58
C TYR A 638 -2.75 -11.77 -35.09
N ASP A 639 -2.24 -12.61 -34.21
CA ASP A 639 -2.97 -13.76 -33.66
C ASP A 639 -3.56 -13.42 -32.31
N VAL A 640 -4.89 -13.42 -32.20
CA VAL A 640 -5.64 -12.94 -31.05
C VAL A 640 -6.50 -14.03 -30.41
N SER A 641 -6.54 -14.17 -29.08
CA SER A 641 -7.41 -15.14 -28.44
C SER A 641 -8.80 -14.51 -28.36
N VAL A 642 -9.88 -15.17 -28.76
CA VAL A 642 -11.23 -14.58 -28.71
C VAL A 642 -12.18 -15.64 -28.18
N PRO A 643 -13.38 -15.32 -27.68
CA PRO A 643 -14.26 -16.31 -27.13
C PRO A 643 -14.71 -17.23 -28.26
N ALA A 644 -14.78 -18.50 -27.95
CA ALA A 644 -15.14 -19.54 -28.86
C ALA A 644 -16.64 -19.61 -29.05
N GLY A 645 -17.03 -19.95 -30.27
CA GLY A 645 -18.41 -20.19 -30.64
C GLY A 645 -19.30 -18.98 -30.55
N GLN A 646 -18.89 -17.77 -30.93
CA GLN A 646 -19.84 -16.68 -30.90
C GLN A 646 -19.50 -15.62 -31.90
N THR A 647 -20.47 -14.75 -32.18
CA THR A 647 -20.25 -13.71 -33.18
C THR A 647 -19.69 -12.50 -32.45
N ILE A 648 -18.52 -12.00 -32.82
CA ILE A 648 -18.00 -10.81 -32.20
C ILE A 648 -18.13 -9.64 -33.21
N GLU A 649 -18.33 -8.37 -32.80
CA GLU A 649 -18.20 -7.24 -33.73
C GLU A 649 -16.85 -6.60 -33.48
N PHE A 650 -16.24 -6.00 -34.48
CA PHE A 650 -14.93 -5.42 -34.36
C PHE A 650 -14.60 -4.44 -35.49
N LYS A 651 -13.59 -3.60 -35.35
CA LYS A 651 -13.13 -2.64 -36.34
C LYS A 651 -11.63 -2.51 -36.17
N PHE A 652 -10.85 -2.05 -37.15
CA PHE A 652 -9.43 -1.79 -37.03
C PHE A 652 -9.29 -0.29 -36.92
N LEU A 653 -8.10 0.16 -36.56
CA LEU A 653 -7.83 1.58 -36.33
C LEU A 653 -6.33 1.74 -36.39
N LYS A 654 -5.86 2.91 -36.78
CA LYS A 654 -4.46 3.23 -36.84
C LYS A 654 -4.25 4.14 -35.65
N LYS A 655 -3.07 4.14 -35.05
CA LYS A 655 -2.85 4.96 -33.90
C LYS A 655 -1.42 5.47 -34.03
N GLN A 656 -1.25 6.77 -33.89
CA GLN A 656 0.07 7.41 -33.83
C GLN A 656 -0.08 8.31 -32.62
N GLY A 657 0.64 8.06 -31.55
CA GLY A 657 0.54 8.91 -30.37
C GLY A 657 -0.87 8.88 -29.83
N SER A 658 -1.45 10.06 -29.63
CA SER A 658 -2.82 10.10 -29.15
C SER A 658 -3.84 9.96 -30.27
N THR A 659 -3.52 10.06 -31.56
CA THR A 659 -4.55 10.13 -32.59
C THR A 659 -5.04 8.77 -33.06
N VAL A 660 -6.32 8.49 -32.88
CA VAL A 660 -6.90 7.22 -33.26
C VAL A 660 -7.58 7.49 -34.57
N THR A 661 -7.25 6.82 -35.65
CA THR A 661 -7.98 6.93 -36.90
C THR A 661 -8.77 5.63 -37.03
N TRP A 662 -10.10 5.68 -37.01
CA TRP A 662 -10.89 4.46 -37.19
C TRP A 662 -11.18 4.28 -38.67
N GLU A 663 -11.29 3.02 -39.10
CA GLU A 663 -11.68 2.79 -40.47
C GLU A 663 -13.18 3.10 -40.52
N GLY A 664 -13.67 3.61 -41.64
CA GLY A 664 -15.08 3.95 -41.77
C GLY A 664 -15.93 2.73 -42.07
N GLY A 665 -17.16 2.98 -42.46
CA GLY A 665 -18.03 1.89 -42.79
C GLY A 665 -18.58 1.29 -41.52
N ALA A 666 -19.20 0.13 -41.67
CA ALA A 666 -19.89 -0.49 -40.57
C ALA A 666 -18.96 -1.42 -39.81
N ASN A 667 -19.41 -1.83 -38.61
CA ASN A 667 -18.59 -2.68 -37.77
C ASN A 667 -18.50 -3.99 -38.50
N ARG A 668 -17.39 -4.67 -38.32
CA ARG A 668 -17.19 -5.97 -38.89
C ARG A 668 -17.75 -7.00 -37.92
N THR A 669 -18.23 -8.16 -38.37
CA THR A 669 -18.73 -9.21 -37.49
C THR A 669 -18.00 -10.48 -37.87
N PHE A 670 -17.86 -11.47 -37.02
CA PHE A 670 -17.25 -12.72 -37.39
C PHE A 670 -17.70 -13.76 -36.38
N THR A 671 -18.10 -14.98 -36.75
CA THR A 671 -18.50 -15.99 -35.79
C THR A 671 -17.29 -16.90 -35.50
N THR A 672 -16.73 -16.90 -34.29
CA THR A 672 -15.50 -17.63 -34.02
C THR A 672 -15.78 -19.12 -33.99
N PRO A 673 -14.79 -19.98 -34.31
CA PRO A 673 -14.90 -21.43 -34.12
C PRO A 673 -15.05 -21.88 -32.67
N THR A 674 -15.50 -23.10 -32.49
CA THR A 674 -15.61 -23.77 -31.22
C THR A 674 -14.27 -24.29 -30.71
N SER A 675 -13.33 -24.63 -31.58
CA SER A 675 -12.01 -25.13 -31.22
C SER A 675 -11.10 -24.95 -32.43
N GLY A 676 -9.79 -25.20 -32.40
CA GLY A 676 -8.96 -24.97 -33.57
C GLY A 676 -8.83 -23.46 -33.83
N THR A 677 -8.30 -23.06 -34.96
CA THR A 677 -8.07 -21.67 -35.21
C THR A 677 -8.92 -21.19 -36.38
N ALA A 678 -8.79 -19.92 -36.75
CA ALA A 678 -9.45 -19.36 -37.92
C ALA A 678 -8.66 -18.15 -38.44
N THR A 679 -8.65 -17.79 -39.73
CA THR A 679 -8.04 -16.53 -40.15
C THR A 679 -9.12 -15.56 -40.65
N VAL A 680 -9.01 -14.26 -40.42
CA VAL A 680 -9.97 -13.27 -40.87
C VAL A 680 -9.15 -12.39 -41.80
N ASN A 681 -9.45 -12.25 -43.12
CA ASN A 681 -8.63 -11.44 -44.01
C ASN A 681 -9.52 -10.35 -44.56
N VAL A 682 -9.25 -9.07 -44.26
CA VAL A 682 -10.10 -7.94 -44.59
C VAL A 682 -9.25 -6.84 -45.21
N ASN A 683 -9.86 -5.75 -45.71
CA ASN A 683 -9.16 -4.64 -46.37
C ASN A 683 -9.65 -3.39 -45.70
N TRP A 684 -8.72 -2.45 -45.50
CA TRP A 684 -9.00 -1.19 -44.83
C TRP A 684 -10.17 -0.45 -45.49
N GLN A 685 -11.27 -0.20 -44.74
CA GLN A 685 -12.47 0.51 -45.18
C GLN A 685 -12.12 1.98 -44.93
N PRO A 686 -11.90 2.85 -45.92
CA PRO A 686 -11.72 4.27 -45.68
C PRO A 686 -13.01 4.87 -45.10
N ALA B 1 -16.02 23.42 -7.34
CA ALA B 1 -14.85 24.25 -7.20
C ALA B 1 -13.67 23.28 -7.27
N PRO B 2 -12.42 23.67 -7.50
CA PRO B 2 -11.29 22.73 -7.41
C PRO B 2 -10.93 22.38 -5.97
N ASP B 3 -10.19 21.31 -5.70
CA ASP B 3 -9.74 20.98 -4.35
C ASP B 3 -8.95 22.11 -3.68
N THR B 4 -8.17 22.88 -4.42
CA THR B 4 -7.29 23.94 -3.94
C THR B 4 -8.02 25.23 -3.65
N SER B 5 -9.32 25.25 -3.85
CA SER B 5 -10.08 26.46 -3.74
C SER B 5 -10.20 26.93 -2.29
N VAL B 6 -10.23 28.26 -2.06
CA VAL B 6 -10.47 28.81 -0.72
C VAL B 6 -11.84 28.32 -0.22
N SER B 7 -12.80 27.94 -1.07
CA SER B 7 -14.09 27.49 -0.55
C SER B 7 -14.07 26.08 -0.02
N ASN B 8 -12.94 25.37 -0.04
CA ASN B 8 -12.95 24.02 0.46
C ASN B 8 -12.72 23.97 1.97
N LYS B 9 -13.81 23.98 2.72
CA LYS B 9 -13.78 23.97 4.17
C LYS B 9 -13.50 22.62 4.78
N GLN B 10 -13.64 21.50 4.05
CA GLN B 10 -13.50 20.19 4.65
C GLN B 10 -12.08 19.64 4.71
N ASN B 11 -11.22 19.93 3.75
CA ASN B 11 -9.92 19.29 3.70
C ASN B 11 -8.91 20.40 3.48
N PHE B 12 -7.79 20.26 4.16
CA PHE B 12 -6.79 21.29 4.18
C PHE B 12 -5.44 20.75 3.80
N SER B 13 -5.17 19.57 3.24
CA SER B 13 -3.77 19.26 2.99
C SER B 13 -3.16 20.02 1.81
N THR B 14 -3.89 20.83 1.05
CA THR B 14 -3.27 21.66 0.01
C THR B 14 -2.90 23.02 0.61
N ASP B 15 -3.22 23.23 1.89
CA ASP B 15 -2.96 24.51 2.54
C ASP B 15 -1.70 24.49 3.38
N VAL B 16 -1.18 25.66 3.69
CA VAL B 16 -0.10 25.85 4.63
C VAL B 16 -0.79 26.76 5.65
N ILE B 17 -1.07 26.33 6.87
CA ILE B 17 -1.72 27.17 7.87
C ILE B 17 -0.67 28.06 8.53
N TYR B 18 -1.03 29.30 8.89
CA TYR B 18 -0.14 30.19 9.63
C TYR B 18 -0.86 30.39 10.95
N GLN B 19 -0.30 29.91 12.06
CA GLN B 19 -0.93 29.99 13.38
C GLN B 19 -0.52 31.30 14.02
N ILE B 20 -1.57 32.07 14.26
CA ILE B 20 -1.45 33.42 14.76
C ILE B 20 -2.06 33.52 16.15
N PHE B 21 -1.30 34.19 17.03
CA PHE B 21 -1.79 34.59 18.36
C PHE B 21 -2.21 35.99 17.97
N THR B 22 -3.52 36.17 17.91
CA THR B 22 -4.09 37.39 17.40
C THR B 22 -3.49 38.58 18.15
N ASP B 23 -3.34 38.52 19.47
CA ASP B 23 -2.81 39.66 20.20
C ASP B 23 -1.33 40.00 19.96
N ARG B 24 -0.59 39.01 19.44
CA ARG B 24 0.85 39.11 19.28
C ARG B 24 1.30 39.38 17.86
N PHE B 25 0.36 39.67 16.94
CA PHE B 25 0.68 39.86 15.54
C PHE B 25 0.64 41.30 15.10
N SER B 26 -0.52 41.97 14.95
CA SER B 26 -0.47 43.35 14.51
C SER B 26 -1.57 44.22 15.13
N ASP B 27 -1.24 45.36 15.73
CA ASP B 27 -2.31 46.19 16.24
C ASP B 27 -2.77 47.15 15.14
N GLY B 28 -3.83 46.75 14.46
CA GLY B 28 -4.37 47.60 13.41
C GLY B 28 -5.37 48.61 13.91
N ASN B 29 -5.94 48.45 15.08
CA ASN B 29 -6.87 49.42 15.61
C ASN B 29 -6.53 49.63 17.07
N PRO B 30 -5.87 50.73 17.40
CA PRO B 30 -5.48 51.10 18.75
C PRO B 30 -6.66 51.35 19.68
N ALA B 31 -7.76 51.86 19.13
CA ALA B 31 -8.97 52.16 19.88
C ALA B 31 -9.67 51.01 20.59
N ASN B 32 -9.44 49.77 20.16
CA ASN B 32 -10.04 48.61 20.84
C ASN B 32 -9.07 47.99 21.84
N ASN B 33 -7.92 48.62 22.05
CA ASN B 33 -6.93 48.07 22.95
C ASN B 33 -7.46 48.07 24.38
N PRO B 34 -7.30 47.00 25.18
CA PRO B 34 -7.67 46.99 26.59
C PRO B 34 -6.90 48.08 27.36
N THR B 35 -7.31 48.49 28.56
CA THR B 35 -6.62 49.58 29.22
C THR B 35 -5.97 49.23 30.54
N GLY B 36 -5.03 50.11 30.83
CA GLY B 36 -4.33 50.09 32.08
C GLY B 36 -3.62 48.79 32.36
N ALA B 37 -4.14 48.13 33.38
CA ALA B 37 -3.56 46.91 33.93
C ALA B 37 -3.59 45.68 33.04
N ALA B 38 -4.57 45.61 32.13
CA ALA B 38 -4.67 44.49 31.22
C ALA B 38 -3.77 44.73 30.01
N PHE B 39 -3.13 45.88 29.83
CA PHE B 39 -2.48 46.22 28.59
C PHE B 39 -0.99 46.61 28.68
N ASP B 40 -0.18 46.21 27.71
CA ASP B 40 1.20 46.64 27.62
C ASP B 40 1.54 46.79 26.16
N GLY B 41 1.61 48.05 25.75
CA GLY B 41 1.82 48.46 24.39
C GLY B 41 3.18 48.09 23.91
N SER B 42 4.17 47.99 24.78
CA SER B 42 5.48 47.58 24.31
C SER B 42 5.57 46.08 24.21
N CYS B 43 4.58 45.35 24.74
CA CYS B 43 4.56 43.90 24.75
C CYS B 43 5.85 43.27 25.29
N THR B 44 6.25 43.82 26.43
CA THR B 44 7.42 43.31 27.16
C THR B 44 6.92 42.27 28.16
N ASN B 45 5.71 42.47 28.66
CA ASN B 45 5.13 41.57 29.64
C ASN B 45 4.21 40.75 28.77
N LEU B 46 4.67 39.54 28.55
CA LEU B 46 3.99 38.61 27.65
C LEU B 46 2.76 37.93 28.20
N ARG B 47 2.19 38.39 29.34
CA ARG B 47 0.95 37.81 29.84
C ARG B 47 -0.17 38.82 29.85
N LEU B 48 0.14 40.02 29.36
CA LEU B 48 -0.85 41.07 29.28
C LEU B 48 -1.27 41.22 27.82
N TYR B 49 -2.30 42.02 27.49
CA TYR B 49 -2.64 42.29 26.11
C TYR B 49 -1.62 43.24 25.52
N CYS B 50 -1.05 42.92 24.35
CA CYS B 50 -0.20 43.86 23.62
C CYS B 50 -0.92 44.68 22.55
N GLY B 51 -2.19 44.35 22.20
CA GLY B 51 -2.97 45.17 21.28
C GLY B 51 -3.42 44.63 19.91
N GLY B 52 -2.80 43.54 19.46
CA GLY B 52 -3.05 42.91 18.18
C GLY B 52 -4.49 42.46 18.03
N ASP B 53 -5.00 42.63 16.83
CA ASP B 53 -6.43 42.45 16.66
C ASP B 53 -6.80 41.93 15.28
N TRP B 54 -8.08 41.82 14.95
CA TRP B 54 -8.53 41.39 13.64
C TRP B 54 -8.19 42.43 12.57
N GLN B 55 -8.26 43.74 12.83
CA GLN B 55 -7.86 44.72 11.82
C GLN B 55 -6.40 44.62 11.41
N GLY B 56 -5.53 44.13 12.29
CA GLY B 56 -4.13 44.04 11.94
C GLY B 56 -3.87 42.85 11.06
N ILE B 57 -4.62 41.78 11.23
CA ILE B 57 -4.44 40.62 10.36
C ILE B 57 -4.96 41.05 8.98
N ILE B 58 -6.10 41.74 8.92
CA ILE B 58 -6.60 42.34 7.69
C ILE B 58 -5.55 43.24 7.02
N ASN B 59 -4.87 44.19 7.67
CA ASN B 59 -3.86 44.98 6.99
C ASN B 59 -2.69 44.14 6.53
N LYS B 60 -2.35 43.00 7.18
CA LYS B 60 -1.22 42.20 6.74
C LYS B 60 -1.62 41.28 5.61
N ILE B 61 -2.94 41.06 5.42
CA ILE B 61 -3.39 40.39 4.21
C ILE B 61 -3.31 41.42 3.07
N ASN B 62 -3.82 42.62 3.33
CA ASN B 62 -3.88 43.68 2.34
C ASN B 62 -2.58 44.26 1.88
N ASP B 63 -1.52 44.34 2.69
CA ASP B 63 -0.31 45.02 2.23
C ASP B 63 0.72 44.10 1.61
N GLY B 64 0.33 42.82 1.58
CA GLY B 64 1.08 41.79 0.91
C GLY B 64 1.89 40.92 1.81
N TYR B 65 1.94 41.13 3.12
CA TYR B 65 2.89 40.35 3.91
C TYR B 65 2.48 38.88 3.97
N LEU B 66 1.27 38.54 4.37
CA LEU B 66 0.88 37.13 4.41
C LEU B 66 0.70 36.50 3.02
N THR B 67 0.15 37.22 2.02
CA THR B 67 -0.10 36.62 0.72
C THR B 67 1.23 36.41 0.01
N GLY B 68 2.21 37.31 0.21
CA GLY B 68 3.54 37.16 -0.37
C GLY B 68 4.33 35.93 0.11
N MET B 69 3.87 35.38 1.23
CA MET B 69 4.50 34.25 1.83
C MET B 69 3.90 32.99 1.24
N GLY B 70 2.72 33.02 0.66
CA GLY B 70 2.14 31.78 0.15
C GLY B 70 1.19 31.11 1.15
N ILE B 71 0.94 31.76 2.29
CA ILE B 71 0.07 31.22 3.32
C ILE B 71 -1.33 31.05 2.75
N THR B 72 -2.06 29.98 3.02
CA THR B 72 -3.40 29.92 2.46
C THR B 72 -4.45 29.64 3.54
N ALA B 73 -4.04 29.63 4.82
CA ALA B 73 -5.00 29.53 5.89
C ALA B 73 -4.36 30.14 7.11
N ILE B 74 -5.11 30.82 7.97
CA ILE B 74 -4.61 31.37 9.21
C ILE B 74 -5.41 30.69 10.33
N TRP B 75 -4.80 30.44 11.49
CA TRP B 75 -5.46 29.80 12.61
C TRP B 75 -5.29 30.88 13.65
N ILE B 76 -6.40 31.36 14.19
CA ILE B 76 -6.38 32.45 15.15
C ILE B 76 -6.93 32.01 16.49
N SER B 77 -6.62 32.83 17.51
CA SER B 77 -7.13 32.65 18.86
C SER B 77 -8.66 32.63 18.89
N GLN B 78 -9.21 31.87 19.84
CA GLN B 78 -10.63 31.66 20.03
C GLN B 78 -11.29 33.04 20.02
N PRO B 79 -12.30 33.27 19.18
CA PRO B 79 -12.79 34.61 18.94
C PRO B 79 -13.82 35.07 19.97
N VAL B 80 -14.28 34.18 20.89
CA VAL B 80 -15.44 34.46 21.77
C VAL B 80 -15.09 35.37 22.94
N GLU B 81 -16.08 35.92 23.60
CA GLU B 81 -15.83 36.88 24.62
C GLU B 81 -15.15 36.20 25.79
N ASN B 82 -14.04 36.77 26.22
CA ASN B 82 -13.29 36.23 27.34
C ASN B 82 -13.53 37.06 28.59
N ILE B 83 -13.23 36.51 29.77
CA ILE B 83 -13.36 37.24 31.02
C ILE B 83 -12.52 38.49 30.93
N TYR B 84 -13.01 39.55 31.53
CA TYR B 84 -12.25 40.81 31.53
C TYR B 84 -11.26 40.92 32.67
N SER B 85 -11.31 40.05 33.69
CA SER B 85 -10.44 40.08 34.84
C SER B 85 -8.97 40.03 34.57
N VAL B 86 -8.14 40.80 35.28
CA VAL B 86 -6.71 40.60 35.25
C VAL B 86 -6.58 39.77 36.53
N ILE B 87 -5.97 38.59 36.43
CA ILE B 87 -5.81 37.61 37.48
C ILE B 87 -4.37 37.65 37.95
N ASN B 88 -4.16 37.57 39.27
CA ASN B 88 -2.84 37.63 39.81
C ASN B 88 -2.41 36.27 40.25
N TYR B 89 -1.58 35.61 39.48
CA TYR B 89 -1.09 34.32 39.91
C TYR B 89 0.22 34.73 40.52
N SER B 90 0.13 34.76 41.85
CA SER B 90 1.24 35.08 42.75
C SER B 90 2.14 36.26 42.36
N GLY B 91 1.60 37.44 42.08
CA GLY B 91 2.43 38.58 41.76
C GLY B 91 2.69 38.70 40.27
N VAL B 92 2.11 37.80 39.49
CA VAL B 92 2.26 37.90 38.07
C VAL B 92 0.82 38.13 37.66
N ASN B 93 0.57 39.22 36.98
CA ASN B 93 -0.75 39.56 36.50
C ASN B 93 -0.99 38.85 35.19
N ASN B 94 -2.17 38.36 34.96
CA ASN B 94 -2.42 37.50 33.84
C ASN B 94 -3.72 37.92 33.24
N THR B 95 -3.79 37.92 31.93
CA THR B 95 -4.96 38.41 31.27
C THR B 95 -5.44 37.32 30.28
N ALA B 96 -6.68 37.35 29.79
CA ALA B 96 -7.13 36.40 28.80
C ALA B 96 -6.67 36.78 27.37
N TYR B 97 -5.47 37.34 27.11
CA TYR B 97 -4.98 37.74 25.78
C TYR B 97 -5.00 36.64 24.72
N HIS B 98 -4.85 35.42 25.24
CA HIS B 98 -4.79 34.18 24.49
C HIS B 98 -6.13 33.63 24.07
N GLY B 99 -7.25 34.21 24.54
CA GLY B 99 -8.58 33.78 24.14
C GLY B 99 -9.05 32.52 24.83
N TYR B 100 -8.31 31.76 25.64
CA TYR B 100 -8.85 30.54 26.31
C TYR B 100 -9.81 30.59 27.52
N TRP B 101 -10.15 31.76 28.03
CA TRP B 101 -10.96 31.86 29.23
C TRP B 101 -12.31 32.46 28.86
N ALA B 102 -13.15 31.67 28.23
CA ALA B 102 -14.42 32.14 27.73
C ALA B 102 -15.42 32.51 28.78
N ARG B 103 -16.17 33.57 28.57
CA ARG B 103 -17.33 33.80 29.42
C ARG B 103 -18.53 33.74 28.50
N ASP B 104 -18.46 34.11 27.22
CA ASP B 104 -19.66 34.03 26.40
C ASP B 104 -19.26 33.51 25.04
N PHE B 105 -19.71 32.32 24.68
CA PHE B 105 -19.31 31.74 23.40
C PHE B 105 -20.09 32.31 22.21
N LYS B 106 -21.08 33.17 22.46
CA LYS B 106 -21.89 33.77 21.39
C LYS B 106 -21.52 35.20 21.07
N LYS B 107 -20.52 35.79 21.74
CA LYS B 107 -20.14 37.16 21.48
C LYS B 107 -18.66 37.21 21.14
N THR B 108 -18.13 38.27 20.56
CA THR B 108 -16.71 38.34 20.26
C THR B 108 -15.90 38.92 21.42
N ASN B 109 -14.59 38.69 21.45
CA ASN B 109 -13.70 39.33 22.40
C ASN B 109 -13.48 40.72 21.82
N PRO B 110 -13.97 41.84 22.38
CA PRO B 110 -13.78 43.18 21.83
C PRO B 110 -12.37 43.70 21.58
N ALA B 111 -11.38 43.13 22.26
CA ALA B 111 -9.99 43.53 22.06
C ALA B 111 -9.56 43.09 20.67
N TYR B 112 -10.14 41.98 20.19
CA TYR B 112 -9.82 41.46 18.87
C TYR B 112 -10.66 42.19 17.87
N GLY B 113 -11.95 42.35 18.17
CA GLY B 113 -12.77 43.16 17.29
C GLY B 113 -14.26 42.93 17.55
N THR B 114 -15.06 43.64 16.76
CA THR B 114 -16.51 43.57 16.77
C THR B 114 -16.92 42.44 15.84
N MET B 115 -18.19 42.03 15.88
CA MET B 115 -18.75 41.11 14.93
C MET B 115 -18.46 41.57 13.51
N GLN B 116 -18.49 42.89 13.31
CA GLN B 116 -18.22 43.51 12.03
C GLN B 116 -16.74 43.37 11.64
N ASP B 117 -15.77 43.49 12.54
CA ASP B 117 -14.38 43.27 12.16
C ASP B 117 -14.12 41.83 11.83
N PHE B 118 -14.85 40.93 12.50
CA PHE B 118 -14.76 39.50 12.26
C PHE B 118 -15.26 39.22 10.86
N LYS B 119 -16.43 39.78 10.47
CA LYS B 119 -16.97 39.60 9.14
C LYS B 119 -15.99 40.21 8.16
N ASN B 120 -15.47 41.41 8.36
CA ASN B 120 -14.46 41.95 7.45
C ASN B 120 -13.23 41.06 7.34
N LEU B 121 -12.78 40.40 8.42
CA LEU B 121 -11.61 39.51 8.38
C LEU B 121 -11.93 38.30 7.50
N ILE B 122 -13.06 37.62 7.75
CA ILE B 122 -13.47 36.50 6.91
C ILE B 122 -13.51 36.99 5.47
N ASP B 123 -14.19 38.08 5.11
CA ASP B 123 -14.25 38.52 3.74
C ASP B 123 -12.90 38.87 3.18
N THR B 124 -12.06 39.70 3.84
CA THR B 124 -10.74 40.03 3.32
C THR B 124 -9.87 38.78 3.15
N ALA B 125 -10.00 37.79 4.02
CA ALA B 125 -9.24 36.57 3.93
C ALA B 125 -9.74 35.78 2.72
N HIS B 126 -11.07 35.58 2.57
CA HIS B 126 -11.60 34.77 1.47
C HIS B 126 -11.29 35.39 0.13
N ALA B 127 -11.39 36.73 0.06
CA ALA B 127 -11.03 37.51 -1.10
C ALA B 127 -9.57 37.41 -1.52
N HIS B 128 -8.65 36.95 -0.64
CA HIS B 128 -7.24 36.79 -1.01
C HIS B 128 -6.85 35.36 -0.82
N ASN B 129 -7.88 34.52 -0.88
CA ASN B 129 -7.79 33.07 -0.83
C ASN B 129 -7.08 32.45 0.36
N ILE B 130 -7.45 32.95 1.54
CA ILE B 130 -6.94 32.46 2.79
C ILE B 130 -8.14 31.92 3.55
N LYS B 131 -8.07 30.68 4.06
CA LYS B 131 -9.13 30.15 4.91
C LYS B 131 -8.90 30.58 6.37
N VAL B 132 -9.88 30.55 7.28
CA VAL B 132 -9.76 31.07 8.64
C VAL B 132 -10.18 29.93 9.57
N ILE B 133 -9.26 29.49 10.43
CA ILE B 133 -9.51 28.47 11.43
C ILE B 133 -9.61 29.18 12.77
N ILE B 134 -10.59 28.86 13.60
CA ILE B 134 -10.66 29.43 14.94
C ILE B 134 -10.47 28.31 16.00
N ASP B 135 -9.86 28.68 17.13
CA ASP B 135 -9.83 27.79 18.28
C ASP B 135 -11.23 27.75 18.87
N PHE B 136 -11.66 26.65 19.45
CA PHE B 136 -12.92 26.60 20.13
C PHE B 136 -12.63 25.75 21.36
N ALA B 137 -12.95 26.23 22.57
CA ALA B 137 -12.61 25.53 23.80
C ALA B 137 -13.80 25.19 24.67
N PRO B 138 -14.58 24.14 24.40
CA PRO B 138 -15.84 23.90 25.10
C PRO B 138 -15.71 23.10 26.40
N ASN B 139 -14.49 22.86 26.90
CA ASN B 139 -14.32 22.07 28.12
C ASN B 139 -14.59 22.84 29.39
N HIS B 140 -14.36 24.15 29.30
CA HIS B 140 -14.28 24.98 30.47
C HIS B 140 -14.62 26.43 30.16
N THR B 141 -14.99 27.22 31.16
CA THR B 141 -15.13 28.63 30.87
C THR B 141 -13.80 29.28 31.29
N SER B 142 -13.64 29.62 32.58
CA SER B 142 -12.45 30.32 33.04
C SER B 142 -12.04 29.98 34.48
N PRO B 143 -10.92 30.55 35.00
CA PRO B 143 -10.49 30.40 36.38
C PRO B 143 -11.58 30.68 37.40
N ALA B 144 -11.91 29.75 38.26
CA ALA B 144 -12.98 29.90 39.22
C ALA B 144 -12.60 29.20 40.51
N SER B 145 -13.20 29.65 41.59
CA SER B 145 -13.02 29.02 42.84
C SER B 145 -14.42 28.98 43.40
N SER B 146 -15.02 27.83 43.72
CA SER B 146 -16.36 27.84 44.27
C SER B 146 -16.34 28.41 45.67
N ASP B 147 -15.21 28.18 46.35
CA ASP B 147 -15.03 28.67 47.71
C ASP B 147 -14.93 30.18 47.77
N ASP B 148 -14.36 30.82 46.76
CA ASP B 148 -14.24 32.24 46.77
C ASP B 148 -14.91 32.82 45.53
N PRO B 149 -16.21 33.12 45.57
CA PRO B 149 -16.92 33.73 44.45
C PRO B 149 -16.30 35.02 43.90
N SER B 150 -15.37 35.70 44.58
CA SER B 150 -14.84 36.95 44.06
C SER B 150 -13.64 36.74 43.16
N PHE B 151 -13.11 35.51 43.13
CA PHE B 151 -11.96 35.23 42.28
C PHE B 151 -12.38 35.24 40.81
N ALA B 152 -11.68 36.06 40.01
CA ALA B 152 -11.86 36.28 38.58
C ALA B 152 -13.34 36.51 38.33
N GLU B 153 -14.02 35.85 37.39
CA GLU B 153 -15.44 36.07 37.23
C GLU B 153 -16.19 34.85 37.69
N ASN B 154 -15.65 34.11 38.66
CA ASN B 154 -16.24 32.88 39.18
C ASN B 154 -16.75 31.93 38.10
N GLY B 155 -15.96 31.90 37.02
CA GLY B 155 -16.21 30.98 35.89
C GLY B 155 -17.59 31.12 35.28
N ARG B 156 -18.24 32.28 35.39
CA ARG B 156 -19.56 32.51 34.87
C ARG B 156 -19.72 32.40 33.36
N LEU B 157 -20.80 31.74 32.98
CA LEU B 157 -21.14 31.52 31.59
C LEU B 157 -22.35 32.36 31.22
N TYR B 158 -22.27 33.11 30.15
CA TYR B 158 -23.40 33.88 29.69
C TYR B 158 -23.85 33.30 28.36
N ASP B 159 -25.04 33.68 27.95
CA ASP B 159 -25.61 33.25 26.72
C ASP B 159 -26.08 34.53 26.13
N ASN B 160 -25.23 35.02 25.24
CA ASN B 160 -25.41 36.30 24.57
C ASN B 160 -25.83 37.43 25.52
N GLY B 161 -25.13 37.54 26.66
CA GLY B 161 -25.39 38.57 27.65
C GLY B 161 -26.14 38.09 28.88
N ASN B 162 -26.85 36.98 28.76
CA ASN B 162 -27.62 36.44 29.87
C ASN B 162 -26.88 35.43 30.69
N LEU B 163 -26.89 35.62 31.99
CA LEU B 163 -26.25 34.71 32.89
C LEU B 163 -26.91 33.37 32.93
N LEU B 164 -26.11 32.34 32.71
CA LEU B 164 -26.58 30.98 32.88
C LEU B 164 -26.22 30.57 34.31
N GLY B 165 -25.00 30.89 34.75
CA GLY B 165 -24.55 30.55 36.10
C GLY B 165 -23.04 30.70 36.27
N GLY B 166 -22.65 30.49 37.52
CA GLY B 166 -21.30 30.61 37.99
C GLY B 166 -20.97 29.35 38.75
N TYR B 167 -19.70 29.25 39.14
CA TYR B 167 -19.15 28.05 39.77
C TYR B 167 -19.53 27.88 41.25
N THR B 168 -19.67 28.97 41.96
CA THR B 168 -20.13 28.91 43.33
C THR B 168 -21.65 28.77 43.24
N ASN B 169 -22.26 27.93 44.05
CA ASN B 169 -23.72 27.86 44.17
C ASN B 169 -24.41 27.50 42.85
N ASP B 170 -23.75 26.55 42.23
CA ASP B 170 -24.21 25.97 41.00
C ASP B 170 -25.27 24.91 41.31
N THR B 171 -26.46 25.39 41.67
CA THR B 171 -27.58 24.53 42.02
C THR B 171 -28.05 23.74 40.79
N GLN B 172 -27.99 24.44 39.64
CA GLN B 172 -28.30 23.95 38.31
C GLN B 172 -27.32 22.88 37.82
N ASN B 173 -26.16 22.76 38.44
CA ASN B 173 -25.11 21.82 38.08
C ASN B 173 -24.58 21.89 36.66
N LEU B 174 -24.31 23.12 36.24
CA LEU B 174 -23.70 23.37 34.96
C LEU B 174 -22.25 22.93 34.93
N PHE B 175 -21.66 22.69 36.10
CA PHE B 175 -20.22 22.49 36.21
C PHE B 175 -19.95 21.23 37.00
N HIS B 176 -18.77 20.69 36.81
CA HIS B 176 -18.31 19.55 37.60
C HIS B 176 -17.77 20.08 38.90
N HIS B 177 -18.03 19.34 39.99
CA HIS B 177 -17.55 19.72 41.30
C HIS B 177 -16.89 18.53 41.96
N TYR B 178 -15.86 18.02 41.34
CA TYR B 178 -15.21 16.82 41.85
C TYR B 178 -13.80 17.13 42.34
N GLY B 179 -13.31 18.35 42.15
CA GLY B 179 -11.97 18.70 42.54
C GLY B 179 -11.13 18.82 41.27
N GLY B 180 -9.82 18.99 41.41
CA GLY B 180 -8.93 19.21 40.29
C GLY B 180 -8.28 17.89 39.88
N THR B 181 -7.88 17.83 38.62
CA THR B 181 -7.27 16.61 38.12
C THR B 181 -5.79 16.58 38.45
N ASP B 182 -5.40 15.38 38.87
CA ASP B 182 -3.99 15.05 39.07
C ASP B 182 -3.45 14.40 37.80
N PHE B 183 -4.26 14.29 36.74
CA PHE B 183 -3.93 13.65 35.48
C PHE B 183 -3.55 12.18 35.65
N SER B 184 -4.12 11.46 36.62
CA SER B 184 -3.66 10.08 36.83
C SER B 184 -4.20 9.13 35.80
N THR B 185 -5.53 9.16 35.70
CA THR B 185 -6.23 8.34 34.72
C THR B 185 -6.92 9.31 33.76
N ILE B 186 -7.30 8.81 32.59
CA ILE B 186 -8.04 9.60 31.62
C ILE B 186 -9.36 9.98 32.29
N GLU B 187 -10.06 9.03 32.94
CA GLU B 187 -11.30 9.26 33.66
C GLU B 187 -11.12 10.42 34.62
N ASN B 188 -10.01 10.42 35.35
CA ASN B 188 -9.76 11.51 36.28
C ASN B 188 -9.57 12.86 35.56
N GLY B 189 -8.85 12.92 34.43
CA GLY B 189 -8.62 14.15 33.69
C GLY B 189 -9.86 14.68 32.97
N ILE B 190 -10.93 13.90 32.84
CA ILE B 190 -12.14 14.32 32.15
C ILE B 190 -13.14 15.10 33.01
N TYR B 191 -13.47 14.43 34.12
CA TYR B 191 -14.49 14.89 35.04
C TYR B 191 -14.01 15.82 36.13
N LYS B 192 -12.70 15.91 36.37
CA LYS B 192 -12.19 16.87 37.33
C LYS B 192 -11.65 18.09 36.62
N ASN B 193 -11.42 19.17 37.34
CA ASN B 193 -10.98 20.41 36.73
C ASN B 193 -9.58 20.31 36.21
N LEU B 194 -9.32 21.00 35.11
CA LEU B 194 -8.01 21.06 34.53
C LEU B 194 -7.48 22.31 35.24
N TYR B 195 -6.68 22.17 36.31
CA TYR B 195 -6.05 23.29 37.04
C TYR B 195 -7.19 24.00 37.74
N ASP B 196 -7.43 25.32 37.58
CA ASP B 196 -8.53 26.06 38.20
C ASP B 196 -9.62 26.47 37.18
N LEU B 197 -9.69 25.84 36.00
CA LEU B 197 -10.68 26.23 35.03
C LEU B 197 -11.96 25.51 35.42
N ALA B 198 -13.02 26.30 35.51
CA ALA B 198 -14.36 25.79 35.80
C ALA B 198 -14.75 24.83 34.68
N ASP B 199 -14.80 23.58 35.09
CA ASP B 199 -15.05 22.47 34.19
C ASP B 199 -16.51 22.37 33.82
N LEU B 200 -16.88 22.60 32.57
CA LEU B 200 -18.29 22.46 32.18
C LEU B 200 -18.81 21.04 32.22
N ASN B 201 -20.06 20.91 32.61
CA ASN B 201 -20.72 19.62 32.76
C ASN B 201 -21.61 19.40 31.55
N HIS B 202 -21.04 18.67 30.61
CA HIS B 202 -21.72 18.39 29.34
C HIS B 202 -22.90 17.44 29.51
N ASN B 203 -23.08 16.76 30.67
CA ASN B 203 -24.25 15.91 30.89
C ASN B 203 -25.43 16.80 31.30
N ASN B 204 -25.26 18.11 31.42
CA ASN B 204 -26.37 18.97 31.77
C ASN B 204 -26.99 19.35 30.45
N SER B 205 -28.27 19.08 30.15
CA SER B 205 -28.84 19.45 28.87
C SER B 205 -28.67 20.88 28.47
N SER B 206 -28.64 21.81 29.40
CA SER B 206 -28.49 23.21 29.03
C SER B 206 -27.13 23.54 28.44
N VAL B 207 -26.10 22.82 28.92
CA VAL B 207 -24.70 23.07 28.55
C VAL B 207 -24.48 22.51 27.18
N ASP B 208 -24.95 21.29 27.06
CA ASP B 208 -24.92 20.54 25.84
C ASP B 208 -25.59 21.29 24.71
N VAL B 209 -26.82 21.85 24.75
CA VAL B 209 -27.32 22.48 23.54
C VAL B 209 -26.79 23.89 23.43
N TYR B 210 -26.39 24.59 24.52
CA TYR B 210 -25.76 25.90 24.39
C TYR B 210 -24.45 25.80 23.60
N LEU B 211 -23.57 24.84 23.92
CA LEU B 211 -22.31 24.73 23.20
C LEU B 211 -22.53 24.37 21.75
N LYS B 212 -23.50 23.51 21.45
CA LYS B 212 -23.81 23.17 20.06
C LYS B 212 -24.44 24.34 19.33
N ASP B 213 -25.30 25.18 19.93
CA ASP B 213 -25.81 26.39 19.27
C ASP B 213 -24.68 27.41 19.11
N ALA B 214 -23.73 27.48 20.06
CA ALA B 214 -22.58 28.40 19.95
C ALA B 214 -21.73 28.05 18.73
N ILE B 215 -21.31 26.80 18.55
CA ILE B 215 -20.48 26.46 17.40
C ILE B 215 -21.22 26.70 16.08
N LYS B 216 -22.51 26.37 16.02
CA LYS B 216 -23.29 26.59 14.81
C LYS B 216 -23.32 28.04 14.43
N MET B 217 -23.35 28.91 15.44
CA MET B 217 -23.27 30.34 15.22
C MET B 217 -21.92 30.72 14.60
N TRP B 218 -20.79 30.16 15.00
CA TRP B 218 -19.55 30.53 14.33
C TRP B 218 -19.43 29.91 12.94
N LEU B 219 -19.99 28.74 12.67
CA LEU B 219 -19.98 28.19 11.33
C LEU B 219 -20.77 29.12 10.46
N ASP B 220 -21.91 29.64 10.94
CA ASP B 220 -22.67 30.62 10.20
C ASP B 220 -21.94 31.91 9.94
N LEU B 221 -21.02 32.38 10.80
CA LEU B 221 -20.22 33.51 10.37
C LEU B 221 -19.20 33.18 9.27
N GLY B 222 -19.02 31.93 8.82
CA GLY B 222 -18.16 31.65 7.68
C GLY B 222 -16.78 31.08 7.95
N VAL B 223 -16.60 30.53 9.14
CA VAL B 223 -15.35 29.95 9.59
C VAL B 223 -15.08 28.73 8.75
N ASP B 224 -13.81 28.42 8.44
CA ASP B 224 -13.46 27.28 7.61
C ASP B 224 -12.90 26.11 8.38
N GLY B 225 -12.52 26.28 9.64
CA GLY B 225 -11.91 25.19 10.39
C GLY B 225 -12.01 25.43 11.87
N ILE B 226 -11.96 24.37 12.68
CA ILE B 226 -12.09 24.48 14.14
C ILE B 226 -10.97 23.67 14.79
N ARG B 227 -10.12 24.32 15.59
CA ARG B 227 -9.16 23.57 16.36
C ARG B 227 -9.83 23.47 17.73
N VAL B 228 -10.23 22.28 18.18
CA VAL B 228 -10.87 22.09 19.47
C VAL B 228 -9.77 21.85 20.52
N ASP B 229 -9.87 22.70 21.56
CA ASP B 229 -8.95 22.65 22.67
C ASP B 229 -9.35 21.57 23.67
N ALA B 230 -8.34 20.86 24.20
CA ALA B 230 -8.42 19.88 25.26
C ALA B 230 -9.34 18.67 25.10
N VAL B 231 -9.14 18.02 23.95
CA VAL B 231 -9.95 16.87 23.58
C VAL B 231 -9.72 15.68 24.50
N LYS B 232 -8.60 15.72 25.21
CA LYS B 232 -8.24 14.66 26.14
C LYS B 232 -9.05 14.75 27.43
N HIS B 233 -9.72 15.90 27.67
CA HIS B 233 -10.38 16.17 28.93
C HIS B 233 -11.89 16.31 28.82
N MET B 234 -12.51 15.87 27.74
CA MET B 234 -13.96 15.89 27.61
C MET B 234 -14.34 14.49 27.27
N PRO B 235 -15.48 13.96 27.71
CA PRO B 235 -15.86 12.55 27.51
C PRO B 235 -15.85 12.24 26.01
N PHE B 236 -15.29 11.14 25.52
CA PHE B 236 -15.32 10.87 24.09
C PHE B 236 -16.76 10.86 23.59
N GLY B 237 -17.73 10.29 24.30
CA GLY B 237 -19.11 10.23 23.86
C GLY B 237 -19.73 11.58 23.62
N TRP B 238 -19.41 12.59 24.42
CA TRP B 238 -19.92 13.93 24.17
C TRP B 238 -19.16 14.53 23.00
N GLN B 239 -17.85 14.40 22.87
CA GLN B 239 -17.17 14.98 21.73
C GLN B 239 -17.64 14.37 20.42
N LYS B 240 -18.06 13.11 20.39
CA LYS B 240 -18.59 12.50 19.18
C LYS B 240 -19.95 13.14 18.86
N SER B 241 -20.85 13.36 19.83
CA SER B 241 -22.11 14.02 19.50
C SER B 241 -21.85 15.47 19.12
N PHE B 242 -20.78 16.08 19.62
CA PHE B 242 -20.46 17.44 19.24
C PHE B 242 -19.94 17.46 17.81
N MET B 243 -19.03 16.56 17.44
CA MET B 243 -18.56 16.49 16.07
C MET B 243 -19.75 16.21 15.14
N ALA B 244 -20.64 15.31 15.53
CA ALA B 244 -21.80 14.98 14.74
C ALA B 244 -22.66 16.20 14.53
N THR B 245 -22.79 17.15 15.47
CA THR B 245 -23.54 18.39 15.31
C THR B 245 -22.92 19.27 14.24
N ILE B 246 -21.60 19.31 14.21
CA ILE B 246 -20.92 20.13 13.24
C ILE B 246 -21.15 19.52 11.86
N ASN B 247 -20.82 18.27 11.74
CA ASN B 247 -20.79 17.57 10.45
C ASN B 247 -22.14 17.41 9.82
N ASN B 248 -23.17 17.22 10.63
CA ASN B 248 -24.52 17.14 10.15
C ASN B 248 -25.10 18.51 9.90
N TYR B 249 -24.34 19.58 10.14
CA TYR B 249 -24.84 20.92 9.91
C TYR B 249 -24.05 21.68 8.86
N LYS B 250 -22.80 22.06 9.12
CA LYS B 250 -21.97 22.73 8.13
C LYS B 250 -20.59 22.17 8.39
N PRO B 251 -20.19 21.07 7.75
CA PRO B 251 -18.97 20.38 8.07
C PRO B 251 -17.74 21.21 7.81
N VAL B 252 -16.84 21.33 8.78
CA VAL B 252 -15.58 22.03 8.53
C VAL B 252 -14.48 21.15 9.08
N PHE B 253 -13.25 21.33 8.64
CA PHE B 253 -12.10 20.59 9.15
C PHE B 253 -11.97 20.84 10.66
N THR B 254 -12.03 19.84 11.53
CA THR B 254 -11.94 20.01 12.96
C THR B 254 -10.80 19.11 13.43
N PHE B 255 -9.85 19.66 14.20
CA PHE B 255 -8.77 18.87 14.74
C PHE B 255 -8.56 19.23 16.19
N GLY B 256 -7.97 18.34 16.94
CA GLY B 256 -7.71 18.59 18.35
C GLY B 256 -6.30 18.22 18.74
N GLU B 257 -6.00 18.56 19.98
CA GLU B 257 -4.71 18.29 20.60
C GLU B 257 -4.93 17.36 21.74
N TRP B 258 -4.17 16.30 21.66
CA TRP B 258 -4.13 15.23 22.62
C TRP B 258 -2.63 15.19 22.89
N PHE B 259 -2.36 15.58 24.12
CA PHE B 259 -1.02 15.64 24.59
C PHE B 259 -0.42 14.24 24.73
N LEU B 260 0.74 14.12 24.13
CA LEU B 260 1.51 12.89 24.25
C LEU B 260 2.90 13.21 24.76
N GLY B 261 3.40 12.39 25.67
CA GLY B 261 4.77 12.57 26.15
C GLY B 261 5.71 12.13 25.02
N VAL B 262 6.91 12.69 24.97
CA VAL B 262 7.89 12.34 23.94
C VAL B 262 8.17 10.83 24.03
N ASN B 263 7.83 10.20 22.91
CA ASN B 263 8.00 8.77 22.64
C ASN B 263 7.35 7.81 23.66
N GLU B 264 6.33 8.29 24.39
CA GLU B 264 5.56 7.38 25.23
C GLU B 264 4.40 6.96 24.31
N ILE B 265 4.00 5.70 24.42
CA ILE B 265 3.01 5.17 23.50
C ILE B 265 1.65 5.24 24.18
N SER B 266 0.67 5.74 23.43
CA SER B 266 -0.68 5.85 23.91
C SER B 266 -1.54 5.20 22.83
N PRO B 267 -2.44 4.27 23.20
CA PRO B 267 -3.49 3.77 22.31
C PRO B 267 -4.64 4.76 22.06
N GLU B 268 -5.13 5.35 23.16
CA GLU B 268 -6.27 6.27 23.16
C GLU B 268 -6.07 7.50 22.27
N TYR B 269 -4.84 8.02 22.16
CA TYR B 269 -4.49 9.11 21.26
C TYR B 269 -4.95 8.82 19.83
N HIS B 270 -4.42 7.73 19.23
CA HIS B 270 -4.75 7.33 17.87
C HIS B 270 -6.22 6.97 17.80
N GLN B 271 -6.71 6.18 18.78
CA GLN B 271 -8.11 5.76 18.90
C GLN B 271 -9.06 6.94 18.73
N PHE B 272 -8.67 8.08 19.30
CA PHE B 272 -9.42 9.30 19.21
C PHE B 272 -9.32 9.80 17.78
N ALA B 273 -8.13 9.99 17.16
CA ALA B 273 -8.00 10.49 15.78
C ALA B 273 -8.77 9.70 14.74
N ASN B 274 -8.90 8.38 15.04
CA ASN B 274 -9.58 7.43 14.17
C ASN B 274 -11.08 7.31 14.40
N GLU B 275 -11.60 7.25 15.63
CA GLU B 275 -13.05 7.15 15.81
C GLU B 275 -13.85 8.41 16.21
N SER B 276 -13.25 9.54 16.60
CA SER B 276 -14.00 10.72 17.05
C SER B 276 -14.72 11.53 15.99
N GLY B 277 -14.12 11.50 14.80
CA GLY B 277 -14.56 12.28 13.66
C GLY B 277 -13.68 13.53 13.50
N MET B 278 -12.64 13.72 14.31
CA MET B 278 -11.74 14.85 14.13
C MET B 278 -10.30 14.34 14.03
N SER B 279 -9.45 15.13 13.41
CA SER B 279 -8.07 14.71 13.26
C SER B 279 -7.26 15.28 14.40
N LEU B 280 -5.94 15.02 14.44
CA LEU B 280 -5.13 15.43 15.54
C LEU B 280 -3.89 16.17 15.10
N LEU B 281 -3.40 17.01 16.00
CA LEU B 281 -2.12 17.64 15.78
C LEU B 281 -1.18 16.45 15.88
N ASP B 282 -0.21 16.40 14.99
CA ASP B 282 0.67 15.27 14.91
C ASP B 282 1.89 15.54 15.75
N LEU B 283 1.71 15.14 17.00
CA LEU B 283 2.77 15.33 17.96
C LEU B 283 3.99 14.49 17.71
N ARG B 284 3.89 13.25 17.26
CA ARG B 284 5.05 12.41 17.02
C ARG B 284 5.91 13.06 15.95
N PHE B 285 5.29 13.64 14.92
CA PHE B 285 6.01 14.29 13.83
C PHE B 285 6.87 15.41 14.35
N ALA B 286 6.25 16.29 15.13
CA ALA B 286 6.93 17.44 15.70
C ALA B 286 8.08 17.03 16.63
N GLN B 287 7.85 16.06 17.54
CA GLN B 287 8.87 15.57 18.46
C GLN B 287 10.07 15.13 17.69
N LYS B 288 9.84 14.24 16.69
CA LYS B 288 10.94 13.71 15.91
C LYS B 288 11.65 14.72 15.04
N ALA B 289 10.93 15.65 14.39
CA ALA B 289 11.53 16.67 13.54
C ALA B 289 12.42 17.53 14.42
N ARG B 290 12.05 17.80 15.67
CA ARG B 290 12.89 18.60 16.56
C ARG B 290 14.09 17.80 16.99
N GLN B 291 13.96 16.51 17.31
CA GLN B 291 15.09 15.66 17.70
C GLN B 291 16.15 15.57 16.64
N VAL B 292 15.72 15.44 15.38
CA VAL B 292 16.62 15.31 14.28
C VAL B 292 17.16 16.65 13.81
N PHE B 293 16.38 17.74 13.66
CA PHE B 293 16.91 18.94 13.03
C PHE B 293 17.28 20.03 13.99
N ARG B 294 16.82 19.96 15.22
CA ARG B 294 17.13 21.03 16.16
C ARG B 294 18.11 20.54 17.22
N ASP B 295 17.72 19.47 17.91
CA ASP B 295 18.39 19.00 19.12
C ASP B 295 19.47 17.96 18.94
N ASN B 296 19.39 17.23 17.86
CA ASN B 296 20.28 16.14 17.53
C ASN B 296 20.28 15.04 18.57
N THR B 297 19.09 14.63 18.99
CA THR B 297 18.95 13.54 19.91
C THR B 297 18.43 12.31 19.17
N ASP B 298 18.46 12.35 17.84
CA ASP B 298 18.14 11.22 17.01
C ASP B 298 18.72 11.60 15.68
N ASN B 299 18.59 10.73 14.68
CA ASN B 299 19.21 10.96 13.38
C ASN B 299 18.21 10.53 12.31
N MET B 300 18.64 10.54 11.05
CA MET B 300 17.71 10.24 9.99
C MET B 300 17.06 8.88 10.07
N TYR B 301 17.58 7.81 10.68
CA TYR B 301 16.86 6.53 10.80
C TYR B 301 15.66 6.68 11.74
N GLY B 302 15.76 7.60 12.71
CA GLY B 302 14.62 7.87 13.59
C GLY B 302 13.51 8.59 12.83
N LEU B 303 13.90 9.54 11.97
CA LEU B 303 12.97 10.32 11.17
C LEU B 303 12.25 9.36 10.24
N LYS B 304 12.99 8.51 9.54
CA LYS B 304 12.44 7.47 8.67
C LYS B 304 11.43 6.60 9.42
N ALA B 305 11.79 6.22 10.64
CA ALA B 305 10.91 5.33 11.37
C ALA B 305 9.64 6.03 11.79
N MET B 306 9.69 7.33 12.09
CA MET B 306 8.45 8.04 12.42
C MET B 306 7.58 8.14 11.18
N LEU B 307 8.19 8.49 10.05
CA LEU B 307 7.44 8.69 8.82
C LEU B 307 6.76 7.42 8.34
N GLU B 308 7.44 6.29 8.46
CA GLU B 308 6.86 5.02 8.09
C GLU B 308 5.77 4.59 9.08
N GLY B 309 6.04 4.66 10.38
CA GLY B 309 5.04 4.29 11.39
C GLY B 309 3.79 5.16 11.39
N SER B 310 3.83 6.47 11.12
CA SER B 310 2.64 7.32 11.17
C SER B 310 1.57 6.93 10.17
N GLU B 311 2.00 6.55 8.97
CA GLU B 311 1.07 6.14 7.92
C GLU B 311 0.11 5.00 8.24
N VAL B 312 0.51 4.05 9.11
CA VAL B 312 -0.29 2.88 9.44
C VAL B 312 -1.15 3.04 10.71
N ASP B 313 -0.87 4.03 11.55
CA ASP B 313 -1.60 4.19 12.81
C ASP B 313 -2.68 5.27 12.78
N TYR B 314 -2.54 6.23 11.86
CA TYR B 314 -3.50 7.30 11.63
C TYR B 314 -4.25 6.74 10.44
N ALA B 315 -5.57 6.63 10.49
CA ALA B 315 -6.28 6.07 9.35
C ALA B 315 -6.30 7.05 8.15
N GLN B 316 -6.18 8.36 8.41
CA GLN B 316 -6.09 9.32 7.33
C GLN B 316 -4.95 10.21 7.73
N VAL B 317 -3.74 9.82 7.37
CA VAL B 317 -2.61 10.64 7.74
C VAL B 317 -2.64 11.97 7.02
N ASN B 318 -3.43 12.17 5.94
CA ASN B 318 -3.45 13.46 5.25
C ASN B 318 -4.24 14.52 6.00
N ASP B 319 -4.93 14.16 7.08
CA ASP B 319 -5.58 15.18 7.90
C ASP B 319 -4.78 15.56 9.15
N GLN B 320 -3.63 14.95 9.42
CA GLN B 320 -2.87 15.24 10.64
C GLN B 320 -2.21 16.57 10.45
N VAL B 321 -2.30 17.43 11.44
CA VAL B 321 -1.73 18.75 11.28
C VAL B 321 -0.28 18.71 11.78
N THR B 322 0.70 19.01 10.92
CA THR B 322 2.07 18.87 11.31
C THR B 322 2.62 20.22 11.64
N PHE B 323 3.74 20.27 12.34
CA PHE B 323 4.38 21.47 12.82
C PHE B 323 5.76 21.15 13.42
N ILE B 324 6.57 22.17 13.65
CA ILE B 324 7.83 22.01 14.31
C ILE B 324 7.84 22.73 15.65
N ASP B 325 6.87 23.57 15.95
CA ASP B 325 6.75 24.18 17.24
C ASP B 325 5.37 24.84 17.26
N ASN B 326 4.88 25.27 18.41
CA ASN B 326 3.60 25.97 18.49
C ASN B 326 3.51 26.70 19.81
N HIS B 327 2.31 27.14 20.14
CA HIS B 327 2.02 27.80 21.40
C HIS B 327 2.41 27.09 22.71
N ASP B 328 2.62 25.76 22.62
CA ASP B 328 2.90 24.84 23.74
C ASP B 328 4.32 24.30 23.83
N MET B 329 5.24 24.78 23.00
CA MET B 329 6.61 24.31 22.98
C MET B 329 7.54 25.49 22.90
N GLU B 330 8.78 25.30 23.28
CA GLU B 330 9.80 26.31 23.06
C GLU B 330 9.98 26.55 21.58
N ARG B 331 10.27 27.77 21.11
CA ARG B 331 10.48 28.05 19.71
C ARG B 331 11.64 27.24 19.18
N PHE B 332 11.53 26.86 17.93
CA PHE B 332 12.46 25.99 17.30
C PHE B 332 13.79 26.68 17.19
N HIS B 333 13.85 27.94 16.76
CA HIS B 333 15.14 28.61 16.61
C HIS B 333 15.60 29.01 17.99
N THR B 334 16.86 28.75 18.33
CA THR B 334 17.42 29.20 19.61
C THR B 334 18.25 30.45 19.30
N SER B 335 18.53 31.31 20.29
CA SER B 335 19.37 32.48 20.06
C SER B 335 20.77 31.99 19.71
N ASN B 336 21.32 32.58 18.67
CA ASN B 336 22.61 32.17 18.14
C ASN B 336 22.70 30.68 17.81
N GLY B 337 21.55 30.20 17.37
CA GLY B 337 21.43 28.87 16.83
C GLY B 337 21.57 29.00 15.32
N ASP B 338 21.82 27.91 14.62
CA ASP B 338 22.03 27.93 13.19
C ASP B 338 20.66 28.05 12.48
N ARG B 339 20.51 29.16 11.73
CA ARG B 339 19.25 29.51 11.06
C ARG B 339 18.84 28.44 10.08
N ARG B 340 19.85 27.79 9.48
CA ARG B 340 19.66 26.73 8.52
C ARG B 340 18.97 25.53 9.13
N LYS B 341 19.01 25.29 10.44
CA LYS B 341 18.28 24.19 11.03
C LYS B 341 16.81 24.54 10.90
N LEU B 342 16.43 25.78 11.17
CA LEU B 342 15.03 26.19 11.04
C LEU B 342 14.57 26.12 9.57
N GLU B 343 15.41 26.62 8.65
CA GLU B 343 15.12 26.64 7.24
C GLU B 343 14.94 25.23 6.73
N GLN B 344 15.79 24.29 7.12
CA GLN B 344 15.62 22.93 6.71
C GLN B 344 14.40 22.31 7.34
N ALA B 345 14.10 22.51 8.61
CA ALA B 345 12.91 21.86 9.16
C ALA B 345 11.60 22.41 8.58
N LEU B 346 11.61 23.70 8.18
CA LEU B 346 10.46 24.32 7.52
C LEU B 346 10.36 23.68 6.15
N ALA B 347 11.45 23.54 5.38
CA ALA B 347 11.37 22.85 4.10
C ALA B 347 10.85 21.42 4.29
N PHE B 348 11.25 20.72 5.33
CA PHE B 348 10.76 19.37 5.57
C PHE B 348 9.27 19.38 5.89
N THR B 349 8.76 20.31 6.70
CA THR B 349 7.36 20.27 7.08
C THR B 349 6.48 20.59 5.89
N LEU B 350 6.90 21.64 5.14
CA LEU B 350 6.17 22.08 3.98
C LEU B 350 6.07 21.02 2.88
N THR B 351 7.03 20.14 2.69
CA THR B 351 6.97 19.12 1.68
C THR B 351 6.52 17.77 2.20
N SER B 352 6.10 17.62 3.47
CA SER B 352 5.67 16.34 4.03
C SER B 352 4.18 16.16 4.09
N ARG B 353 3.71 14.94 4.35
CA ARG B 353 2.28 14.62 4.37
C ARG B 353 1.53 15.29 5.52
N GLY B 354 0.21 15.48 5.40
CA GLY B 354 -0.54 16.11 6.46
C GLY B 354 -0.83 17.53 6.08
N VAL B 355 -1.20 18.35 7.06
CA VAL B 355 -1.59 19.72 6.80
C VAL B 355 -0.51 20.48 7.56
N PRO B 356 0.48 21.19 7.00
CA PRO B 356 1.47 21.96 7.75
C PRO B 356 0.99 23.26 8.40
N ALA B 357 1.30 23.48 9.68
CA ALA B 357 1.00 24.73 10.36
C ALA B 357 2.33 25.42 10.65
N ILE B 358 2.58 26.67 10.27
CA ILE B 358 3.76 27.42 10.62
C ILE B 358 3.41 28.33 11.79
N TYR B 359 4.11 28.32 12.91
CA TYR B 359 3.81 29.22 14.05
C TYR B 359 4.28 30.61 13.63
N TYR B 360 3.45 31.63 13.84
CA TYR B 360 3.79 32.98 13.41
C TYR B 360 5.19 33.41 13.84
N GLY B 361 5.94 34.19 13.08
CA GLY B 361 7.24 34.61 13.51
C GLY B 361 8.33 33.62 13.14
N SER B 362 8.11 32.33 12.78
CA SER B 362 9.17 31.44 12.33
C SER B 362 9.98 32.04 11.18
N GLU B 363 9.35 32.76 10.27
CA GLU B 363 10.01 33.34 9.12
C GLU B 363 10.84 34.53 9.48
N GLN B 364 10.74 35.01 10.73
CA GLN B 364 11.54 36.13 11.21
C GLN B 364 12.59 35.63 12.21
N TYR B 365 12.79 34.30 12.34
CA TYR B 365 13.70 33.60 13.26
C TYR B 365 13.49 34.00 14.72
N MET B 366 12.21 33.93 15.17
CA MET B 366 11.87 34.19 16.56
C MET B 366 12.35 33.07 17.47
N SER B 367 12.96 33.43 18.61
CA SER B 367 13.48 32.50 19.62
C SER B 367 12.59 32.63 20.88
N GLY B 368 12.52 31.66 21.79
CA GLY B 368 11.74 31.80 22.99
C GLY B 368 11.54 30.47 23.63
N GLY B 369 11.46 30.52 24.93
CA GLY B 369 11.18 29.36 25.74
C GLY B 369 9.71 29.03 25.77
N ASN B 370 9.29 28.32 26.80
CA ASN B 370 7.91 27.90 26.91
C ASN B 370 6.97 29.01 27.28
N ASP B 371 5.67 28.78 27.22
CA ASP B 371 4.63 29.75 27.55
C ASP B 371 4.96 30.66 28.71
N PRO B 372 4.87 31.99 28.66
CA PRO B 372 4.45 32.81 27.53
C PRO B 372 5.60 33.20 26.64
N ASP B 373 6.82 32.70 26.79
CA ASP B 373 7.95 33.18 26.02
C ASP B 373 8.01 32.83 24.56
N ASN B 374 7.20 31.85 24.24
CA ASN B 374 7.02 31.47 22.86
C ASN B 374 5.89 32.30 22.24
N ARG B 375 5.30 33.32 22.89
CA ARG B 375 4.23 34.14 22.33
C ARG B 375 4.64 35.63 22.25
N ALA B 376 5.86 35.98 21.86
CA ALA B 376 6.29 37.36 21.75
C ALA B 376 5.67 38.02 20.56
N ARG B 377 5.72 39.33 20.46
CA ARG B 377 5.15 40.02 19.31
C ARG B 377 6.09 39.81 18.17
N LEU B 378 5.54 39.64 16.97
CA LEU B 378 6.34 39.46 15.78
C LEU B 378 7.23 40.71 15.56
N PRO B 379 8.54 40.57 15.45
CA PRO B 379 9.46 41.73 15.47
C PRO B 379 9.63 42.55 14.20
N SER B 380 9.31 41.94 13.06
CA SER B 380 9.46 42.56 11.76
C SER B 380 8.58 41.82 10.77
N PHE B 381 8.35 42.59 9.73
CA PHE B 381 7.56 42.21 8.59
C PHE B 381 8.46 42.27 7.36
N SER B 382 9.73 41.87 7.55
CA SER B 382 10.70 41.88 6.47
C SER B 382 10.29 40.75 5.54
N THR B 383 10.20 40.99 4.24
CA THR B 383 9.83 39.93 3.35
C THR B 383 11.07 39.39 2.71
N THR B 384 12.28 39.74 3.16
CA THR B 384 13.46 39.22 2.51
C THR B 384 14.26 38.24 3.33
N THR B 385 13.72 37.62 4.40
CA THR B 385 14.52 36.67 5.14
C THR B 385 14.55 35.40 4.30
N THR B 386 15.56 34.54 4.43
CA THR B 386 15.61 33.30 3.68
C THR B 386 14.47 32.43 4.10
N ALA B 387 14.07 32.38 5.38
CA ALA B 387 12.95 31.55 5.76
C ALA B 387 11.67 32.04 5.11
N TYR B 388 11.46 33.37 4.93
CA TYR B 388 10.26 33.89 4.25
C TYR B 388 10.33 33.39 2.81
N GLN B 389 11.49 33.46 2.20
CA GLN B 389 11.67 32.94 0.86
C GLN B 389 11.44 31.46 0.69
N VAL B 390 11.89 30.63 1.63
CA VAL B 390 11.67 29.20 1.62
C VAL B 390 10.17 28.95 1.70
N ILE B 391 9.41 29.53 2.62
CA ILE B 391 7.96 29.34 2.65
C ILE B 391 7.36 29.85 1.33
N GLN B 392 7.79 31.02 0.83
CA GLN B 392 7.28 31.60 -0.39
C GLN B 392 7.53 30.69 -1.59
N LYS B 393 8.67 29.99 -1.70
CA LYS B 393 8.90 29.08 -2.81
C LYS B 393 8.25 27.72 -2.64
N LEU B 394 8.08 27.20 -1.43
CA LEU B 394 7.56 25.86 -1.26
C LEU B 394 6.08 25.73 -0.95
N ALA B 395 5.48 26.69 -0.24
CA ALA B 395 4.08 26.65 0.12
C ALA B 395 3.14 26.54 -1.09
N PRO B 396 3.30 27.28 -2.20
CA PRO B 396 2.55 27.09 -3.44
C PRO B 396 2.52 25.67 -3.96
N LEU B 397 3.59 24.91 -3.71
CA LEU B 397 3.66 23.57 -4.24
C LEU B 397 2.55 22.74 -3.67
N ARG B 398 1.94 22.98 -2.52
CA ARG B 398 0.91 22.07 -2.01
C ARG B 398 -0.39 22.32 -2.79
N LYS B 399 -0.47 23.52 -3.38
CA LYS B 399 -1.56 23.87 -4.28
C LYS B 399 -1.25 23.37 -5.69
N SER B 400 -0.01 23.49 -6.21
CA SER B 400 0.29 23.09 -7.56
C SER B 400 0.73 21.65 -7.74
N ASN B 401 1.25 20.90 -6.76
CA ASN B 401 1.69 19.53 -6.94
C ASN B 401 0.93 18.61 -5.99
N PRO B 402 0.00 17.76 -6.41
CA PRO B 402 -0.74 16.87 -5.53
C PRO B 402 0.11 15.79 -4.89
N ALA B 403 1.36 15.56 -5.32
CA ALA B 403 2.19 14.53 -4.67
C ALA B 403 2.49 14.98 -3.26
N ILE B 404 2.74 16.29 -3.12
CA ILE B 404 3.04 16.94 -1.85
C ILE B 404 1.76 17.00 -1.03
N ALA B 405 0.69 17.47 -1.64
CA ALA B 405 -0.57 17.57 -0.95
C ALA B 405 -1.16 16.24 -0.55
N TYR B 406 -1.03 15.17 -1.32
CA TYR B 406 -1.71 13.93 -0.98
C TYR B 406 -0.85 12.68 -1.00
N GLY B 407 0.39 12.76 -1.44
CA GLY B 407 1.16 11.58 -1.76
C GLY B 407 1.65 10.70 -0.64
N SER B 408 2.10 9.54 -1.09
CA SER B 408 2.77 8.57 -0.24
C SER B 408 4.13 9.16 0.17
N THR B 409 4.85 8.59 1.13
CA THR B 409 6.15 9.09 1.52
C THR B 409 7.03 7.85 1.43
N HIS B 410 8.17 8.02 0.79
CA HIS B 410 9.04 6.92 0.50
C HIS B 410 10.50 7.31 0.64
N GLU B 411 11.20 6.74 1.62
CA GLU B 411 12.62 7.01 1.78
C GLU B 411 13.33 6.31 0.62
N ARG B 412 14.22 7.00 -0.09
CA ARG B 412 14.96 6.45 -1.23
C ARG B 412 16.47 6.56 -1.04
N TRP B 413 17.02 7.33 -0.09
CA TRP B 413 18.45 7.30 0.20
C TRP B 413 18.55 7.79 1.63
N ILE B 414 19.41 7.17 2.43
CA ILE B 414 19.53 7.54 3.82
C ILE B 414 20.85 7.09 4.40
N ASN B 415 21.32 7.97 5.26
CA ASN B 415 22.44 7.69 6.11
C ASN B 415 22.16 8.56 7.30
N ASN B 416 23.00 8.57 8.33
CA ASN B 416 22.81 9.32 9.58
C ASN B 416 22.29 10.73 9.54
N ASP B 417 22.86 11.43 8.56
CA ASP B 417 22.63 12.82 8.32
C ASP B 417 21.89 13.21 7.07
N VAL B 418 21.59 12.31 6.15
CA VAL B 418 21.08 12.74 4.89
C VAL B 418 19.83 11.93 4.73
N ILE B 419 18.71 12.56 4.38
CA ILE B 419 17.55 11.78 3.99
C ILE B 419 17.10 12.38 2.68
N ILE B 420 16.63 11.47 1.79
CA ILE B 420 16.06 11.82 0.50
C ILE B 420 14.79 11.00 0.40
N TYR B 421 13.64 11.68 0.30
CA TYR B 421 12.36 11.02 0.24
C TYR B 421 11.60 11.57 -0.93
N GLU B 422 10.66 10.73 -1.25
CA GLU B 422 9.86 10.95 -2.41
C GLU B 422 8.40 10.93 -2.00
N ARG B 423 7.66 11.88 -2.56
CA ARG B 423 6.23 11.99 -2.33
C ARG B 423 5.65 11.62 -3.68
N LYS B 424 4.62 10.79 -3.78
CA LYS B 424 4.10 10.41 -5.07
C LYS B 424 2.58 10.25 -5.00
N PHE B 425 1.89 10.84 -5.97
CA PHE B 425 0.44 10.73 -6.06
C PHE B 425 0.22 10.67 -7.56
N GLY B 426 -0.21 9.50 -8.06
CA GLY B 426 -0.38 9.28 -9.49
C GLY B 426 1.00 9.37 -10.10
N ASN B 427 1.25 10.26 -11.04
CA ASN B 427 2.60 10.36 -11.60
C ASN B 427 3.23 11.70 -11.28
N ASN B 428 2.70 12.33 -10.25
CA ASN B 428 3.22 13.59 -9.79
C ASN B 428 4.22 13.12 -8.77
N VAL B 429 5.38 13.74 -8.81
CA VAL B 429 6.51 13.38 -7.98
C VAL B 429 7.13 14.64 -7.41
N ALA B 430 7.59 14.59 -6.18
CA ALA B 430 8.42 15.65 -5.61
C ALA B 430 9.52 14.83 -4.89
N VAL B 431 10.78 15.24 -4.93
CA VAL B 431 11.85 14.53 -4.25
C VAL B 431 12.57 15.58 -3.43
N VAL B 432 12.85 15.31 -2.16
CA VAL B 432 13.48 16.29 -1.28
C VAL B 432 14.72 15.65 -0.69
N ALA B 433 15.84 16.32 -0.74
CA ALA B 433 17.09 15.81 -0.21
C ALA B 433 17.54 16.81 0.83
N ILE B 434 17.89 16.34 2.03
CA ILE B 434 18.27 17.24 3.11
C ILE B 434 19.53 16.63 3.73
N ASN B 435 20.59 17.42 3.77
CA ASN B 435 21.84 17.05 4.40
C ASN B 435 21.85 17.91 5.64
N ARG B 436 21.59 17.34 6.80
CA ARG B 436 21.60 18.12 8.02
C ARG B 436 23.01 18.39 8.51
N ASN B 437 24.04 17.81 7.91
CA ASN B 437 25.35 18.06 8.45
C ASN B 437 25.83 19.33 7.76
N MET B 438 26.26 20.26 8.60
CA MET B 438 26.64 21.59 8.19
C MET B 438 28.09 21.80 7.81
N ASN B 439 28.89 20.75 7.81
CA ASN B 439 30.29 20.90 7.39
C ASN B 439 30.76 19.75 6.52
N THR B 440 30.05 18.62 6.50
CA THR B 440 30.42 17.53 5.62
C THR B 440 29.45 17.51 4.41
N PRO B 441 29.98 17.66 3.19
CA PRO B 441 29.30 17.33 1.94
C PRO B 441 28.90 15.87 1.92
N ALA B 442 27.81 15.51 1.27
CA ALA B 442 27.47 14.12 1.18
C ALA B 442 27.52 13.73 -0.29
N SER B 443 28.20 12.63 -0.68
CA SER B 443 28.23 12.14 -2.06
C SER B 443 27.08 11.17 -2.23
N ILE B 444 26.18 11.53 -3.13
CA ILE B 444 24.99 10.73 -3.27
C ILE B 444 25.15 9.91 -4.53
N THR B 445 25.29 8.60 -4.36
CA THR B 445 25.37 7.72 -5.51
C THR B 445 24.22 6.75 -5.27
N GLY B 446 23.54 6.24 -6.29
CA GLY B 446 22.54 5.22 -6.04
C GLY B 446 21.16 5.81 -5.78
N LEU B 447 20.93 7.10 -6.02
CA LEU B 447 19.61 7.66 -5.79
C LEU B 447 18.80 7.23 -6.98
N VAL B 448 17.71 6.53 -6.75
CA VAL B 448 16.78 6.16 -7.78
C VAL B 448 15.51 6.93 -7.40
N THR B 449 14.87 7.64 -8.32
CA THR B 449 13.65 8.37 -8.01
C THR B 449 12.60 7.89 -9.03
N SER B 450 11.37 8.43 -8.94
CA SER B 450 10.30 8.25 -9.92
C SER B 450 10.31 9.46 -10.85
N LEU B 451 11.34 10.28 -10.91
CA LEU B 451 11.33 11.38 -11.84
C LEU B 451 11.58 10.83 -13.24
N PRO B 452 10.95 11.37 -14.28
CA PRO B 452 11.34 11.14 -15.67
C PRO B 452 12.78 11.56 -15.90
N ARG B 453 13.39 11.10 -16.98
CA ARG B 453 14.74 11.50 -17.29
C ARG B 453 14.76 12.98 -17.60
N GLY B 454 15.78 13.75 -17.25
CA GLY B 454 15.83 15.15 -17.59
C GLY B 454 16.58 15.89 -16.52
N SER B 455 16.75 17.22 -16.61
CA SER B 455 17.38 18.02 -15.57
C SER B 455 16.30 18.82 -14.88
N TYR B 456 16.48 18.89 -13.57
CA TYR B 456 15.52 19.47 -12.69
C TYR B 456 16.21 20.59 -11.96
N ASN B 457 15.66 21.78 -12.02
CA ASN B 457 16.20 22.88 -11.20
C ASN B 457 15.73 22.62 -9.77
N ASP B 458 16.52 23.02 -8.78
CA ASP B 458 16.06 23.03 -7.41
C ASP B 458 14.95 24.09 -7.34
N VAL B 459 13.76 23.75 -6.85
CA VAL B 459 12.64 24.68 -6.77
C VAL B 459 13.03 25.84 -5.85
N LEU B 460 13.89 25.58 -4.86
CA LEU B 460 14.33 26.64 -3.97
C LEU B 460 15.36 27.52 -4.66
N GLY B 461 15.73 27.29 -5.91
CA GLY B 461 16.63 28.16 -6.66
C GLY B 461 18.02 28.32 -6.10
N GLY B 462 18.48 27.38 -5.28
CA GLY B 462 19.82 27.45 -4.76
C GLY B 462 19.90 28.23 -3.44
N ILE B 463 18.83 28.81 -2.86
CA ILE B 463 19.00 29.56 -1.63
C ILE B 463 19.39 28.59 -0.53
N LEU B 464 19.01 27.31 -0.48
CA LEU B 464 19.50 26.48 0.61
C LEU B 464 20.58 25.54 0.08
N ASN B 465 21.41 26.10 -0.80
CA ASN B 465 22.53 25.44 -1.44
C ASN B 465 22.15 24.19 -2.22
N GLY B 466 20.95 24.12 -2.78
CA GLY B 466 20.54 22.96 -3.54
C GLY B 466 21.16 23.02 -4.91
N ASN B 467 20.99 21.98 -5.69
CA ASN B 467 21.65 21.89 -6.98
C ASN B 467 20.65 21.32 -7.98
N THR B 468 21.03 21.30 -9.26
CA THR B 468 20.24 20.71 -10.34
C THR B 468 20.40 19.18 -10.31
N LEU B 469 19.29 18.44 -10.47
CA LEU B 469 19.35 17.00 -10.46
C LEU B 469 19.19 16.60 -11.91
N THR B 470 20.08 15.73 -12.34
CA THR B 470 20.02 15.17 -13.67
C THR B 470 19.62 13.72 -13.49
N VAL B 471 18.48 13.35 -14.04
CA VAL B 471 17.98 11.98 -13.95
C VAL B 471 18.22 11.36 -15.32
N GLY B 472 18.83 10.19 -15.32
CA GLY B 472 19.05 9.41 -16.50
C GLY B 472 17.91 8.41 -16.58
N ALA B 473 18.14 7.36 -17.33
CA ALA B 473 17.10 6.39 -17.56
C ALA B 473 16.76 5.55 -16.34
N GLY B 474 15.48 5.28 -16.20
CA GLY B 474 15.00 4.46 -15.11
C GLY B 474 14.89 5.24 -13.81
N GLY B 475 14.99 6.58 -13.85
CA GLY B 475 14.88 7.38 -12.64
C GLY B 475 16.17 7.51 -11.85
N ALA B 476 17.27 6.88 -12.28
CA ALA B 476 18.50 6.89 -11.54
C ALA B 476 19.21 8.21 -11.73
N ALA B 477 19.58 8.88 -10.64
CA ALA B 477 20.24 10.17 -10.72
C ALA B 477 21.75 10.12 -10.90
N SER B 478 22.28 11.04 -11.70
CA SER B 478 23.72 11.22 -11.85
C SER B 478 24.27 11.58 -10.48
N ASN B 479 25.47 11.11 -10.16
CA ASN B 479 26.12 11.38 -8.88
C ASN B 479 26.30 12.85 -8.72
N PHE B 480 25.98 13.29 -7.52
CA PHE B 480 26.08 14.69 -7.20
C PHE B 480 26.50 14.79 -5.73
N THR B 481 26.95 15.98 -5.38
CA THR B 481 27.35 16.27 -4.03
C THR B 481 26.24 17.15 -3.50
N LEU B 482 25.70 16.73 -2.37
CA LEU B 482 24.70 17.47 -1.68
C LEU B 482 25.51 18.27 -0.68
N ALA B 483 25.59 19.57 -0.94
CA ALA B 483 26.33 20.48 -0.10
C ALA B 483 26.08 20.36 1.41
N PRO B 484 26.96 20.90 2.26
CA PRO B 484 26.71 20.99 3.68
C PRO B 484 25.51 21.88 3.94
N GLY B 485 24.54 21.39 4.68
CA GLY B 485 23.33 22.14 4.95
C GLY B 485 22.42 22.22 3.73
N GLY B 486 22.71 21.43 2.68
CA GLY B 486 21.96 21.47 1.44
C GLY B 486 20.57 20.91 1.55
N THR B 487 19.64 21.64 0.93
CA THR B 487 18.27 21.18 0.80
C THR B 487 17.89 21.53 -0.62
N ALA B 488 17.32 20.55 -1.28
CA ALA B 488 16.86 20.73 -2.61
C ALA B 488 15.54 19.97 -2.80
N VAL B 489 14.64 20.55 -3.60
CA VAL B 489 13.34 19.96 -3.86
C VAL B 489 13.37 19.98 -5.38
N TRP B 490 13.02 18.84 -5.96
CA TRP B 490 12.92 18.69 -7.42
C TRP B 490 11.55 18.06 -7.64
N GLN B 491 10.85 18.36 -8.72
CA GLN B 491 9.51 17.84 -8.89
C GLN B 491 9.17 17.60 -10.33
N TYR B 492 8.09 16.87 -10.54
CA TYR B 492 7.55 16.60 -11.85
C TYR B 492 6.05 16.54 -11.66
N THR B 493 5.27 17.34 -12.41
CA THR B 493 3.83 17.19 -12.33
C THR B 493 3.34 16.75 -13.70
N THR B 494 2.24 16.02 -13.76
CA THR B 494 1.61 15.66 -15.02
C THR B 494 0.15 15.35 -14.71
N ASP B 495 -0.78 15.39 -15.66
CA ASP B 495 -2.18 15.18 -15.30
C ASP B 495 -2.50 13.71 -15.10
N ALA B 496 -3.50 13.47 -14.26
CA ALA B 496 -3.90 12.12 -13.91
C ALA B 496 -5.06 11.74 -14.80
N THR B 497 -4.90 10.48 -15.11
CA THR B 497 -5.71 9.71 -16.02
C THR B 497 -6.85 8.91 -15.37
N THR B 498 -6.53 8.37 -14.20
CA THR B 498 -7.36 7.47 -13.41
C THR B 498 -7.81 8.18 -12.16
N PRO B 499 -8.93 7.81 -11.53
CA PRO B 499 -9.38 8.41 -10.29
C PRO B 499 -8.41 8.11 -9.16
N ILE B 500 -7.89 9.12 -8.45
CA ILE B 500 -7.07 8.89 -7.26
C ILE B 500 -7.73 9.74 -6.20
N ILE B 501 -8.17 9.17 -5.08
CA ILE B 501 -8.78 9.88 -3.95
C ILE B 501 -7.58 10.21 -3.04
N GLY B 502 -7.47 11.49 -2.74
CA GLY B 502 -6.46 12.03 -1.87
C GLY B 502 -7.03 12.31 -0.49
N ASN B 503 -8.29 12.78 -0.36
CA ASN B 503 -8.83 13.02 0.96
C ASN B 503 -10.35 13.07 0.91
N VAL B 504 -11.05 12.84 2.02
CA VAL B 504 -12.51 12.84 2.11
C VAL B 504 -12.75 13.59 3.39
N GLY B 505 -13.70 14.51 3.40
CA GLY B 505 -14.10 15.17 4.62
C GLY B 505 -15.58 15.55 4.53
N PRO B 506 -16.42 15.46 5.55
CA PRO B 506 -16.16 14.83 6.83
C PRO B 506 -16.00 13.33 6.74
N MET B 507 -15.66 12.64 7.82
CA MET B 507 -15.53 11.21 7.78
C MET B 507 -16.58 10.64 8.68
N MET B 508 -17.54 11.40 9.18
CA MET B 508 -18.55 10.87 10.07
C MET B 508 -19.78 11.77 9.91
N ALA B 509 -20.92 11.26 9.45
CA ALA B 509 -22.10 12.07 9.25
C ALA B 509 -23.28 11.14 9.04
N LYS B 510 -24.48 11.70 9.10
CA LYS B 510 -25.67 10.86 8.95
C LYS B 510 -26.08 10.92 7.47
N PRO B 511 -27.05 10.11 7.02
CA PRO B 511 -27.55 10.16 5.66
C PRO B 511 -28.06 11.53 5.24
N GLY B 512 -27.72 11.98 4.04
CA GLY B 512 -28.22 13.26 3.59
C GLY B 512 -27.16 14.33 3.61
N VAL B 513 -26.10 14.18 4.39
CA VAL B 513 -25.04 15.17 4.44
C VAL B 513 -24.16 15.07 3.19
N THR B 514 -23.73 16.21 2.64
CA THR B 514 -22.84 16.29 1.50
C THR B 514 -21.38 16.15 1.96
N ILE B 515 -20.64 15.15 1.52
CA ILE B 515 -19.23 15.04 1.88
C ILE B 515 -18.36 15.48 0.69
N THR B 516 -17.09 15.86 0.82
CA THR B 516 -16.22 16.38 -0.25
C THR B 516 -15.11 15.37 -0.48
N ILE B 517 -14.87 14.92 -1.73
CA ILE B 517 -13.89 13.92 -2.04
C ILE B 517 -12.90 14.68 -2.88
N ASP B 518 -11.62 14.79 -2.52
CA ASP B 518 -10.67 15.57 -3.33
C ASP B 518 -9.65 14.66 -3.91
N GLY B 519 -9.02 15.01 -5.00
CA GLY B 519 -8.00 14.13 -5.50
C GLY B 519 -7.71 14.51 -6.91
N ARG B 520 -7.33 13.57 -7.77
CA ARG B 520 -7.05 13.89 -9.17
C ARG B 520 -7.65 12.82 -10.09
N GLY B 521 -7.83 13.12 -11.37
CA GLY B 521 -8.30 12.12 -12.34
C GLY B 521 -9.80 11.82 -12.27
N PHE B 522 -10.63 12.62 -11.62
CA PHE B 522 -12.07 12.34 -11.50
C PHE B 522 -12.79 12.58 -12.82
N GLY B 523 -12.20 13.47 -13.62
CA GLY B 523 -12.75 13.82 -14.92
C GLY B 523 -13.83 14.89 -14.79
N SER B 524 -14.31 15.42 -15.91
CA SER B 524 -15.31 16.48 -15.91
C SER B 524 -16.76 16.04 -15.85
N GLY B 525 -17.05 14.79 -16.22
CA GLY B 525 -18.42 14.35 -16.27
C GLY B 525 -18.66 13.47 -15.08
N LYS B 526 -19.85 13.55 -14.47
CA LYS B 526 -20.17 12.74 -13.31
C LYS B 526 -19.90 11.26 -13.52
N GLY B 527 -19.68 10.56 -12.42
CA GLY B 527 -19.39 9.16 -12.43
C GLY B 527 -20.17 8.64 -11.25
N THR B 528 -19.57 7.75 -10.49
CA THR B 528 -20.26 7.08 -9.40
C THR B 528 -19.39 7.07 -8.14
N VAL B 529 -20.08 7.21 -6.99
CA VAL B 529 -19.39 7.16 -5.74
C VAL B 529 -19.99 5.95 -5.06
N TYR B 530 -19.22 5.06 -4.44
CA TYR B 530 -19.74 3.89 -3.74
C TYR B 530 -19.55 4.06 -2.26
N PHE B 531 -20.57 3.78 -1.48
CA PHE B 531 -20.47 3.72 -0.04
C PHE B 531 -20.66 2.23 0.11
N GLY B 532 -19.53 1.54 0.19
CA GLY B 532 -19.56 0.10 0.23
C GLY B 532 -20.09 -0.35 -1.13
N THR B 533 -21.15 -1.14 -1.23
CA THR B 533 -21.69 -1.55 -2.52
C THR B 533 -22.80 -0.67 -3.02
N THR B 534 -23.15 0.36 -2.25
CA THR B 534 -24.20 1.24 -2.68
C THR B 534 -23.66 2.33 -3.58
N ALA B 535 -24.15 2.35 -4.81
CA ALA B 535 -23.75 3.36 -5.75
C ALA B 535 -24.60 4.59 -5.55
N VAL B 536 -23.98 5.72 -5.75
CA VAL B 536 -24.65 6.99 -5.62
C VAL B 536 -24.36 7.70 -6.93
N THR B 537 -25.39 8.24 -7.57
CA THR B 537 -25.28 8.91 -8.86
C THR B 537 -26.29 10.02 -9.08
N GLY B 538 -26.06 10.77 -10.15
CA GLY B 538 -26.98 11.78 -10.61
C GLY B 538 -27.20 12.91 -9.65
N ALA B 539 -28.45 13.10 -9.28
CA ALA B 539 -28.84 14.22 -8.45
C ALA B 539 -28.16 14.29 -7.10
N ASP B 540 -27.81 13.12 -6.56
CA ASP B 540 -27.13 13.04 -5.28
C ASP B 540 -25.67 13.42 -5.31
N ILE B 541 -25.07 13.60 -6.49
CA ILE B 541 -23.72 14.06 -6.57
C ILE B 541 -23.95 15.50 -6.86
N VAL B 542 -23.79 16.29 -5.84
CA VAL B 542 -23.99 17.71 -5.91
C VAL B 542 -23.03 18.39 -6.87
N ALA B 543 -21.79 17.93 -7.10
CA ALA B 543 -20.82 18.68 -7.91
C ALA B 543 -19.70 17.75 -8.33
N TRP B 544 -19.02 17.90 -9.47
CA TRP B 544 -18.03 16.92 -9.92
C TRP B 544 -17.15 17.65 -10.89
N GLU B 545 -15.88 17.55 -10.59
CA GLU B 545 -14.90 17.99 -11.53
C GLU B 545 -13.67 17.17 -11.24
N ASP B 546 -12.64 17.39 -12.04
CA ASP B 546 -11.48 16.54 -11.97
C ASP B 546 -10.81 16.45 -10.63
N THR B 547 -10.80 17.50 -9.80
CA THR B 547 -10.15 17.38 -8.53
C THR B 547 -11.07 17.30 -7.33
N GLN B 548 -12.40 17.42 -7.53
CA GLN B 548 -13.25 17.42 -6.37
C GLN B 548 -14.63 16.93 -6.71
N ILE B 549 -15.22 16.11 -5.87
CA ILE B 549 -16.59 15.63 -6.03
C ILE B 549 -17.30 15.95 -4.73
N GLN B 550 -18.55 16.42 -4.71
CA GLN B 550 -19.32 16.54 -3.48
C GLN B 550 -20.56 15.68 -3.69
N VAL B 551 -20.94 14.86 -2.72
CA VAL B 551 -22.03 13.93 -2.87
C VAL B 551 -22.69 13.75 -1.53
N LYS B 552 -23.98 13.44 -1.53
CA LYS B 552 -24.72 13.20 -0.32
C LYS B 552 -24.58 11.74 0.08
N ILE B 553 -24.52 11.50 1.39
CA ILE B 553 -24.44 10.16 1.92
C ILE B 553 -25.80 9.47 1.74
N PRO B 554 -25.85 8.26 1.14
CA PRO B 554 -27.02 7.45 0.95
C PRO B 554 -27.60 6.98 2.26
N ALA B 555 -28.85 6.53 2.20
CA ALA B 555 -29.58 6.06 3.37
C ALA B 555 -29.33 4.61 3.69
N VAL B 556 -28.08 4.38 4.10
CA VAL B 556 -27.58 3.07 4.49
C VAL B 556 -27.65 2.95 6.01
N PRO B 557 -27.65 1.75 6.60
CA PRO B 557 -27.53 1.54 8.02
C PRO B 557 -26.25 2.17 8.54
N GLY B 558 -26.27 2.54 9.82
CA GLY B 558 -25.09 3.12 10.42
C GLY B 558 -23.97 2.09 10.44
N GLY B 559 -22.74 2.50 10.23
CA GLY B 559 -21.64 1.59 10.32
C GLY B 559 -20.47 2.17 9.57
N ILE B 560 -19.44 1.36 9.36
CA ILE B 560 -18.20 1.80 8.71
C ILE B 560 -18.25 1.33 7.28
N TYR B 561 -17.92 2.25 6.39
CA TYR B 561 -18.02 2.10 4.96
C TYR B 561 -16.73 2.47 4.26
N ASP B 562 -16.46 1.76 3.18
CA ASP B 562 -15.35 2.06 2.33
C ASP B 562 -15.93 2.91 1.23
N ILE B 563 -15.16 3.87 0.73
CA ILE B 563 -15.63 4.73 -0.33
C ILE B 563 -14.68 4.50 -1.47
N ARG B 564 -15.24 4.65 -2.65
CA ARG B 564 -14.51 4.46 -3.87
C ARG B 564 -15.22 5.30 -4.92
N VAL B 565 -14.48 5.82 -5.88
CA VAL B 565 -15.02 6.63 -6.96
C VAL B 565 -14.76 5.83 -8.23
N ALA B 566 -15.66 5.95 -9.19
CA ALA B 566 -15.50 5.39 -10.52
C ALA B 566 -15.76 6.59 -11.38
N ASN B 567 -14.91 6.94 -12.33
CA ASN B 567 -15.19 8.12 -13.14
C ASN B 567 -16.24 7.76 -14.18
N ALA B 568 -16.72 8.70 -15.01
CA ALA B 568 -17.75 8.44 -16.02
C ALA B 568 -17.45 7.27 -16.97
N ALA B 569 -16.16 7.08 -17.24
CA ALA B 569 -15.69 5.99 -18.08
C ALA B 569 -15.76 4.66 -17.34
N GLY B 570 -15.81 4.64 -16.02
CA GLY B 570 -15.88 3.39 -15.28
C GLY B 570 -14.55 3.03 -14.63
N ALA B 571 -13.48 3.85 -14.74
CA ALA B 571 -12.21 3.56 -14.09
C ALA B 571 -12.40 3.83 -12.59
N ALA B 572 -12.07 2.89 -11.70
CA ALA B 572 -12.28 3.06 -10.28
C ALA B 572 -11.06 3.60 -9.54
N SER B 573 -11.25 4.19 -8.36
CA SER B 573 -10.15 4.74 -7.58
C SER B 573 -9.64 3.74 -6.57
N ASN B 574 -8.65 4.16 -5.81
CA ASN B 574 -8.29 3.49 -4.57
C ASN B 574 -9.46 3.59 -3.58
N ILE B 575 -9.60 2.69 -2.62
CA ILE B 575 -10.61 2.75 -1.58
C ILE B 575 -10.19 3.74 -0.48
N TYR B 576 -11.09 4.54 0.10
CA TYR B 576 -10.81 5.40 1.22
C TYR B 576 -11.72 4.74 2.26
N ASP B 577 -11.14 4.07 3.21
CA ASP B 577 -11.93 3.35 4.19
C ASP B 577 -12.21 4.20 5.43
N ASN B 578 -12.95 3.58 6.36
CA ASN B 578 -13.23 4.14 7.68
C ASN B 578 -14.14 5.34 7.72
N PHE B 579 -15.13 5.39 6.85
CA PHE B 579 -16.09 6.49 6.82
C PHE B 579 -17.23 5.98 7.68
N GLU B 580 -17.74 6.76 8.62
CA GLU B 580 -18.79 6.27 9.47
C GLU B 580 -20.10 6.94 9.12
N VAL B 581 -21.11 6.14 8.87
CA VAL B 581 -22.44 6.65 8.65
C VAL B 581 -23.09 6.50 10.00
N LEU B 582 -23.60 7.58 10.56
CA LEU B 582 -24.29 7.52 11.85
C LEU B 582 -25.72 7.04 11.70
N THR B 583 -26.37 6.45 12.69
CA THR B 583 -27.77 6.09 12.62
C THR B 583 -28.67 7.32 12.55
N GLY B 584 -28.20 8.52 12.86
CA GLY B 584 -29.07 9.69 12.81
C GLY B 584 -28.36 10.74 13.61
N ASP B 585 -29.05 11.76 14.08
CA ASP B 585 -28.43 12.78 14.90
C ASP B 585 -28.12 12.17 16.26
N GLN B 586 -27.14 12.76 16.94
CA GLN B 586 -26.62 12.18 18.17
C GLN B 586 -27.03 13.02 19.37
N VAL B 587 -27.17 12.32 20.49
CA VAL B 587 -27.35 12.90 21.81
C VAL B 587 -26.50 12.00 22.66
N THR B 588 -25.95 12.57 23.73
CA THR B 588 -25.15 11.79 24.65
C THR B 588 -26.00 11.38 25.85
N VAL B 589 -26.01 10.10 26.21
CA VAL B 589 -26.77 9.55 27.31
C VAL B 589 -25.72 8.97 28.25
N ARG B 590 -25.96 9.06 29.55
CA ARG B 590 -25.10 8.45 30.54
C ARG B 590 -25.78 7.16 30.97
N PHE B 591 -25.03 6.04 30.91
CA PHE B 591 -25.49 4.71 31.31
C PHE B 591 -24.89 4.43 32.66
N VAL B 592 -25.66 3.94 33.63
CA VAL B 592 -25.17 3.67 34.95
C VAL B 592 -25.64 2.27 35.28
N ILE B 593 -24.77 1.42 35.81
CA ILE B 593 -25.19 0.10 36.22
C ILE B 593 -24.54 -0.19 37.54
N ASN B 594 -25.44 -0.59 38.44
CA ASN B 594 -25.14 -0.90 39.83
C ASN B 594 -24.91 -2.36 40.01
N ASN B 595 -24.18 -2.65 41.09
CA ASN B 595 -23.86 -4.01 41.53
C ASN B 595 -23.12 -4.94 40.56
N ALA B 596 -22.31 -4.34 39.71
CA ALA B 596 -21.54 -5.06 38.74
C ALA B 596 -20.17 -5.31 39.33
N THR B 597 -20.16 -6.30 40.20
CA THR B 597 -18.95 -6.79 40.82
C THR B 597 -18.09 -7.46 39.75
N THR B 598 -16.77 -7.49 39.80
CA THR B 598 -15.97 -8.09 38.74
C THR B 598 -14.72 -8.73 39.34
N ALA B 599 -14.02 -9.57 38.58
CA ALA B 599 -12.80 -10.21 39.00
C ALA B 599 -11.61 -9.37 38.54
N LEU B 600 -10.41 -9.89 38.77
CA LEU B 600 -9.14 -9.33 38.35
C LEU B 600 -9.18 -8.92 36.88
N GLY B 601 -9.18 -7.62 36.57
CA GLY B 601 -9.16 -7.14 35.19
C GLY B 601 -10.37 -7.61 34.39
N GLN B 602 -11.55 -7.66 35.00
CA GLN B 602 -12.77 -8.03 34.30
C GLN B 602 -13.48 -6.69 34.25
N ASN B 603 -13.93 -6.24 33.09
CA ASN B 603 -14.50 -4.90 33.03
C ASN B 603 -15.94 -4.97 32.62
N VAL B 604 -16.66 -3.87 32.81
CA VAL B 604 -18.06 -3.81 32.40
C VAL B 604 -18.09 -2.91 31.17
N PHE B 605 -18.86 -3.37 30.20
CA PHE B 605 -19.03 -2.76 28.91
C PHE B 605 -20.53 -2.76 28.67
N LEU B 606 -20.90 -1.98 27.68
CA LEU B 606 -22.27 -1.79 27.23
C LEU B 606 -22.32 -2.24 25.78
N THR B 607 -23.43 -2.81 25.31
CA THR B 607 -23.64 -3.02 23.88
C THR B 607 -25.14 -3.02 23.65
N GLY B 608 -25.51 -2.81 22.40
CA GLY B 608 -26.90 -2.68 22.04
C GLY B 608 -27.08 -2.80 20.55
N ASN B 609 -28.29 -2.51 20.12
CA ASN B 609 -28.71 -2.76 18.75
C ASN B 609 -28.48 -1.73 17.65
N VAL B 610 -27.81 -0.62 17.93
CA VAL B 610 -27.49 0.35 16.89
C VAL B 610 -25.97 0.29 16.66
N SER B 611 -25.45 0.77 15.53
CA SER B 611 -24.02 0.76 15.27
C SER B 611 -23.23 1.51 16.29
N GLU B 612 -23.82 2.60 16.79
CA GLU B 612 -23.21 3.39 17.85
C GLU B 612 -22.93 2.58 19.11
N LEU B 613 -23.69 1.51 19.40
CA LEU B 613 -23.47 0.62 20.55
C LEU B 613 -22.82 -0.73 20.19
N GLY B 614 -22.20 -0.79 19.02
CA GLY B 614 -21.48 -1.96 18.53
C GLY B 614 -22.35 -3.04 17.94
N ASN B 615 -23.66 -2.84 17.75
CA ASN B 615 -24.57 -3.88 17.21
C ASN B 615 -24.48 -5.26 17.84
N TRP B 616 -24.52 -5.28 19.17
CA TRP B 616 -24.47 -6.46 20.01
C TRP B 616 -23.16 -7.26 19.90
N ASP B 617 -22.13 -6.68 19.28
CA ASP B 617 -20.88 -7.40 19.20
C ASP B 617 -20.04 -7.05 20.43
N PRO B 618 -19.72 -8.05 21.26
CA PRO B 618 -18.91 -7.91 22.45
C PRO B 618 -17.56 -7.31 22.15
N ASN B 619 -16.97 -7.60 20.99
CA ASN B 619 -15.68 -7.03 20.60
C ASN B 619 -15.72 -5.60 20.22
N ASN B 620 -16.94 -5.13 19.95
CA ASN B 620 -17.12 -3.74 19.61
C ASN B 620 -17.99 -3.02 20.62
N ALA B 621 -18.15 -3.60 21.81
CA ALA B 621 -18.94 -3.00 22.88
C ALA B 621 -18.31 -1.70 23.41
N ILE B 622 -19.08 -0.80 24.03
CA ILE B 622 -18.61 0.48 24.52
C ILE B 622 -18.02 0.23 25.90
N GLY B 623 -16.80 0.68 26.06
CA GLY B 623 -16.20 0.57 27.36
C GLY B 623 -14.70 0.36 27.33
N PRO B 624 -14.04 -0.08 28.41
CA PRO B 624 -14.62 -0.34 29.73
C PRO B 624 -15.20 0.92 30.33
N MET B 625 -16.29 0.76 31.03
CA MET B 625 -16.93 1.88 31.68
C MET B 625 -16.06 2.36 32.85
N TYR B 626 -16.42 3.53 33.35
CA TYR B 626 -15.71 4.23 34.38
C TYR B 626 -16.32 3.85 35.70
N ASN B 627 -15.58 3.98 36.82
CA ASN B 627 -16.14 3.56 38.10
C ASN B 627 -15.43 4.22 39.26
N GLN B 628 -14.85 5.41 39.04
CA GLN B 628 -14.07 6.09 40.07
C GLN B 628 -14.75 7.38 40.53
N VAL B 629 -14.82 8.32 39.61
CA VAL B 629 -15.25 9.68 39.89
C VAL B 629 -16.74 9.87 40.02
N VAL B 630 -17.54 9.86 38.96
CA VAL B 630 -18.93 10.23 39.12
C VAL B 630 -19.69 9.15 39.88
N TYR B 631 -19.37 7.87 39.70
CA TYR B 631 -19.99 6.78 40.45
C TYR B 631 -18.81 5.90 40.79
N GLN B 632 -18.92 5.15 41.88
CA GLN B 632 -17.85 4.29 42.31
C GLN B 632 -18.26 2.84 42.24
N TYR B 633 -17.29 2.02 41.83
CA TYR B 633 -17.39 0.56 41.78
C TYR B 633 -18.12 -0.07 42.97
N PRO B 634 -19.09 -1.00 42.86
CA PRO B 634 -19.48 -1.67 41.65
C PRO B 634 -20.58 -1.01 40.84
N THR B 635 -20.69 0.30 40.94
CA THR B 635 -21.51 1.06 40.02
C THR B 635 -20.52 1.61 38.98
N TRP B 636 -20.85 1.40 37.73
CA TRP B 636 -20.03 1.86 36.63
C TRP B 636 -20.89 2.83 35.81
N TYR B 637 -20.31 3.75 35.04
CA TYR B 637 -21.00 4.73 34.22
C TYR B 637 -20.19 5.06 32.96
N TYR B 638 -20.81 5.54 31.90
CA TYR B 638 -20.10 5.97 30.69
C TYR B 638 -21.04 6.94 30.01
N ASP B 639 -20.48 7.88 29.24
CA ASP B 639 -21.24 8.86 28.45
C ASP B 639 -21.07 8.45 27.01
N VAL B 640 -22.17 8.05 26.37
CA VAL B 640 -22.17 7.42 25.06
C VAL B 640 -22.97 8.27 24.08
N SER B 641 -22.46 8.53 22.88
CA SER B 641 -23.23 9.16 21.82
C SER B 641 -24.15 8.08 21.22
N VAL B 642 -25.44 8.33 21.19
CA VAL B 642 -26.43 7.40 20.67
C VAL B 642 -27.39 8.15 19.74
N PRO B 643 -28.07 7.50 18.79
CA PRO B 643 -28.98 8.19 17.89
C PRO B 643 -30.10 8.82 18.73
N ALA B 644 -30.47 10.01 18.37
CA ALA B 644 -31.44 10.78 19.09
C ALA B 644 -32.84 10.36 18.71
N GLY B 645 -33.70 10.37 19.72
CA GLY B 645 -35.10 10.18 19.57
C GLY B 645 -35.53 8.79 19.20
N GLN B 646 -34.95 7.70 19.69
CA GLN B 646 -35.42 6.38 19.34
C GLN B 646 -35.22 5.34 20.41
N THR B 647 -36.00 4.25 20.38
CA THR B 647 -35.86 3.20 21.37
C THR B 647 -34.67 2.31 21.04
N ILE B 648 -33.73 2.18 21.95
CA ILE B 648 -32.60 1.31 21.75
C ILE B 648 -32.79 0.15 22.69
N GLU B 649 -32.26 -0.99 22.31
CA GLU B 649 -32.22 -2.14 23.18
C GLU B 649 -30.76 -2.27 23.57
N PHE B 650 -30.49 -2.70 24.80
CA PHE B 650 -29.12 -2.80 25.29
C PHE B 650 -29.09 -3.80 26.42
N LYS B 651 -27.86 -4.22 26.70
CA LYS B 651 -27.47 -5.07 27.82
C LYS B 651 -26.01 -4.68 28.11
N PHE B 652 -25.58 -5.00 29.31
CA PHE B 652 -24.20 -4.77 29.74
C PHE B 652 -23.56 -6.16 29.76
N LEU B 653 -22.24 -6.20 29.75
CA LEU B 653 -21.52 -7.45 29.81
C LEU B 653 -20.24 -7.21 30.59
N LYS B 654 -19.71 -8.27 31.17
CA LYS B 654 -18.42 -8.19 31.84
C LYS B 654 -17.50 -8.91 30.88
N LYS B 655 -16.37 -8.32 30.54
CA LYS B 655 -15.50 -8.96 29.58
C LYS B 655 -14.15 -9.10 30.26
N GLN B 656 -13.57 -10.29 30.19
CA GLN B 656 -12.27 -10.56 30.81
C GLN B 656 -11.50 -11.37 29.78
N GLY B 657 -10.62 -10.66 29.08
CA GLY B 657 -9.88 -11.26 28.00
C GLY B 657 -10.90 -11.54 26.94
N SER B 658 -11.19 -12.82 26.78
CA SER B 658 -12.11 -13.27 25.75
C SER B 658 -13.43 -13.75 26.36
N THR B 659 -13.56 -13.68 27.67
CA THR B 659 -14.75 -14.19 28.31
C THR B 659 -15.75 -13.07 28.41
N VAL B 660 -16.88 -13.30 27.78
CA VAL B 660 -17.95 -12.33 27.79
C VAL B 660 -18.98 -12.99 28.67
N THR B 661 -19.46 -12.19 29.61
CA THR B 661 -20.44 -12.62 30.58
C THR B 661 -21.60 -11.60 30.45
N TRP B 662 -22.78 -12.01 30.04
CA TRP B 662 -23.89 -11.12 29.76
C TRP B 662 -24.81 -11.03 30.93
N GLU B 663 -25.58 -9.96 31.00
CA GLU B 663 -26.59 -9.91 32.01
C GLU B 663 -27.60 -10.96 31.64
N GLY B 664 -28.24 -11.49 32.66
CA GLY B 664 -29.36 -12.33 32.41
C GLY B 664 -30.56 -11.44 32.13
N GLY B 665 -31.73 -12.04 32.19
CA GLY B 665 -32.97 -11.33 31.92
C GLY B 665 -33.12 -10.98 30.43
N ALA B 666 -34.16 -10.21 30.16
CA ALA B 666 -34.42 -9.77 28.81
C ALA B 666 -33.57 -8.54 28.52
N ASN B 667 -33.53 -8.17 27.24
CA ASN B 667 -32.83 -6.97 26.78
C ASN B 667 -33.50 -5.75 27.37
N ARG B 668 -32.70 -4.76 27.76
CA ARG B 668 -33.23 -3.51 28.25
C ARG B 668 -33.61 -2.59 27.10
N THR B 669 -34.62 -1.73 27.24
CA THR B 669 -34.94 -0.78 26.19
C THR B 669 -34.98 0.58 26.82
N PHE B 670 -34.80 1.61 26.01
CA PHE B 670 -34.85 2.98 26.48
C PHE B 670 -35.17 3.85 25.27
N THR B 671 -35.97 4.89 25.38
CA THR B 671 -36.18 5.82 24.28
C THR B 671 -35.25 7.05 24.52
N THR B 672 -34.30 7.33 23.61
CA THR B 672 -33.37 8.44 23.75
C THR B 672 -34.08 9.78 23.57
N PRO B 673 -33.62 10.89 24.14
CA PRO B 673 -34.13 12.23 23.84
C PRO B 673 -33.88 12.74 22.42
N THR B 674 -34.66 13.70 21.99
CA THR B 674 -34.50 14.31 20.69
C THR B 674 -33.35 15.29 20.68
N SER B 675 -33.09 15.83 21.87
CA SER B 675 -31.98 16.74 22.07
C SER B 675 -31.65 16.72 23.55
N GLY B 676 -30.47 17.21 23.91
CA GLY B 676 -30.10 17.24 25.31
C GLY B 676 -29.56 15.89 25.71
N THR B 677 -29.56 15.58 27.00
CA THR B 677 -28.97 14.34 27.45
C THR B 677 -29.98 13.55 28.25
N ALA B 678 -29.65 12.35 28.68
CA ALA B 678 -30.52 11.57 29.53
C ALA B 678 -29.60 10.59 30.23
N THR B 679 -30.07 9.98 31.32
CA THR B 679 -29.28 9.08 32.13
C THR B 679 -30.15 7.85 32.30
N VAL B 680 -29.59 6.65 32.12
CA VAL B 680 -30.29 5.39 32.29
C VAL B 680 -29.57 4.86 33.51
N ASN B 681 -30.24 4.51 34.61
CA ASN B 681 -29.56 4.09 35.82
C ASN B 681 -30.18 2.74 36.19
N VAL B 682 -29.43 1.65 36.08
CA VAL B 682 -29.99 0.31 36.09
C VAL B 682 -29.30 -0.67 37.04
N ASN B 683 -29.82 -1.87 37.33
CA ASN B 683 -29.16 -2.82 38.24
C ASN B 683 -28.71 -4.04 37.49
N TRP B 684 -27.54 -4.63 37.79
CA TRP B 684 -27.10 -5.85 37.13
C TRP B 684 -28.09 -6.95 37.50
N GLN B 685 -28.59 -7.65 36.49
CA GLN B 685 -29.48 -8.78 36.66
C GLN B 685 -28.64 -9.95 36.14
N PRO B 686 -28.37 -10.97 36.95
CA PRO B 686 -27.64 -12.16 36.54
C PRO B 686 -28.45 -13.12 35.67
#